data_1WXP
#
_entry.id   1WXP
#
_entity_poly.entity_id   1
_entity_poly.type   'polypeptide(L)'
_entity_poly.pdbx_seq_one_letter_code
;GSSGSSGPDVRRDKPVTGEQIEVFANKLGEQWKILAPYLEMKDSEIRQIECDSEDMKMRAKQLLVAWQDQEGVHATPENL
INALNKSGLSDLAESLTNDNETNSSGPSSG
;
_entity_poly.pdbx_strand_id   A
#
# COMPACT_ATOMS: atom_id res chain seq x y z
N GLY A 1 -5.89 3.43 29.58
CA GLY A 1 -4.60 3.66 28.95
C GLY A 1 -4.37 5.14 28.68
N SER A 2 -4.37 5.49 27.40
CA SER A 2 -4.16 6.88 27.00
C SER A 2 -4.15 7.00 25.48
N SER A 3 -4.36 8.21 25.01
CA SER A 3 -4.38 8.46 23.57
C SER A 3 -3.35 9.54 23.23
N GLY A 4 -2.14 9.08 22.90
CA GLY A 4 -1.06 9.99 22.55
C GLY A 4 -0.59 9.73 21.12
N SER A 5 -0.02 8.55 20.93
CA SER A 5 0.48 8.17 19.62
C SER A 5 1.52 9.20 19.13
N SER A 6 2.78 8.90 19.41
CA SER A 6 3.87 9.78 19.02
C SER A 6 4.21 9.55 17.54
N GLY A 7 5.05 10.44 17.03
CA GLY A 7 5.47 10.35 15.64
C GLY A 7 5.18 11.66 14.89
N PRO A 8 5.98 11.88 13.82
CA PRO A 8 5.82 13.09 13.01
C PRO A 8 4.58 13.00 12.13
N ASP A 9 4.33 14.08 11.40
CA ASP A 9 3.18 14.14 10.52
C ASP A 9 3.66 14.22 9.06
N VAL A 10 3.77 13.06 8.44
CA VAL A 10 4.21 12.98 7.06
C VAL A 10 3.43 11.89 6.33
N ARG A 11 3.07 12.18 5.09
CA ARG A 11 2.32 11.23 4.29
C ARG A 11 2.73 11.37 2.82
N ARG A 12 2.42 10.33 2.05
CA ARG A 12 2.73 10.30 0.65
C ARG A 12 3.92 11.23 0.36
N ASP A 13 5.05 10.89 0.96
CA ASP A 13 6.25 11.67 0.78
C ASP A 13 7.44 10.74 0.49
N LYS A 14 7.49 9.66 1.26
CA LYS A 14 8.55 8.68 1.10
C LYS A 14 7.95 7.38 0.55
N PRO A 15 8.85 6.54 -0.03
CA PRO A 15 8.43 5.26 -0.59
C PRO A 15 8.14 4.25 0.51
N VAL A 16 7.02 3.56 0.35
CA VAL A 16 6.62 2.55 1.33
C VAL A 16 7.85 1.74 1.75
N THR A 17 7.81 1.27 2.99
CA THR A 17 8.90 0.48 3.53
C THR A 17 8.37 -0.78 4.20
N GLY A 18 9.28 -1.71 4.46
CA GLY A 18 8.92 -2.96 5.10
C GLY A 18 7.85 -2.74 6.16
N GLU A 19 7.96 -1.61 6.86
CA GLU A 19 7.02 -1.27 7.91
C GLU A 19 5.61 -1.11 7.32
N GLN A 20 5.53 -0.34 6.24
CA GLN A 20 4.26 -0.11 5.58
C GLN A 20 3.85 -1.34 4.77
N ILE A 21 4.79 -1.83 3.97
CA ILE A 21 4.54 -2.99 3.14
C ILE A 21 3.71 -4.00 3.93
N GLU A 22 4.35 -4.61 4.92
CA GLU A 22 3.68 -5.59 5.75
C GLU A 22 2.25 -5.16 6.04
N VAL A 23 2.11 -3.92 6.47
CA VAL A 23 0.80 -3.37 6.78
C VAL A 23 -0.08 -3.43 5.53
N PHE A 24 0.42 -2.84 4.46
CA PHE A 24 -0.31 -2.82 3.20
C PHE A 24 -0.82 -4.21 2.83
N ALA A 25 0.12 -5.15 2.78
CA ALA A 25 -0.22 -6.52 2.45
C ALA A 25 -1.55 -6.90 3.13
N ASN A 26 -1.52 -6.88 4.46
CA ASN A 26 -2.70 -7.21 5.24
C ASN A 26 -3.92 -6.54 4.61
N LYS A 27 -3.76 -5.27 4.28
CA LYS A 27 -4.84 -4.51 3.67
C LYS A 27 -5.17 -5.10 2.31
N LEU A 28 -4.13 -5.27 1.50
CA LEU A 28 -4.30 -5.83 0.18
C LEU A 28 -5.10 -7.13 0.26
N GLY A 29 -4.51 -8.10 0.95
CA GLY A 29 -5.16 -9.38 1.11
C GLY A 29 -5.12 -10.19 -0.19
N GLU A 30 -6.29 -10.33 -0.80
CA GLU A 30 -6.41 -11.07 -2.04
C GLU A 30 -6.47 -10.10 -3.23
N GLN A 31 -6.36 -8.82 -2.91
CA GLN A 31 -6.41 -7.79 -3.93
C GLN A 31 -5.04 -7.65 -4.61
N TRP A 32 -4.10 -8.46 -4.14
CA TRP A 32 -2.75 -8.43 -4.67
C TRP A 32 -2.83 -8.86 -6.14
N LYS A 33 -3.91 -9.55 -6.48
CA LYS A 33 -4.12 -10.02 -7.83
C LYS A 33 -4.84 -8.94 -8.63
N ILE A 34 -5.34 -7.94 -7.92
CA ILE A 34 -6.04 -6.85 -8.55
C ILE A 34 -5.08 -5.67 -8.74
N LEU A 35 -4.04 -5.66 -7.92
CA LEU A 35 -3.05 -4.61 -8.00
C LEU A 35 -1.88 -5.07 -8.86
N ALA A 36 -1.84 -6.37 -9.10
CA ALA A 36 -0.78 -6.95 -9.92
C ALA A 36 -0.88 -6.41 -11.34
N PRO A 37 -2.12 -6.49 -11.90
CA PRO A 37 -2.36 -6.03 -13.26
C PRO A 37 -2.43 -4.50 -13.30
N TYR A 38 -2.23 -3.89 -12.14
CA TYR A 38 -2.26 -2.45 -12.03
C TYR A 38 -0.92 -1.91 -11.53
N LEU A 39 -0.03 -2.83 -11.22
CA LEU A 39 1.30 -2.47 -10.73
C LEU A 39 2.32 -2.63 -11.86
N GLU A 40 1.80 -3.05 -13.01
CA GLU A 40 2.67 -3.24 -14.18
C GLU A 40 3.66 -4.38 -13.91
N MET A 41 3.13 -5.48 -13.42
CA MET A 41 3.95 -6.65 -13.13
C MET A 41 3.97 -7.62 -14.30
N LYS A 42 4.54 -8.79 -14.05
CA LYS A 42 4.62 -9.82 -15.08
C LYS A 42 3.69 -10.98 -14.71
N ASP A 43 2.97 -11.45 -15.70
CA ASP A 43 2.04 -12.55 -15.49
C ASP A 43 2.74 -13.67 -14.73
N SER A 44 3.94 -13.98 -15.18
CA SER A 44 4.72 -15.03 -14.55
C SER A 44 4.82 -14.78 -13.04
N GLU A 45 5.18 -13.54 -12.71
CA GLU A 45 5.30 -13.16 -11.31
C GLU A 45 4.06 -13.56 -10.52
N ILE A 46 2.92 -13.12 -11.04
CA ILE A 46 1.64 -13.43 -10.39
C ILE A 46 1.57 -14.93 -10.12
N ARG A 47 1.96 -15.71 -11.12
CA ARG A 47 1.93 -17.15 -11.01
C ARG A 47 2.99 -17.62 -10.00
N GLN A 48 4.07 -16.85 -9.93
CA GLN A 48 5.15 -17.18 -9.01
C GLN A 48 4.71 -16.94 -7.56
N ILE A 49 4.42 -15.68 -7.27
CA ILE A 49 3.99 -15.30 -5.93
C ILE A 49 3.00 -16.35 -5.41
N GLU A 50 1.99 -16.63 -6.23
CA GLU A 50 0.97 -17.59 -5.87
C GLU A 50 1.62 -18.89 -5.41
N CYS A 51 2.63 -19.32 -6.15
CA CYS A 51 3.34 -20.54 -5.84
C CYS A 51 4.22 -20.28 -4.60
N ASP A 52 4.99 -19.22 -4.69
CA ASP A 52 5.88 -18.85 -3.59
C ASP A 52 5.15 -19.07 -2.27
N SER A 53 4.03 -18.38 -2.13
CA SER A 53 3.23 -18.48 -0.91
C SER A 53 1.78 -18.80 -1.26
N GLU A 54 1.17 -19.64 -0.45
CA GLU A 54 -0.22 -20.02 -0.66
C GLU A 54 -1.15 -19.01 -0.02
N ASP A 55 -0.75 -18.54 1.16
CA ASP A 55 -1.54 -17.57 1.89
C ASP A 55 -1.68 -16.29 1.05
N MET A 56 -2.76 -15.57 1.30
CA MET A 56 -3.02 -14.33 0.59
C MET A 56 -2.09 -13.22 1.07
N LYS A 57 -2.08 -13.02 2.39
CA LYS A 57 -1.24 -11.99 2.99
C LYS A 57 0.15 -12.05 2.37
N MET A 58 0.76 -13.23 2.48
CA MET A 58 2.09 -13.43 1.93
C MET A 58 2.17 -13.00 0.48
N ARG A 59 1.31 -13.61 -0.34
CA ARG A 59 1.28 -13.30 -1.75
C ARG A 59 1.24 -11.78 -1.96
N ALA A 60 0.42 -11.12 -1.17
CA ALA A 60 0.28 -9.68 -1.25
C ALA A 60 1.63 -9.03 -0.96
N LYS A 61 2.21 -9.43 0.17
CA LYS A 61 3.50 -8.89 0.58
C LYS A 61 4.51 -9.08 -0.56
N GLN A 62 4.70 -10.34 -0.94
CA GLN A 62 5.63 -10.66 -2.00
C GLN A 62 5.49 -9.66 -3.15
N LEU A 63 4.24 -9.36 -3.50
CA LEU A 63 3.97 -8.42 -4.58
C LEU A 63 4.49 -7.03 -4.18
N LEU A 64 3.96 -6.53 -3.08
CA LEU A 64 4.35 -5.22 -2.58
C LEU A 64 5.88 -5.11 -2.61
N VAL A 65 6.53 -6.17 -2.14
CA VAL A 65 7.98 -6.21 -2.10
C VAL A 65 8.52 -6.02 -3.52
N ALA A 66 8.13 -6.93 -4.40
CA ALA A 66 8.57 -6.88 -5.78
C ALA A 66 8.22 -5.52 -6.37
N TRP A 67 7.02 -5.06 -6.04
CA TRP A 67 6.55 -3.78 -6.54
C TRP A 67 7.45 -2.68 -5.93
N GLN A 68 7.92 -2.96 -4.72
CA GLN A 68 8.77 -2.01 -4.02
C GLN A 68 10.20 -2.07 -4.59
N ASP A 69 10.64 -3.29 -4.87
CA ASP A 69 11.96 -3.50 -5.41
C ASP A 69 11.95 -3.25 -6.91
N GLN A 70 10.74 -3.06 -7.43
CA GLN A 70 10.57 -2.82 -8.85
C GLN A 70 10.76 -1.34 -9.17
N GLU A 71 9.86 -0.53 -8.63
CA GLU A 71 9.93 0.91 -8.84
C GLU A 71 11.10 1.51 -8.07
N GLY A 72 11.43 0.87 -6.96
CA GLY A 72 12.52 1.33 -6.13
C GLY A 72 12.05 2.38 -5.11
N VAL A 73 12.74 3.51 -5.11
CA VAL A 73 12.40 4.59 -4.21
C VAL A 73 11.13 5.30 -4.71
N HIS A 74 10.74 4.94 -5.93
CA HIS A 74 9.55 5.52 -6.52
C HIS A 74 8.30 4.77 -6.04
N ALA A 75 8.54 3.79 -5.18
CA ALA A 75 7.46 2.99 -4.64
C ALA A 75 6.80 3.75 -3.49
N THR A 76 5.92 4.67 -3.84
CA THR A 76 5.21 5.46 -2.86
C THR A 76 3.81 4.91 -2.61
N PRO A 77 3.21 5.32 -1.46
CA PRO A 77 1.87 4.87 -1.11
C PRO A 77 0.82 5.58 -1.96
N GLU A 78 1.07 6.86 -2.23
CA GLU A 78 0.15 7.65 -3.02
C GLU A 78 0.01 7.05 -4.42
N ASN A 79 1.13 6.55 -4.94
CA ASN A 79 1.16 5.96 -6.26
C ASN A 79 0.37 4.65 -6.24
N LEU A 80 0.53 3.92 -5.15
CA LEU A 80 -0.16 2.64 -5.00
C LEU A 80 -1.65 2.91 -4.82
N ILE A 81 -1.96 3.90 -4.01
CA ILE A 81 -3.34 4.26 -3.74
C ILE A 81 -4.04 4.60 -5.06
N ASN A 82 -3.38 5.43 -5.85
CA ASN A 82 -3.92 5.84 -7.13
C ASN A 82 -4.39 4.60 -7.90
N ALA A 83 -3.51 3.61 -7.94
CA ALA A 83 -3.83 2.36 -8.63
C ALA A 83 -5.05 1.72 -7.99
N LEU A 84 -4.98 1.56 -6.67
CA LEU A 84 -6.07 0.96 -5.92
C LEU A 84 -7.40 1.55 -6.40
N ASN A 85 -7.40 2.87 -6.57
CA ASN A 85 -8.59 3.57 -7.01
C ASN A 85 -9.09 2.93 -8.31
N LYS A 86 -8.33 3.16 -9.38
CA LYS A 86 -8.68 2.62 -10.68
C LYS A 86 -8.90 1.11 -10.55
N SER A 87 -8.11 0.50 -9.69
CA SER A 87 -8.20 -0.93 -9.47
C SER A 87 -9.54 -1.27 -8.81
N GLY A 88 -10.25 -0.23 -8.40
CA GLY A 88 -11.53 -0.40 -7.75
C GLY A 88 -11.37 -0.90 -6.32
N LEU A 89 -10.24 -0.54 -5.72
CA LEU A 89 -9.95 -0.94 -4.36
C LEU A 89 -10.05 0.28 -3.45
N SER A 90 -11.03 1.11 -3.72
CA SER A 90 -11.24 2.31 -2.92
C SER A 90 -10.95 2.03 -1.46
N ASP A 91 -11.40 0.86 -1.01
CA ASP A 91 -11.19 0.46 0.38
C ASP A 91 -9.74 0.73 0.76
N LEU A 92 -8.84 0.03 0.08
CA LEU A 92 -7.41 0.19 0.34
C LEU A 92 -7.05 1.67 0.30
N ALA A 93 -7.23 2.27 -0.86
CA ALA A 93 -6.93 3.68 -1.04
C ALA A 93 -7.37 4.46 0.20
N GLU A 94 -8.66 4.40 0.48
CA GLU A 94 -9.22 5.09 1.63
C GLU A 94 -8.46 4.70 2.90
N SER A 95 -8.18 3.40 3.00
CA SER A 95 -7.46 2.89 4.16
C SER A 95 -6.09 3.58 4.27
N LEU A 96 -5.27 3.34 3.27
CA LEU A 96 -3.93 3.92 3.24
C LEU A 96 -4.04 5.43 3.50
N THR A 97 -4.68 6.11 2.56
CA THR A 97 -4.86 7.56 2.66
C THR A 97 -5.38 7.93 4.04
N ASN A 98 -6.38 7.17 4.48
CA ASN A 98 -7.00 7.41 5.78
C ASN A 98 -7.11 8.92 6.01
N ASP A 99 -8.22 9.47 5.52
CA ASP A 99 -8.47 10.90 5.67
C ASP A 99 -9.27 11.14 6.96
N ASN A 100 -10.39 10.45 7.07
CA ASN A 100 -11.23 10.59 8.24
C ASN A 100 -12.55 9.83 8.00
N GLU A 101 -13.38 9.82 9.03
CA GLU A 101 -14.66 9.15 8.94
C GLU A 101 -15.81 10.16 9.02
N THR A 102 -15.77 10.97 10.08
CA THR A 102 -16.79 11.99 10.28
C THR A 102 -16.15 13.34 10.57
N ASN A 103 -15.43 13.39 11.67
CA ASN A 103 -14.75 14.61 12.08
C ASN A 103 -13.27 14.31 12.34
N SER A 104 -12.43 15.24 11.91
CA SER A 104 -11.00 15.09 12.08
C SER A 104 -10.43 16.29 12.86
N SER A 105 -10.67 17.47 12.30
CA SER A 105 -10.19 18.69 12.94
C SER A 105 -10.88 19.90 12.31
N GLY A 106 -10.69 20.05 11.00
CA GLY A 106 -11.29 21.15 10.28
C GLY A 106 -11.02 22.48 10.99
N PRO A 107 -9.86 23.09 10.66
CA PRO A 107 -9.47 24.36 11.25
C PRO A 107 -10.29 25.51 10.66
N SER A 108 -11.43 25.78 11.28
CA SER A 108 -12.30 26.84 10.83
C SER A 108 -12.65 26.64 9.36
N SER A 109 -13.62 27.41 8.90
CA SER A 109 -14.06 27.33 7.52
C SER A 109 -13.99 28.71 6.85
N GLY A 110 -13.66 28.70 5.56
CA GLY A 110 -13.55 29.94 4.82
C GLY A 110 -12.31 29.93 3.93
N GLY A 1 -11.76 17.61 19.88
CA GLY A 1 -11.40 18.08 18.55
C GLY A 1 -10.07 18.83 18.58
N SER A 2 -10.14 20.06 19.05
CA SER A 2 -8.94 20.90 19.13
C SER A 2 -8.32 21.06 17.75
N SER A 3 -7.48 22.07 17.62
CA SER A 3 -6.81 22.35 16.36
C SER A 3 -5.30 22.14 16.52
N GLY A 4 -4.75 21.36 15.61
CA GLY A 4 -3.32 21.08 15.63
C GLY A 4 -2.85 20.51 14.29
N SER A 5 -1.82 21.13 13.74
CA SER A 5 -1.28 20.70 12.47
C SER A 5 -0.45 19.43 12.66
N SER A 6 -0.94 18.35 12.06
CA SER A 6 -0.27 17.07 12.16
C SER A 6 0.27 16.65 10.78
N GLY A 7 1.15 15.66 10.80
CA GLY A 7 1.74 15.16 9.57
C GLY A 7 3.12 15.79 9.34
N PRO A 8 4.13 14.89 9.16
CA PRO A 8 5.49 15.34 8.92
C PRO A 8 5.65 15.88 7.50
N ASP A 9 4.80 16.83 7.15
CA ASP A 9 4.84 17.43 5.83
C ASP A 9 4.62 16.34 4.77
N VAL A 10 3.49 16.44 4.09
CA VAL A 10 3.16 15.46 3.06
C VAL A 10 3.54 14.06 3.54
N ARG A 11 2.56 13.40 4.17
CA ARG A 11 2.78 12.06 4.68
C ARG A 11 3.17 11.12 3.54
N ARG A 12 2.25 10.98 2.60
CA ARG A 12 2.48 10.11 1.46
C ARG A 12 3.36 10.82 0.42
N ASP A 13 4.38 10.09 -0.03
CA ASP A 13 5.30 10.64 -1.02
C ASP A 13 6.46 9.66 -1.22
N LYS A 14 7.26 9.52 -0.18
CA LYS A 14 8.40 8.63 -0.23
C LYS A 14 7.92 7.20 -0.52
N PRO A 15 8.90 6.30 -0.80
CA PRO A 15 8.58 4.92 -1.10
C PRO A 15 8.21 4.16 0.18
N VAL A 16 7.25 3.26 0.03
CA VAL A 16 6.79 2.46 1.16
C VAL A 16 7.97 1.65 1.72
N THR A 17 7.85 1.32 2.99
CA THR A 17 8.89 0.55 3.66
C THR A 17 8.31 -0.76 4.22
N GLY A 18 9.22 -1.65 4.62
CA GLY A 18 8.82 -2.93 5.17
C GLY A 18 7.70 -2.75 6.21
N GLU A 19 7.83 -1.69 6.99
CA GLU A 19 6.85 -1.40 8.02
C GLU A 19 5.47 -1.19 7.40
N GLN A 20 5.46 -0.43 6.32
CA GLN A 20 4.21 -0.13 5.62
C GLN A 20 3.77 -1.35 4.80
N ILE A 21 4.70 -1.87 4.02
CA ILE A 21 4.42 -3.03 3.18
C ILE A 21 3.54 -4.01 3.97
N GLU A 22 4.15 -4.63 4.97
CA GLU A 22 3.45 -5.59 5.80
C GLU A 22 2.02 -5.11 6.06
N VAL A 23 1.91 -3.87 6.52
CA VAL A 23 0.62 -3.28 6.82
C VAL A 23 -0.26 -3.34 5.56
N PHE A 24 0.27 -2.78 4.49
CA PHE A 24 -0.45 -2.75 3.23
C PHE A 24 -0.99 -4.14 2.87
N ALA A 25 -0.09 -5.11 2.86
CA ALA A 25 -0.45 -6.48 2.54
C ALA A 25 -1.79 -6.80 3.21
N ASN A 26 -1.76 -6.83 4.53
CA ASN A 26 -2.97 -7.13 5.29
C ASN A 26 -4.17 -6.43 4.64
N LYS A 27 -3.99 -5.15 4.37
CA LYS A 27 -5.04 -4.36 3.75
C LYS A 27 -5.39 -4.96 2.39
N LEU A 28 -4.35 -5.19 1.59
CA LEU A 28 -4.54 -5.76 0.27
C LEU A 28 -5.30 -7.07 0.38
N GLY A 29 -4.66 -8.04 1.05
CA GLY A 29 -5.27 -9.34 1.24
C GLY A 29 -5.21 -10.16 -0.05
N GLU A 30 -6.39 -10.36 -0.64
CA GLU A 30 -6.48 -11.13 -1.87
C GLU A 30 -6.64 -10.18 -3.07
N GLN A 31 -6.63 -8.89 -2.78
CA GLN A 31 -6.76 -7.88 -3.81
C GLN A 31 -5.40 -7.58 -4.45
N TRP A 32 -4.42 -8.39 -4.07
CA TRP A 32 -3.07 -8.23 -4.59
C TRP A 32 -3.10 -8.56 -6.07
N LYS A 33 -3.84 -9.61 -6.40
CA LYS A 33 -3.96 -10.06 -7.78
C LYS A 33 -4.70 -8.99 -8.58
N ILE A 34 -5.28 -8.04 -7.87
CA ILE A 34 -6.02 -6.96 -8.50
C ILE A 34 -5.07 -5.79 -8.77
N LEU A 35 -4.03 -5.72 -7.97
CA LEU A 35 -3.05 -4.66 -8.10
C LEU A 35 -1.90 -5.14 -9.01
N ALA A 36 -1.86 -6.44 -9.22
CA ALA A 36 -0.83 -7.03 -10.06
C ALA A 36 -0.94 -6.45 -11.47
N PRO A 37 -2.18 -6.50 -12.02
CA PRO A 37 -2.42 -5.98 -13.36
C PRO A 37 -2.44 -4.46 -13.36
N TYR A 38 -2.23 -3.89 -12.18
CA TYR A 38 -2.22 -2.45 -12.03
C TYR A 38 -0.87 -1.96 -11.50
N LEU A 39 0.01 -2.91 -11.25
CA LEU A 39 1.34 -2.60 -10.75
C LEU A 39 2.38 -2.86 -11.84
N GLU A 40 1.90 -2.89 -13.08
CA GLU A 40 2.77 -3.14 -14.22
C GLU A 40 3.69 -4.33 -13.92
N MET A 41 3.09 -5.42 -13.47
CA MET A 41 3.84 -6.61 -13.15
C MET A 41 3.93 -7.55 -14.36
N LYS A 42 4.36 -8.78 -14.09
CA LYS A 42 4.48 -9.77 -15.14
C LYS A 42 3.64 -11.00 -14.78
N ASP A 43 3.05 -11.60 -15.81
CA ASP A 43 2.23 -12.78 -15.61
C ASP A 43 2.99 -13.78 -14.75
N SER A 44 4.27 -13.94 -15.06
CA SER A 44 5.11 -14.86 -14.32
C SER A 44 5.18 -14.45 -12.86
N GLU A 45 5.32 -13.16 -12.64
CA GLU A 45 5.40 -12.61 -11.29
C GLU A 45 4.17 -13.03 -10.49
N ILE A 46 3.01 -12.72 -11.04
CA ILE A 46 1.76 -13.05 -10.38
C ILE A 46 1.78 -14.53 -9.97
N ARG A 47 2.25 -15.36 -10.89
CA ARG A 47 2.31 -16.79 -10.64
C ARG A 47 3.41 -17.09 -9.60
N GLN A 48 4.59 -16.57 -9.88
CA GLN A 48 5.73 -16.77 -8.98
C GLN A 48 5.29 -16.57 -7.52
N ILE A 49 4.62 -15.46 -7.29
CA ILE A 49 4.15 -15.14 -5.96
C ILE A 49 3.16 -16.22 -5.49
N GLU A 50 2.05 -16.30 -6.21
CA GLU A 50 1.03 -17.28 -5.88
C GLU A 50 1.68 -18.60 -5.46
N CYS A 51 2.69 -19.01 -6.20
CA CYS A 51 3.39 -20.24 -5.91
C CYS A 51 4.27 -20.00 -4.68
N ASP A 52 5.03 -18.92 -4.72
CA ASP A 52 5.91 -18.58 -3.62
C ASP A 52 5.20 -18.86 -2.30
N SER A 53 4.05 -18.22 -2.12
CA SER A 53 3.27 -18.41 -0.91
C SER A 53 1.82 -18.74 -1.26
N GLU A 54 1.24 -19.63 -0.47
CA GLU A 54 -0.13 -20.05 -0.68
C GLU A 54 -1.09 -19.05 -0.04
N ASP A 55 -0.69 -18.53 1.10
CA ASP A 55 -1.50 -17.57 1.83
C ASP A 55 -1.68 -16.32 0.97
N MET A 56 -2.73 -15.56 1.29
CA MET A 56 -3.02 -14.34 0.57
C MET A 56 -2.12 -13.20 1.04
N LYS A 57 -2.15 -12.96 2.34
CA LYS A 57 -1.35 -11.90 2.93
C LYS A 57 0.06 -11.94 2.32
N MET A 58 0.66 -13.12 2.39
CA MET A 58 2.00 -13.30 1.86
C MET A 58 2.08 -12.86 0.40
N ARG A 59 1.22 -13.46 -0.41
CA ARG A 59 1.18 -13.12 -1.83
C ARG A 59 1.10 -11.61 -2.03
N ALA A 60 0.26 -10.99 -1.21
CA ALA A 60 0.07 -9.55 -1.29
C ALA A 60 1.40 -8.86 -0.94
N LYS A 61 1.99 -9.28 0.16
CA LYS A 61 3.24 -8.72 0.61
C LYS A 61 4.31 -8.92 -0.49
N GLN A 62 4.60 -10.18 -0.76
CA GLN A 62 5.58 -10.51 -1.78
C GLN A 62 5.46 -9.57 -2.97
N LEU A 63 4.21 -9.28 -3.34
CA LEU A 63 3.94 -8.40 -4.45
C LEU A 63 4.52 -7.01 -4.15
N LEU A 64 4.02 -6.43 -3.07
CA LEU A 64 4.47 -5.11 -2.66
C LEU A 64 6.00 -5.06 -2.69
N VAL A 65 6.60 -6.15 -2.24
CA VAL A 65 8.05 -6.25 -2.22
C VAL A 65 8.59 -6.16 -3.64
N ALA A 66 8.10 -7.06 -4.48
CA ALA A 66 8.53 -7.09 -5.88
C ALA A 66 8.21 -5.74 -6.53
N TRP A 67 7.02 -5.24 -6.24
CA TRP A 67 6.59 -3.97 -6.79
C TRP A 67 7.50 -2.88 -6.23
N GLN A 68 8.05 -3.16 -5.05
CA GLN A 68 8.93 -2.21 -4.39
C GLN A 68 10.37 -2.41 -4.87
N ASP A 69 10.63 -3.60 -5.39
CA ASP A 69 11.95 -3.94 -5.89
C ASP A 69 12.06 -3.54 -7.36
N GLN A 70 10.91 -3.59 -8.03
CA GLN A 70 10.86 -3.25 -9.44
C GLN A 70 10.87 -1.73 -9.61
N GLU A 71 10.04 -1.07 -8.83
CA GLU A 71 9.94 0.39 -8.89
C GLU A 71 11.13 1.03 -8.16
N GLY A 72 11.46 0.44 -7.02
CA GLY A 72 12.56 0.94 -6.23
C GLY A 72 12.10 2.01 -5.24
N VAL A 73 12.22 3.26 -5.67
CA VAL A 73 11.80 4.38 -4.83
C VAL A 73 10.46 4.91 -5.33
N HIS A 74 10.13 4.54 -6.55
CA HIS A 74 8.87 4.96 -7.14
C HIS A 74 7.71 4.24 -6.46
N ALA A 75 8.05 3.21 -5.71
CA ALA A 75 7.04 2.44 -4.99
C ALA A 75 6.56 3.23 -3.78
N THR A 76 5.77 4.24 -4.05
CA THR A 76 5.24 5.09 -3.00
C THR A 76 3.80 4.68 -2.67
N PRO A 77 3.35 5.10 -1.45
CA PRO A 77 2.00 4.79 -1.00
C PRO A 77 0.97 5.65 -1.73
N GLU A 78 1.39 6.85 -2.08
CA GLU A 78 0.52 7.78 -2.78
C GLU A 78 0.25 7.29 -4.21
N ASN A 79 1.19 6.50 -4.72
CA ASN A 79 1.06 5.96 -6.06
C ASN A 79 0.20 4.69 -6.02
N LEU A 80 0.56 3.81 -5.09
CA LEU A 80 -0.17 2.56 -4.94
C LEU A 80 -1.66 2.86 -4.76
N ILE A 81 -1.94 3.76 -3.83
CA ILE A 81 -3.31 4.14 -3.54
C ILE A 81 -4.00 4.54 -4.85
N ASN A 82 -3.25 5.24 -5.69
CA ASN A 82 -3.78 5.69 -6.97
C ASN A 82 -4.22 4.48 -7.79
N ALA A 83 -3.31 3.52 -7.89
CA ALA A 83 -3.59 2.30 -8.65
C ALA A 83 -4.82 1.61 -8.04
N LEU A 84 -4.83 1.54 -6.72
CA LEU A 84 -5.94 0.90 -6.02
C LEU A 84 -7.25 1.50 -6.51
N ASN A 85 -7.28 2.83 -6.57
CA ASN A 85 -8.46 3.53 -7.01
C ASN A 85 -8.94 2.94 -8.34
N LYS A 86 -8.11 3.10 -9.36
CA LYS A 86 -8.44 2.58 -10.67
C LYS A 86 -8.80 1.09 -10.56
N SER A 87 -8.02 0.40 -9.75
CA SER A 87 -8.24 -1.03 -9.56
C SER A 87 -9.58 -1.25 -8.86
N GLY A 88 -10.10 -0.19 -8.28
CA GLY A 88 -11.38 -0.26 -7.59
C GLY A 88 -11.19 -0.72 -6.14
N LEU A 89 -9.99 -0.52 -5.63
CA LEU A 89 -9.67 -0.92 -4.28
C LEU A 89 -9.79 0.30 -3.35
N SER A 90 -10.80 1.11 -3.62
CA SER A 90 -11.04 2.30 -2.83
C SER A 90 -10.77 2.00 -1.35
N ASP A 91 -11.23 0.85 -0.92
CA ASP A 91 -11.04 0.43 0.47
C ASP A 91 -9.58 0.66 0.87
N LEU A 92 -8.68 0.13 0.05
CA LEU A 92 -7.26 0.27 0.30
C LEU A 92 -6.89 1.76 0.31
N ALA A 93 -7.04 2.38 -0.85
CA ALA A 93 -6.74 3.79 -0.98
C ALA A 93 -7.18 4.53 0.27
N GLU A 94 -8.48 4.45 0.54
CA GLU A 94 -9.04 5.11 1.71
C GLU A 94 -8.33 4.64 2.98
N SER A 95 -8.28 3.33 3.14
CA SER A 95 -7.63 2.74 4.30
C SER A 95 -6.24 3.34 4.48
N LEU A 96 -5.44 3.27 3.41
CA LEU A 96 -4.09 3.80 3.44
C LEU A 96 -4.14 5.29 3.76
N THR A 97 -4.99 5.99 3.03
CA THR A 97 -5.13 7.43 3.22
C THR A 97 -6.17 7.71 4.31
N ASN A 98 -6.32 6.75 5.21
CA ASN A 98 -7.26 6.88 6.30
C ASN A 98 -7.28 8.33 6.79
N ASP A 99 -8.41 8.73 7.36
CA ASP A 99 -8.57 10.08 7.87
C ASP A 99 -8.38 11.07 6.71
N ASN A 100 -8.54 12.34 7.04
CA ASN A 100 -8.39 13.40 6.05
C ASN A 100 -7.10 14.17 6.32
N GLU A 101 -6.70 14.97 5.34
CA GLU A 101 -5.49 15.76 5.45
C GLU A 101 -5.71 17.15 4.86
N THR A 102 -6.36 18.00 5.63
CA THR A 102 -6.64 19.36 5.19
C THR A 102 -5.77 20.35 5.97
N ASN A 103 -4.93 21.07 5.24
CA ASN A 103 -4.06 22.05 5.83
C ASN A 103 -3.86 23.21 4.86
N SER A 104 -4.29 24.38 5.28
CA SER A 104 -4.16 25.58 4.45
C SER A 104 -2.79 25.58 3.76
N SER A 105 -2.83 25.38 2.45
CA SER A 105 -1.62 25.36 1.66
C SER A 105 -1.54 26.61 0.79
N GLY A 106 -2.54 26.78 -0.06
CA GLY A 106 -2.59 27.93 -0.94
C GLY A 106 -2.62 27.49 -2.41
N PRO A 107 -1.94 28.31 -3.26
CA PRO A 107 -1.87 28.02 -4.69
C PRO A 107 -0.91 26.85 -4.97
N SER A 108 0.23 26.91 -4.31
CA SER A 108 1.24 25.87 -4.48
C SER A 108 1.60 25.72 -5.95
N SER A 109 2.64 24.95 -6.21
CA SER A 109 3.10 24.73 -7.57
C SER A 109 1.97 24.09 -8.39
N GLY A 110 1.45 24.88 -9.32
CA GLY A 110 0.37 24.41 -10.17
C GLY A 110 0.81 24.38 -11.64
N GLY A 1 -8.81 1.91 15.46
CA GLY A 1 -8.20 1.29 14.30
C GLY A 1 -6.70 1.14 14.48
N SER A 2 -5.98 2.24 14.28
CA SER A 2 -4.54 2.24 14.42
C SER A 2 -4.13 3.10 15.61
N SER A 3 -4.80 4.24 15.73
CA SER A 3 -4.52 5.17 16.82
C SER A 3 -3.08 5.68 16.69
N GLY A 4 -2.96 7.01 16.80
CA GLY A 4 -1.65 7.63 16.71
C GLY A 4 -0.91 7.20 15.45
N SER A 5 -1.16 7.93 14.37
CA SER A 5 -0.53 7.63 13.10
C SER A 5 -0.84 8.74 12.08
N SER A 6 -2.13 8.92 11.84
CA SER A 6 -2.57 9.94 10.90
C SER A 6 -1.85 11.27 11.18
N GLY A 7 -1.49 11.95 10.11
CA GLY A 7 -0.81 13.22 10.23
C GLY A 7 0.65 13.10 9.77
N PRO A 8 1.53 12.78 10.75
CA PRO A 8 2.95 12.64 10.47
C PRO A 8 3.23 11.32 9.75
N ASP A 9 2.50 10.29 10.16
CA ASP A 9 2.66 8.97 9.56
C ASP A 9 1.65 8.81 8.43
N VAL A 10 1.70 7.64 7.79
CA VAL A 10 0.79 7.34 6.70
C VAL A 10 0.69 8.57 5.79
N ARG A 11 1.85 9.14 5.50
CA ARG A 11 1.91 10.32 4.65
C ARG A 11 2.64 9.97 3.34
N ARG A 12 2.25 10.67 2.29
CA ARG A 12 2.85 10.45 0.98
C ARG A 12 4.06 11.36 0.80
N ASP A 13 5.18 10.75 0.45
CA ASP A 13 6.41 11.50 0.23
C ASP A 13 7.56 10.52 -0.02
N LYS A 14 7.66 9.53 0.86
CA LYS A 14 8.70 8.53 0.74
C LYS A 14 8.08 7.21 0.29
N PRO A 15 8.96 6.31 -0.26
CA PRO A 15 8.50 5.01 -0.73
C PRO A 15 8.21 4.07 0.44
N VAL A 16 7.07 3.42 0.35
CA VAL A 16 6.67 2.47 1.39
C VAL A 16 7.88 1.66 1.83
N THR A 17 7.82 1.20 3.07
CA THR A 17 8.90 0.40 3.62
C THR A 17 8.34 -0.87 4.27
N GLY A 18 9.26 -1.79 4.59
CA GLY A 18 8.87 -3.04 5.21
C GLY A 18 7.81 -2.81 6.28
N GLU A 19 7.87 -1.65 6.91
CA GLU A 19 6.92 -1.30 7.95
C GLU A 19 5.52 -1.12 7.35
N GLN A 20 5.47 -0.38 6.25
CA GLN A 20 4.21 -0.14 5.58
C GLN A 20 3.77 -1.38 4.79
N ILE A 21 4.72 -1.91 4.02
CA ILE A 21 4.45 -3.08 3.20
C ILE A 21 3.61 -4.07 4.02
N GLU A 22 4.24 -4.67 5.01
CA GLU A 22 3.58 -5.63 5.87
C GLU A 22 2.14 -5.18 6.15
N VAL A 23 2.01 -3.91 6.52
CA VAL A 23 0.72 -3.34 6.82
C VAL A 23 -0.16 -3.39 5.56
N PHE A 24 0.34 -2.77 4.51
CA PHE A 24 -0.39 -2.74 3.25
C PHE A 24 -0.85 -4.14 2.85
N ALA A 25 0.10 -5.06 2.82
CA ALA A 25 -0.20 -6.44 2.46
C ALA A 25 -1.54 -6.84 3.08
N ASN A 26 -1.55 -6.90 4.40
CA ASN A 26 -2.75 -7.28 5.13
C ASN A 26 -3.96 -6.59 4.49
N LYS A 27 -3.82 -5.28 4.31
CA LYS A 27 -4.90 -4.50 3.71
C LYS A 27 -5.25 -5.08 2.35
N LEU A 28 -4.21 -5.34 1.57
CA LEU A 28 -4.40 -5.89 0.23
C LEU A 28 -5.25 -7.15 0.33
N GLY A 29 -4.69 -8.17 0.97
CA GLY A 29 -5.38 -9.44 1.13
C GLY A 29 -5.28 -10.28 -0.13
N GLU A 30 -6.42 -10.44 -0.78
CA GLU A 30 -6.48 -11.23 -2.01
C GLU A 30 -6.59 -10.31 -3.22
N GLN A 31 -6.61 -9.01 -2.95
CA GLN A 31 -6.73 -8.03 -4.01
C GLN A 31 -5.35 -7.74 -4.61
N TRP A 32 -4.37 -8.52 -4.17
CA TRP A 32 -3.01 -8.37 -4.67
C TRP A 32 -2.99 -8.76 -6.14
N LYS A 33 -4.00 -9.52 -6.53
CA LYS A 33 -4.12 -9.97 -7.91
C LYS A 33 -4.83 -8.89 -8.73
N ILE A 34 -5.42 -7.95 -8.02
CA ILE A 34 -6.14 -6.86 -8.67
C ILE A 34 -5.19 -5.68 -8.85
N LEU A 35 -4.15 -5.66 -8.03
CA LEU A 35 -3.17 -4.59 -8.10
C LEU A 35 -1.98 -5.05 -8.93
N ALA A 36 -1.94 -6.35 -9.19
CA ALA A 36 -0.86 -6.92 -9.97
C ALA A 36 -0.89 -6.35 -11.39
N PRO A 37 -2.10 -6.40 -12.00
CA PRO A 37 -2.28 -5.89 -13.36
C PRO A 37 -2.30 -4.36 -13.36
N TYR A 38 -2.15 -3.79 -12.18
CA TYR A 38 -2.14 -2.35 -12.03
C TYR A 38 -0.83 -1.86 -11.42
N LEU A 39 0.06 -2.81 -11.19
CA LEU A 39 1.36 -2.48 -10.61
C LEU A 39 2.44 -2.61 -11.69
N GLU A 40 2.02 -3.09 -12.85
CA GLU A 40 2.94 -3.27 -13.96
C GLU A 40 3.88 -4.44 -13.69
N MET A 41 3.29 -5.55 -13.28
CA MET A 41 4.06 -6.75 -12.98
C MET A 41 4.07 -7.71 -14.17
N LYS A 42 4.72 -8.85 -13.98
CA LYS A 42 4.81 -9.85 -15.02
C LYS A 42 3.83 -10.99 -14.71
N ASP A 43 3.11 -11.40 -15.75
CA ASP A 43 2.14 -12.48 -15.60
C ASP A 43 2.78 -13.64 -14.84
N SER A 44 4.00 -13.97 -15.24
CA SER A 44 4.73 -15.05 -14.60
C SER A 44 4.87 -14.78 -13.10
N GLU A 45 5.31 -13.57 -12.78
CA GLU A 45 5.49 -13.18 -11.40
C GLU A 45 4.22 -13.48 -10.60
N ILE A 46 3.11 -12.97 -11.10
CA ILE A 46 1.83 -13.18 -10.43
C ILE A 46 1.66 -14.66 -10.11
N ARG A 47 2.00 -15.49 -11.09
CA ARG A 47 1.88 -16.93 -10.93
C ARG A 47 2.93 -17.43 -9.91
N GLN A 48 4.08 -16.78 -9.94
CA GLN A 48 5.16 -17.14 -9.04
C GLN A 48 4.75 -16.90 -7.59
N ILE A 49 4.50 -15.64 -7.28
CA ILE A 49 4.08 -15.26 -5.93
C ILE A 49 3.12 -16.32 -5.39
N GLU A 50 2.03 -16.50 -6.10
CA GLU A 50 1.02 -17.47 -5.69
C GLU A 50 1.68 -18.76 -5.23
N CYS A 51 2.66 -19.21 -6.01
CA CYS A 51 3.38 -20.43 -5.69
C CYS A 51 4.31 -20.13 -4.50
N ASP A 52 5.09 -19.07 -4.65
CA ASP A 52 6.02 -18.68 -3.61
C ASP A 52 5.35 -18.87 -2.24
N SER A 53 4.18 -18.27 -2.10
CA SER A 53 3.43 -18.36 -0.86
C SER A 53 1.97 -18.73 -1.15
N GLU A 54 1.47 -19.67 -0.37
CA GLU A 54 0.10 -20.13 -0.53
C GLU A 54 -0.87 -19.13 0.13
N ASP A 55 -0.45 -18.63 1.27
CA ASP A 55 -1.27 -17.68 2.01
C ASP A 55 -1.46 -16.41 1.16
N MET A 56 -2.44 -15.62 1.55
CA MET A 56 -2.73 -14.38 0.84
C MET A 56 -1.85 -13.24 1.33
N LYS A 57 -1.80 -13.10 2.65
CA LYS A 57 -1.00 -12.06 3.26
C LYS A 57 0.39 -12.02 2.60
N MET A 58 0.99 -13.21 2.50
CA MET A 58 2.30 -13.32 1.90
C MET A 58 2.27 -12.89 0.43
N ARG A 59 1.41 -13.55 -0.34
CA ARG A 59 1.28 -13.25 -1.75
C ARG A 59 1.17 -11.74 -1.96
N ALA A 60 0.36 -11.12 -1.13
CA ALA A 60 0.17 -9.68 -1.21
C ALA A 60 1.48 -8.97 -0.90
N LYS A 61 2.10 -9.40 0.19
CA LYS A 61 3.37 -8.82 0.61
C LYS A 61 4.40 -8.98 -0.51
N GLN A 62 4.56 -10.22 -0.94
CA GLN A 62 5.50 -10.53 -2.00
C GLN A 62 5.36 -9.53 -3.15
N LEU A 63 4.11 -9.18 -3.43
CA LEU A 63 3.82 -8.23 -4.50
C LEU A 63 4.38 -6.87 -4.12
N LEU A 64 3.95 -6.38 -2.97
CA LEU A 64 4.39 -5.09 -2.49
C LEU A 64 5.92 -5.02 -2.55
N VAL A 65 6.54 -6.14 -2.18
CA VAL A 65 7.99 -6.22 -2.19
C VAL A 65 8.50 -6.09 -3.63
N ALA A 66 8.09 -7.05 -4.45
CA ALA A 66 8.50 -7.06 -5.85
C ALA A 66 8.15 -5.72 -6.48
N TRP A 67 7.06 -5.14 -6.00
CA TRP A 67 6.60 -3.86 -6.52
C TRP A 67 7.50 -2.77 -5.93
N GLN A 68 7.95 -3.01 -4.70
CA GLN A 68 8.81 -2.06 -4.02
C GLN A 68 10.22 -2.11 -4.59
N ASP A 69 10.62 -3.32 -4.98
CA ASP A 69 11.94 -3.52 -5.55
C ASP A 69 11.94 -3.09 -7.02
N GLN A 70 10.82 -3.35 -7.68
CA GLN A 70 10.66 -3.01 -9.07
C GLN A 70 10.67 -1.48 -9.24
N GLU A 71 9.62 -0.86 -8.73
CA GLU A 71 9.49 0.58 -8.82
C GLU A 71 10.67 1.27 -8.11
N GLY A 72 11.19 0.57 -7.10
CA GLY A 72 12.31 1.09 -6.34
C GLY A 72 11.85 2.16 -5.35
N VAL A 73 12.54 3.30 -5.39
CA VAL A 73 12.21 4.40 -4.51
C VAL A 73 10.94 5.10 -5.02
N HIS A 74 10.48 4.66 -6.18
CA HIS A 74 9.29 5.23 -6.78
C HIS A 74 8.05 4.60 -6.15
N ALA A 75 8.26 3.45 -5.52
CA ALA A 75 7.18 2.74 -4.87
C ALA A 75 6.68 3.56 -3.67
N THR A 76 5.71 4.42 -3.94
CA THR A 76 5.14 5.26 -2.90
C THR A 76 3.71 4.82 -2.59
N PRO A 77 3.20 5.29 -1.41
CA PRO A 77 1.86 4.96 -1.00
C PRO A 77 0.82 5.74 -1.78
N GLU A 78 1.28 6.85 -2.37
CA GLU A 78 0.40 7.70 -3.14
C GLU A 78 0.11 7.06 -4.51
N ASN A 79 1.17 6.55 -5.12
CA ASN A 79 1.05 5.91 -6.41
C ASN A 79 0.22 4.62 -6.27
N LEU A 80 0.53 3.88 -5.22
CA LEU A 80 -0.18 2.63 -4.96
C LEU A 80 -1.68 2.93 -4.81
N ILE A 81 -1.98 3.89 -3.96
CA ILE A 81 -3.37 4.27 -3.73
C ILE A 81 -4.02 4.64 -5.06
N ASN A 82 -3.32 5.48 -5.82
CA ASN A 82 -3.82 5.91 -7.11
C ASN A 82 -4.21 4.68 -7.94
N ALA A 83 -3.30 3.72 -7.97
CA ALA A 83 -3.53 2.50 -8.72
C ALA A 83 -4.75 1.77 -8.14
N LEU A 84 -4.81 1.74 -6.82
CA LEU A 84 -5.92 1.09 -6.14
C LEU A 84 -7.23 1.65 -6.65
N ASN A 85 -7.28 2.98 -6.79
CA ASN A 85 -8.46 3.65 -7.27
C ASN A 85 -8.87 3.05 -8.62
N LYS A 86 -8.05 3.31 -9.61
CA LYS A 86 -8.31 2.81 -10.96
C LYS A 86 -8.70 1.33 -10.87
N SER A 87 -7.93 0.60 -10.08
CA SER A 87 -8.18 -0.83 -9.90
C SER A 87 -9.56 -1.04 -9.28
N GLY A 88 -9.96 -0.09 -8.46
CA GLY A 88 -11.26 -0.17 -7.81
C GLY A 88 -11.10 -0.43 -6.31
N LEU A 89 -9.85 -0.62 -5.90
CA LEU A 89 -9.55 -0.88 -4.51
C LEU A 89 -9.72 0.42 -3.70
N SER A 90 -10.91 0.97 -3.78
CA SER A 90 -11.21 2.21 -3.06
C SER A 90 -11.01 2.00 -1.57
N ASP A 91 -11.30 0.79 -1.12
CA ASP A 91 -11.16 0.46 0.30
C ASP A 91 -9.70 0.69 0.72
N LEU A 92 -8.80 0.01 0.02
CA LEU A 92 -7.38 0.14 0.32
C LEU A 92 -6.98 1.62 0.28
N ALA A 93 -7.21 2.23 -0.88
CA ALA A 93 -6.88 3.63 -1.06
C ALA A 93 -7.20 4.39 0.22
N GLU A 94 -8.48 4.45 0.55
CA GLU A 94 -8.93 5.14 1.74
C GLU A 94 -8.23 4.57 2.97
N SER A 95 -8.28 3.26 3.10
CA SER A 95 -7.66 2.60 4.23
C SER A 95 -6.30 3.24 4.53
N LEU A 96 -5.46 3.26 3.51
CA LEU A 96 -4.13 3.85 3.65
C LEU A 96 -4.27 5.31 4.06
N THR A 97 -4.68 6.13 3.11
CA THR A 97 -4.85 7.55 3.36
C THR A 97 -5.34 7.79 4.79
N ASN A 98 -6.61 7.51 5.00
CA ASN A 98 -7.21 7.67 6.31
C ASN A 98 -7.11 9.14 6.73
N ASP A 99 -7.91 9.97 6.08
CA ASP A 99 -7.93 11.39 6.37
C ASP A 99 -6.52 11.96 6.17
N ASN A 100 -6.44 13.28 6.11
CA ASN A 100 -5.18 13.95 5.91
C ASN A 100 -5.06 15.11 6.92
N GLU A 101 -4.57 14.77 8.10
CA GLU A 101 -4.40 15.76 9.15
C GLU A 101 -3.86 15.11 10.42
N THR A 102 -3.30 15.94 11.28
CA THR A 102 -2.74 15.46 12.53
C THR A 102 -3.65 15.80 13.70
N ASN A 103 -3.85 14.83 14.57
CA ASN A 103 -4.70 15.01 15.74
C ASN A 103 -4.82 13.68 16.49
N SER A 104 -4.02 13.56 17.54
CA SER A 104 -4.03 12.36 18.34
C SER A 104 -2.96 12.47 19.45
N SER A 105 -3.04 11.54 20.38
CA SER A 105 -2.10 11.51 21.49
C SER A 105 -1.69 10.08 21.80
N GLY A 106 -0.57 9.67 21.21
CA GLY A 106 -0.07 8.32 21.41
C GLY A 106 1.24 8.35 22.21
N PRO A 107 1.56 7.18 22.83
CA PRO A 107 2.77 7.05 23.62
C PRO A 107 4.01 6.96 22.72
N SER A 108 5.17 6.97 23.36
CA SER A 108 6.43 6.88 22.64
C SER A 108 6.82 5.42 22.44
N SER A 109 7.83 5.22 21.61
CA SER A 109 8.32 3.88 21.33
C SER A 109 9.75 3.94 20.79
N GLY A 110 10.60 3.10 21.37
CA GLY A 110 11.98 3.05 20.95
C GLY A 110 12.45 1.61 20.77
N GLY A 1 -10.84 -2.53 16.36
CA GLY A 1 -9.50 -2.28 16.87
C GLY A 1 -8.78 -1.22 16.03
N SER A 2 -9.12 0.04 16.31
CA SER A 2 -8.52 1.15 15.60
C SER A 2 -9.11 2.47 16.10
N SER A 3 -8.29 3.22 16.81
CA SER A 3 -8.72 4.50 17.34
C SER A 3 -7.55 5.20 18.06
N GLY A 4 -7.03 6.22 17.40
CA GLY A 4 -5.92 6.98 17.96
C GLY A 4 -4.93 7.39 16.86
N SER A 5 -3.90 8.09 17.28
CA SER A 5 -2.88 8.55 16.35
C SER A 5 -3.49 9.54 15.35
N SER A 6 -2.97 10.76 15.38
CA SER A 6 -3.45 11.81 14.49
C SER A 6 -2.43 12.95 14.45
N GLY A 7 -2.33 13.56 13.27
CA GLY A 7 -1.41 14.67 13.09
C GLY A 7 -0.51 14.44 11.88
N PRO A 8 0.62 15.20 11.86
CA PRO A 8 1.57 15.08 10.76
C PRO A 8 2.40 13.79 10.89
N ASP A 9 2.08 12.84 10.02
CA ASP A 9 2.77 11.57 10.02
C ASP A 9 2.33 10.75 8.81
N VAL A 10 3.09 9.70 8.53
CA VAL A 10 2.79 8.83 7.40
C VAL A 10 2.40 9.69 6.19
N ARG A 11 3.31 10.56 5.79
CA ARG A 11 3.07 11.44 4.66
C ARG A 11 3.40 10.72 3.36
N ARG A 12 2.38 10.60 2.52
CA ARG A 12 2.54 9.93 1.23
C ARG A 12 3.46 10.76 0.32
N ASP A 13 4.75 10.48 0.43
CA ASP A 13 5.74 11.18 -0.36
C ASP A 13 6.88 10.22 -0.71
N LYS A 14 7.38 9.56 0.32
CA LYS A 14 8.48 8.61 0.15
C LYS A 14 7.91 7.25 -0.24
N PRO A 15 8.81 6.38 -0.77
CA PRO A 15 8.42 5.05 -1.19
C PRO A 15 8.20 4.14 0.02
N VAL A 16 7.05 3.48 0.02
CA VAL A 16 6.71 2.57 1.11
C VAL A 16 7.95 1.77 1.50
N THR A 17 7.92 1.23 2.71
CA THR A 17 9.02 0.44 3.21
C THR A 17 8.51 -0.87 3.81
N GLY A 18 9.44 -1.76 4.09
CA GLY A 18 9.10 -3.05 4.66
C GLY A 18 8.07 -2.91 5.78
N GLU A 19 8.20 -1.79 6.49
CA GLU A 19 7.29 -1.51 7.60
C GLU A 19 5.86 -1.32 7.08
N GLN A 20 5.74 -0.51 6.05
CA GLN A 20 4.44 -0.23 5.46
C GLN A 20 3.99 -1.42 4.61
N ILE A 21 4.91 -1.93 3.80
CA ILE A 21 4.62 -3.06 2.94
C ILE A 21 3.79 -4.08 3.71
N GLU A 22 4.45 -4.73 4.65
CA GLU A 22 3.79 -5.74 5.47
C GLU A 22 2.38 -5.29 5.83
N VAL A 23 2.29 -4.06 6.31
CA VAL A 23 1.00 -3.50 6.69
C VAL A 23 0.05 -3.55 5.49
N PHE A 24 0.50 -2.94 4.40
CA PHE A 24 -0.29 -2.91 3.19
C PHE A 24 -0.79 -4.31 2.81
N ALA A 25 0.15 -5.25 2.78
CA ALA A 25 -0.18 -6.61 2.43
C ALA A 25 -1.49 -7.01 3.11
N ASN A 26 -1.44 -7.06 4.44
CA ASN A 26 -2.62 -7.41 5.22
C ASN A 26 -3.85 -6.75 4.60
N LYS A 27 -3.76 -5.44 4.43
CA LYS A 27 -4.86 -4.68 3.86
C LYS A 27 -5.26 -5.29 2.52
N LEU A 28 -4.30 -5.27 1.60
CA LEU A 28 -4.53 -5.83 0.27
C LEU A 28 -5.37 -7.11 0.39
N GLY A 29 -4.76 -8.12 0.99
CA GLY A 29 -5.44 -9.39 1.17
C GLY A 29 -5.40 -10.22 -0.12
N GLU A 30 -6.56 -10.34 -0.74
CA GLU A 30 -6.67 -11.10 -1.97
C GLU A 30 -6.79 -10.16 -3.17
N GLN A 31 -6.70 -8.87 -2.88
CA GLN A 31 -6.79 -7.87 -3.92
C GLN A 31 -5.41 -7.58 -4.52
N TRP A 32 -4.45 -8.41 -4.12
CA TRP A 32 -3.09 -8.25 -4.60
C TRP A 32 -3.08 -8.62 -6.09
N LYS A 33 -3.83 -9.66 -6.42
CA LYS A 33 -3.91 -10.12 -7.80
C LYS A 33 -4.67 -9.08 -8.63
N ILE A 34 -5.27 -8.14 -7.93
CA ILE A 34 -6.03 -7.09 -8.59
C ILE A 34 -5.12 -5.88 -8.82
N LEU A 35 -4.08 -5.80 -8.01
CA LEU A 35 -3.13 -4.70 -8.11
C LEU A 35 -1.95 -5.13 -8.97
N ALA A 36 -1.88 -6.43 -9.21
CA ALA A 36 -0.80 -6.98 -10.03
C ALA A 36 -0.90 -6.43 -11.44
N PRO A 37 -2.13 -6.54 -12.02
CA PRO A 37 -2.37 -6.05 -13.36
C PRO A 37 -2.45 -4.52 -13.39
N TYR A 38 -2.27 -3.93 -12.22
CA TYR A 38 -2.32 -2.48 -12.10
C TYR A 38 -1.00 -1.94 -11.56
N LEU A 39 -0.07 -2.85 -11.29
CA LEU A 39 1.23 -2.47 -10.77
C LEU A 39 2.27 -2.60 -11.88
N GLU A 40 1.81 -3.10 -13.03
CA GLU A 40 2.69 -3.27 -14.17
C GLU A 40 3.69 -4.41 -13.90
N MET A 41 3.14 -5.54 -13.47
CA MET A 41 3.97 -6.70 -13.18
C MET A 41 3.97 -7.68 -14.36
N LYS A 42 4.50 -8.87 -14.10
CA LYS A 42 4.57 -9.89 -15.12
C LYS A 42 3.60 -11.03 -14.76
N ASP A 43 2.97 -11.57 -15.80
CA ASP A 43 2.03 -12.66 -15.61
C ASP A 43 2.67 -13.74 -14.74
N SER A 44 3.91 -14.08 -15.08
CA SER A 44 4.63 -15.10 -14.35
C SER A 44 4.77 -14.69 -12.88
N GLU A 45 5.27 -13.47 -12.68
CA GLU A 45 5.45 -12.95 -11.34
C GLU A 45 4.19 -13.21 -10.50
N ILE A 46 3.05 -12.90 -11.09
CA ILE A 46 1.78 -13.09 -10.40
C ILE A 46 1.63 -14.57 -10.02
N ARG A 47 1.92 -15.43 -10.98
CA ARG A 47 1.82 -16.87 -10.77
C ARG A 47 2.89 -17.32 -9.77
N GLN A 48 4.03 -16.66 -9.83
CA GLN A 48 5.13 -16.99 -8.95
C GLN A 48 4.75 -16.74 -7.49
N ILE A 49 4.37 -15.50 -7.21
CA ILE A 49 3.96 -15.12 -5.87
C ILE A 49 3.01 -16.17 -5.32
N GLU A 50 1.90 -16.35 -6.02
CA GLU A 50 0.91 -17.33 -5.61
C GLU A 50 1.59 -18.61 -5.12
N CYS A 51 2.52 -19.11 -5.92
CA CYS A 51 3.24 -20.31 -5.58
C CYS A 51 4.15 -20.01 -4.39
N ASP A 52 4.98 -18.98 -4.56
CA ASP A 52 5.90 -18.58 -3.51
C ASP A 52 5.20 -18.70 -2.15
N SER A 53 4.15 -17.90 -1.99
CA SER A 53 3.38 -17.91 -0.75
C SER A 53 1.94 -18.32 -1.02
N GLU A 54 1.42 -19.17 -0.15
CA GLU A 54 0.05 -19.64 -0.29
C GLU A 54 -0.92 -18.67 0.40
N ASP A 55 -0.48 -18.16 1.54
CA ASP A 55 -1.30 -17.23 2.30
C ASP A 55 -1.59 -15.99 1.44
N MET A 56 -2.77 -15.41 1.69
CA MET A 56 -3.18 -14.24 0.94
C MET A 56 -2.33 -13.02 1.31
N LYS A 57 -2.22 -12.80 2.62
CA LYS A 57 -1.44 -11.68 3.12
C LYS A 57 -0.05 -11.68 2.45
N MET A 58 0.67 -12.77 2.70
CA MET A 58 2.00 -12.90 2.13
C MET A 58 2.01 -12.57 0.64
N ARG A 59 1.22 -13.34 -0.10
CA ARG A 59 1.12 -13.14 -1.54
C ARG A 59 1.08 -11.64 -1.87
N ALA A 60 0.25 -10.93 -1.12
CA ALA A 60 0.11 -9.50 -1.32
C ALA A 60 1.43 -8.82 -1.02
N LYS A 61 2.00 -9.16 0.13
CA LYS A 61 3.26 -8.59 0.55
C LYS A 61 4.30 -8.79 -0.56
N GLN A 62 4.53 -10.06 -0.88
CA GLN A 62 5.50 -10.40 -1.91
C GLN A 62 5.39 -9.42 -3.08
N LEU A 63 4.15 -9.16 -3.49
CA LEU A 63 3.90 -8.25 -4.58
C LEU A 63 4.43 -6.85 -4.23
N LEU A 64 3.89 -6.32 -3.14
CA LEU A 64 4.29 -5.00 -2.67
C LEU A 64 5.82 -4.90 -2.68
N VAL A 65 6.44 -6.01 -2.30
CA VAL A 65 7.90 -6.07 -2.26
C VAL A 65 8.44 -5.96 -3.68
N ALA A 66 8.04 -6.91 -4.51
CA ALA A 66 8.49 -6.95 -5.90
C ALA A 66 8.15 -5.61 -6.56
N TRP A 67 7.02 -5.06 -6.16
CA TRP A 67 6.57 -3.79 -6.70
C TRP A 67 7.46 -2.68 -6.13
N GLN A 68 7.88 -2.89 -4.90
CA GLN A 68 8.73 -1.92 -4.23
C GLN A 68 10.16 -2.00 -4.78
N ASP A 69 10.64 -3.22 -4.93
CA ASP A 69 11.98 -3.44 -5.45
C ASP A 69 12.03 -3.00 -6.91
N GLN A 70 10.93 -3.25 -7.61
CA GLN A 70 10.84 -2.89 -9.02
C GLN A 70 10.89 -1.37 -9.17
N GLU A 71 10.02 -0.71 -8.44
CA GLU A 71 9.95 0.75 -8.50
C GLU A 71 11.01 1.36 -7.56
N GLY A 72 11.88 0.49 -7.06
CA GLY A 72 12.93 0.94 -6.16
C GLY A 72 12.42 2.03 -5.22
N VAL A 73 13.23 3.08 -5.09
CA VAL A 73 12.87 4.20 -4.23
C VAL A 73 11.85 5.07 -4.93
N HIS A 74 10.75 4.46 -5.32
CA HIS A 74 9.69 5.18 -6.02
C HIS A 74 8.33 4.68 -5.52
N ALA A 75 8.22 3.36 -5.40
CA ALA A 75 6.99 2.74 -4.95
C ALA A 75 6.48 3.50 -3.72
N THR A 76 5.59 4.45 -3.96
CA THR A 76 5.02 5.24 -2.89
C THR A 76 3.56 4.85 -2.65
N PRO A 77 3.04 5.26 -1.47
CA PRO A 77 1.67 4.96 -1.10
C PRO A 77 0.68 5.82 -1.89
N GLU A 78 1.19 6.95 -2.37
CA GLU A 78 0.37 7.88 -3.14
C GLU A 78 0.17 7.34 -4.56
N ASN A 79 1.22 6.73 -5.09
CA ASN A 79 1.17 6.18 -6.43
C ASN A 79 0.34 4.89 -6.43
N LEU A 80 0.46 4.16 -5.32
CA LEU A 80 -0.27 2.92 -5.17
C LEU A 80 -1.76 3.22 -5.00
N ILE A 81 -2.05 4.08 -4.04
CA ILE A 81 -3.42 4.46 -3.75
C ILE A 81 -4.12 4.84 -5.06
N ASN A 82 -3.35 5.43 -5.96
CA ASN A 82 -3.87 5.84 -7.25
C ASN A 82 -4.35 4.60 -8.01
N ALA A 83 -3.46 3.61 -8.08
CA ALA A 83 -3.79 2.38 -8.77
C ALA A 83 -5.01 1.73 -8.13
N LEU A 84 -4.94 1.62 -6.80
CA LEU A 84 -6.04 1.02 -6.05
C LEU A 84 -7.36 1.61 -6.54
N ASN A 85 -7.36 2.92 -6.74
CA ASN A 85 -8.55 3.61 -7.20
C ASN A 85 -9.04 2.97 -8.51
N LYS A 86 -8.26 3.16 -9.55
CA LYS A 86 -8.60 2.61 -10.85
C LYS A 86 -8.83 1.10 -10.72
N SER A 87 -8.01 0.48 -9.88
CA SER A 87 -8.11 -0.95 -9.64
C SER A 87 -9.44 -1.27 -8.97
N GLY A 88 -10.13 -0.23 -8.54
CA GLY A 88 -11.41 -0.39 -7.88
C GLY A 88 -11.24 -0.95 -6.47
N LEU A 89 -10.10 -0.62 -5.87
CA LEU A 89 -9.80 -1.09 -4.53
C LEU A 89 -9.93 0.09 -3.54
N SER A 90 -10.91 0.93 -3.81
CA SER A 90 -11.15 2.09 -2.96
C SER A 90 -10.89 1.73 -1.49
N ASP A 91 -11.36 0.55 -1.12
CA ASP A 91 -11.19 0.08 0.24
C ASP A 91 -9.75 0.33 0.68
N LEU A 92 -8.82 -0.17 -0.11
CA LEU A 92 -7.40 -0.01 0.18
C LEU A 92 -7.06 1.48 0.20
N ALA A 93 -7.24 2.12 -0.94
CA ALA A 93 -6.95 3.53 -1.07
C ALA A 93 -7.40 4.25 0.20
N GLU A 94 -8.66 4.07 0.53
CA GLU A 94 -9.23 4.69 1.72
C GLU A 94 -8.52 4.18 2.98
N SER A 95 -8.28 2.88 2.99
CA SER A 95 -7.62 2.24 4.13
C SER A 95 -6.29 2.97 4.41
N LEU A 96 -5.45 3.03 3.39
CA LEU A 96 -4.16 3.67 3.51
C LEU A 96 -4.37 5.12 3.97
N THR A 97 -4.82 5.94 3.04
CA THR A 97 -5.05 7.35 3.33
C THR A 97 -5.72 7.50 4.70
N ASN A 98 -6.76 6.70 4.91
CA ASN A 98 -7.49 6.74 6.15
C ASN A 98 -7.67 8.18 6.60
N ASP A 99 -8.77 8.78 6.17
CA ASP A 99 -9.05 10.17 6.51
C ASP A 99 -10.55 10.31 6.81
N ASN A 100 -10.96 11.54 7.04
CA ASN A 100 -12.36 11.83 7.34
C ASN A 100 -12.79 10.98 8.54
N GLU A 101 -12.77 11.62 9.71
CA GLU A 101 -13.17 10.94 10.93
C GLU A 101 -13.57 11.96 11.99
N THR A 102 -14.14 11.46 13.08
CA THR A 102 -14.55 12.32 14.18
C THR A 102 -13.51 13.39 14.44
N ASN A 103 -13.96 14.63 14.37
CA ASN A 103 -13.08 15.77 14.60
C ASN A 103 -13.17 16.19 16.07
N SER A 104 -12.26 17.07 16.46
CA SER A 104 -12.23 17.56 17.83
C SER A 104 -11.97 19.07 17.83
N SER A 105 -12.65 19.76 18.74
CA SER A 105 -12.50 21.20 18.87
C SER A 105 -11.21 21.53 19.63
N GLY A 106 -10.79 22.78 19.50
CA GLY A 106 -9.58 23.23 20.17
C GLY A 106 -8.35 22.54 19.60
N PRO A 107 -7.18 23.24 19.71
CA PRO A 107 -5.94 22.70 19.22
C PRO A 107 -5.40 21.61 20.15
N SER A 108 -6.15 20.52 20.22
CA SER A 108 -5.76 19.39 21.05
C SER A 108 -5.82 18.10 20.26
N SER A 109 -4.87 17.21 20.54
CA SER A 109 -4.80 15.94 19.86
C SER A 109 -4.94 14.79 20.86
N GLY A 110 -6.06 14.11 20.78
CA GLY A 110 -6.33 13.00 21.67
C GLY A 110 -7.39 12.06 21.08
N GLY A 1 0.41 16.33 30.87
CA GLY A 1 1.76 16.10 30.38
C GLY A 1 2.10 17.08 29.25
N SER A 2 2.24 18.34 29.62
CA SER A 2 2.56 19.37 28.65
C SER A 2 1.50 19.40 27.55
N SER A 3 1.53 20.47 26.78
CA SER A 3 0.58 20.64 25.69
C SER A 3 1.31 20.57 24.34
N GLY A 4 0.53 20.35 23.29
CA GLY A 4 1.08 20.26 21.95
C GLY A 4 0.59 19.00 21.25
N SER A 5 0.93 17.86 21.84
CA SER A 5 0.53 16.58 21.27
C SER A 5 1.28 16.32 19.97
N SER A 6 0.94 17.11 18.96
CA SER A 6 1.58 16.98 17.66
C SER A 6 1.07 15.72 16.95
N GLY A 7 -0.08 15.87 16.31
CA GLY A 7 -0.69 14.76 15.59
C GLY A 7 -0.11 14.65 14.18
N PRO A 8 -0.47 13.52 13.51
CA PRO A 8 0.00 13.27 12.16
C PRO A 8 -0.74 14.15 11.15
N ASP A 9 -0.08 14.39 10.03
CA ASP A 9 -0.67 15.21 8.98
C ASP A 9 0.06 14.94 7.66
N VAL A 10 -0.59 14.16 6.80
CA VAL A 10 -0.02 13.82 5.51
C VAL A 10 1.25 13.00 5.73
N ARG A 11 1.40 11.97 4.91
CA ARG A 11 2.56 11.10 4.99
C ARG A 11 2.53 10.07 3.87
N ARG A 12 2.72 10.55 2.65
CA ARG A 12 2.73 9.70 1.49
C ARG A 12 3.61 10.28 0.38
N ASP A 13 4.90 10.33 0.68
CA ASP A 13 5.87 10.87 -0.27
C ASP A 13 7.01 9.86 -0.45
N LYS A 14 7.49 9.35 0.67
CA LYS A 14 8.57 8.38 0.65
C LYS A 14 8.04 7.02 0.19
N PRO A 15 8.98 6.17 -0.28
CA PRO A 15 8.62 4.84 -0.76
C PRO A 15 8.29 3.91 0.41
N VAL A 16 7.20 3.17 0.24
CA VAL A 16 6.78 2.23 1.27
C VAL A 16 7.96 1.38 1.72
N THR A 17 7.91 0.95 2.96
CA THR A 17 8.97 0.12 3.52
C THR A 17 8.39 -1.14 4.15
N GLY A 18 9.28 -2.08 4.44
CA GLY A 18 8.86 -3.33 5.05
C GLY A 18 7.80 -3.10 6.12
N GLU A 19 7.96 -2.00 6.85
CA GLU A 19 7.03 -1.65 7.90
C GLU A 19 5.62 -1.44 7.32
N GLN A 20 5.58 -0.67 6.24
CA GLN A 20 4.32 -0.38 5.58
C GLN A 20 3.86 -1.59 4.76
N ILE A 21 4.78 -2.09 3.96
CA ILE A 21 4.49 -3.24 3.11
C ILE A 21 3.63 -4.23 3.89
N GLU A 22 4.25 -4.86 4.87
CA GLU A 22 3.56 -5.84 5.71
C GLU A 22 2.14 -5.36 6.00
N VAL A 23 2.04 -4.13 6.46
CA VAL A 23 0.74 -3.55 6.79
C VAL A 23 -0.15 -3.60 5.54
N PHE A 24 0.31 -2.95 4.50
CA PHE A 24 -0.43 -2.91 3.25
C PHE A 24 -0.93 -4.30 2.86
N ALA A 25 0.00 -5.24 2.88
CA ALA A 25 -0.32 -6.62 2.54
C ALA A 25 -1.67 -6.99 3.17
N ASN A 26 -1.69 -7.00 4.49
CA ASN A 26 -2.90 -7.35 5.22
C ASN A 26 -4.09 -6.63 4.57
N LYS A 27 -3.88 -5.35 4.28
CA LYS A 27 -4.93 -4.55 3.67
C LYS A 27 -5.26 -5.12 2.29
N LEU A 28 -4.24 -5.16 1.44
CA LEU A 28 -4.41 -5.67 0.10
C LEU A 28 -5.21 -6.97 0.15
N GLY A 29 -4.59 -7.99 0.73
CA GLY A 29 -5.22 -9.29 0.85
C GLY A 29 -5.18 -10.04 -0.48
N GLU A 30 -6.35 -10.41 -0.95
CA GLU A 30 -6.48 -11.13 -2.21
C GLU A 30 -6.58 -10.16 -3.38
N GLN A 31 -6.56 -8.87 -3.05
CA GLN A 31 -6.65 -7.83 -4.05
C GLN A 31 -5.29 -7.65 -4.75
N TRP A 32 -4.31 -8.39 -4.27
CA TRP A 32 -2.97 -8.31 -4.83
C TRP A 32 -3.07 -8.67 -6.32
N LYS A 33 -4.00 -9.56 -6.62
CA LYS A 33 -4.20 -9.99 -7.99
C LYS A 33 -4.95 -8.90 -8.76
N ILE A 34 -5.47 -7.95 -8.01
CA ILE A 34 -6.21 -6.84 -8.61
C ILE A 34 -5.25 -5.68 -8.86
N LEU A 35 -4.20 -5.62 -8.05
CA LEU A 35 -3.22 -4.56 -8.17
C LEU A 35 -2.05 -5.06 -9.03
N ALA A 36 -2.01 -6.38 -9.22
CA ALA A 36 -0.97 -6.98 -10.01
C ALA A 36 -1.03 -6.44 -11.45
N PRO A 37 -2.26 -6.48 -12.02
CA PRO A 37 -2.47 -6.00 -13.37
C PRO A 37 -2.47 -4.47 -13.42
N TYR A 38 -2.27 -3.88 -12.25
CA TYR A 38 -2.23 -2.43 -12.15
C TYR A 38 -0.89 -1.95 -11.59
N LEU A 39 -0.04 -2.91 -11.26
CA LEU A 39 1.27 -2.60 -10.72
C LEU A 39 2.33 -2.87 -11.79
N GLU A 40 1.86 -3.24 -12.96
CA GLU A 40 2.75 -3.52 -14.07
C GLU A 40 3.58 -4.78 -13.78
N MET A 41 2.89 -5.82 -13.35
CA MET A 41 3.55 -7.07 -13.03
C MET A 41 3.64 -7.97 -14.27
N LYS A 42 4.13 -9.19 -14.04
CA LYS A 42 4.27 -10.14 -15.13
C LYS A 42 3.45 -11.39 -14.82
N ASP A 43 2.78 -11.89 -15.84
CA ASP A 43 1.95 -13.07 -15.69
C ASP A 43 2.69 -14.10 -14.83
N SER A 44 3.97 -14.27 -15.13
CA SER A 44 4.80 -15.20 -14.40
C SER A 44 4.96 -14.74 -12.94
N GLU A 45 5.43 -13.51 -12.79
CA GLU A 45 5.63 -12.94 -11.47
C GLU A 45 4.46 -13.29 -10.56
N ILE A 46 3.27 -12.92 -11.00
CA ILE A 46 2.06 -13.20 -10.24
C ILE A 46 2.01 -14.67 -9.88
N ARG A 47 2.35 -15.50 -10.86
CA ARG A 47 2.34 -16.95 -10.67
C ARG A 47 3.43 -17.34 -9.67
N GLN A 48 4.52 -16.58 -9.69
CA GLN A 48 5.63 -16.85 -8.80
C GLN A 48 5.22 -16.60 -7.35
N ILE A 49 4.74 -15.40 -7.09
CA ILE A 49 4.30 -15.03 -5.75
C ILE A 49 3.49 -16.17 -5.15
N GLU A 50 2.29 -16.35 -5.69
CA GLU A 50 1.41 -17.41 -5.21
C GLU A 50 2.22 -18.65 -4.87
N CYS A 51 3.04 -19.07 -5.82
CA CYS A 51 3.88 -20.25 -5.63
C CYS A 51 4.67 -20.07 -4.33
N ASP A 52 5.36 -18.94 -4.24
CA ASP A 52 6.16 -18.65 -3.06
C ASP A 52 5.34 -18.97 -1.80
N SER A 53 4.22 -18.26 -1.66
CA SER A 53 3.35 -18.45 -0.52
C SER A 53 1.89 -18.50 -0.97
N GLU A 54 1.12 -19.33 -0.29
CA GLU A 54 -0.28 -19.47 -0.62
C GLU A 54 -1.14 -18.75 0.42
N ASP A 55 -0.59 -17.65 0.93
CA ASP A 55 -1.29 -16.86 1.94
C ASP A 55 -1.60 -15.48 1.35
N MET A 56 -2.90 -15.19 1.27
CA MET A 56 -3.34 -13.91 0.74
C MET A 56 -2.42 -12.78 1.19
N LYS A 57 -2.16 -12.75 2.49
CA LYS A 57 -1.29 -11.73 3.06
C LYS A 57 0.06 -11.76 2.35
N MET A 58 0.73 -12.90 2.48
CA MET A 58 2.03 -13.07 1.85
C MET A 58 2.00 -12.60 0.39
N ARG A 59 1.11 -13.22 -0.37
CA ARG A 59 0.97 -12.89 -1.78
C ARG A 59 1.09 -11.37 -1.98
N ALA A 60 0.19 -10.65 -1.31
CA ALA A 60 0.19 -9.20 -1.40
C ALA A 60 1.57 -8.66 -1.05
N LYS A 61 2.00 -8.97 0.17
CA LYS A 61 3.30 -8.53 0.63
C LYS A 61 4.34 -8.74 -0.47
N GLN A 62 4.39 -9.97 -0.97
CA GLN A 62 5.32 -10.30 -2.03
C GLN A 62 5.19 -9.33 -3.19
N LEU A 63 3.95 -9.09 -3.59
CA LEU A 63 3.66 -8.18 -4.68
C LEU A 63 4.24 -6.80 -4.36
N LEU A 64 3.93 -6.34 -3.16
CA LEU A 64 4.40 -5.03 -2.71
C LEU A 64 5.93 -5.00 -2.79
N VAL A 65 6.54 -6.08 -2.34
CA VAL A 65 8.00 -6.19 -2.36
C VAL A 65 8.49 -6.09 -3.81
N ALA A 66 8.03 -7.03 -4.63
CA ALA A 66 8.42 -7.05 -6.02
C ALA A 66 8.05 -5.73 -6.67
N TRP A 67 6.94 -5.17 -6.23
CA TRP A 67 6.46 -3.90 -6.76
C TRP A 67 7.36 -2.80 -6.20
N GLN A 68 7.97 -3.08 -5.06
CA GLN A 68 8.85 -2.12 -4.41
C GLN A 68 10.28 -2.28 -4.93
N ASP A 69 10.55 -3.47 -5.47
CA ASP A 69 11.87 -3.75 -6.00
C ASP A 69 11.96 -3.24 -7.43
N GLN A 70 10.87 -3.42 -8.16
CA GLN A 70 10.80 -2.99 -9.55
C GLN A 70 10.77 -1.46 -9.62
N GLU A 71 9.88 -0.88 -8.83
CA GLU A 71 9.73 0.56 -8.79
C GLU A 71 10.84 1.19 -7.95
N GLY A 72 11.39 0.38 -7.05
CA GLY A 72 12.46 0.84 -6.18
C GLY A 72 11.96 1.92 -5.22
N VAL A 73 12.50 3.11 -5.38
CA VAL A 73 12.12 4.23 -4.54
C VAL A 73 10.84 4.87 -5.09
N HIS A 74 10.46 4.43 -6.28
CA HIS A 74 9.26 4.94 -6.92
C HIS A 74 8.03 4.29 -6.30
N ALA A 75 8.28 3.25 -5.52
CA ALA A 75 7.20 2.54 -4.85
C ALA A 75 6.75 3.31 -3.62
N THR A 76 5.76 4.17 -3.83
CA THR A 76 5.23 4.98 -2.75
C THR A 76 3.79 4.59 -2.44
N PRO A 77 3.30 5.03 -1.25
CA PRO A 77 1.95 4.73 -0.82
C PRO A 77 0.94 5.60 -1.58
N GLU A 78 1.37 6.82 -1.90
CA GLU A 78 0.52 7.75 -2.62
C GLU A 78 0.18 7.19 -4.00
N ASN A 79 1.17 6.57 -4.63
CA ASN A 79 0.99 5.99 -5.95
C ASN A 79 0.12 4.73 -5.83
N LEU A 80 0.52 3.86 -4.93
CA LEU A 80 -0.21 2.62 -4.71
C LEU A 80 -1.70 2.93 -4.59
N ILE A 81 -2.00 3.96 -3.80
CA ILE A 81 -3.38 4.36 -3.59
C ILE A 81 -4.01 4.71 -4.94
N ASN A 82 -3.27 5.46 -5.74
CA ASN A 82 -3.73 5.86 -7.05
C ASN A 82 -4.22 4.64 -7.82
N ALA A 83 -3.32 3.67 -7.97
CA ALA A 83 -3.65 2.45 -8.67
C ALA A 83 -4.92 1.83 -8.08
N LEU A 84 -4.89 1.68 -6.76
CA LEU A 84 -6.02 1.10 -6.05
C LEU A 84 -7.32 1.73 -6.58
N ASN A 85 -7.33 3.06 -6.60
CA ASN A 85 -8.49 3.79 -7.07
C ASN A 85 -8.94 3.20 -8.41
N LYS A 86 -8.11 3.39 -9.42
CA LYS A 86 -8.41 2.88 -10.75
C LYS A 86 -8.75 1.39 -10.65
N SER A 87 -7.93 0.68 -9.89
CA SER A 87 -8.12 -0.75 -9.72
C SER A 87 -9.48 -1.01 -9.07
N GLY A 88 -10.07 0.05 -8.54
CA GLY A 88 -11.37 -0.05 -7.90
C GLY A 88 -11.22 -0.57 -6.46
N LEU A 89 -10.05 -0.34 -5.91
CA LEU A 89 -9.78 -0.78 -4.54
C LEU A 89 -9.93 0.41 -3.59
N SER A 90 -10.94 1.23 -3.87
CA SER A 90 -11.20 2.40 -3.05
C SER A 90 -10.94 2.06 -1.57
N ASP A 91 -11.44 0.90 -1.17
CA ASP A 91 -11.26 0.47 0.21
C ASP A 91 -9.81 0.68 0.63
N LEU A 92 -8.91 -0.01 -0.06
CA LEU A 92 -7.50 0.08 0.23
C LEU A 92 -7.09 1.56 0.27
N ALA A 93 -7.24 2.20 -0.89
CA ALA A 93 -6.89 3.61 -1.00
C ALA A 93 -7.31 4.34 0.27
N GLU A 94 -8.58 4.19 0.61
CA GLU A 94 -9.12 4.82 1.80
C GLU A 94 -8.37 4.35 3.05
N SER A 95 -8.12 3.04 3.09
CA SER A 95 -7.42 2.45 4.20
C SER A 95 -6.11 3.20 4.46
N LEU A 96 -5.29 3.25 3.42
CA LEU A 96 -4.00 3.94 3.52
C LEU A 96 -4.24 5.40 3.90
N THR A 97 -4.85 6.13 2.97
CA THR A 97 -5.14 7.53 3.18
C THR A 97 -5.55 7.77 4.64
N ASN A 98 -6.81 7.48 4.93
CA ASN A 98 -7.33 7.65 6.28
C ASN A 98 -7.28 9.14 6.64
N ASP A 99 -7.86 9.45 7.79
CA ASP A 99 -7.90 10.82 8.27
C ASP A 99 -6.50 11.45 8.09
N ASN A 100 -6.47 12.77 8.24
CA ASN A 100 -5.22 13.50 8.10
C ASN A 100 -4.74 13.40 6.65
N GLU A 101 -5.10 14.41 5.87
CA GLU A 101 -4.71 14.44 4.47
C GLU A 101 -5.25 15.71 3.81
N THR A 102 -4.31 16.58 3.46
CA THR A 102 -4.67 17.84 2.81
C THR A 102 -4.02 17.94 1.43
N ASN A 103 -4.78 18.51 0.50
CA ASN A 103 -4.29 18.67 -0.86
C ASN A 103 -3.80 20.10 -1.05
N SER A 104 -2.50 20.21 -1.31
CA SER A 104 -1.89 21.51 -1.51
C SER A 104 -1.04 21.50 -2.79
N SER A 105 -1.43 22.34 -3.74
CA SER A 105 -0.71 22.42 -5.00
C SER A 105 -0.92 23.81 -5.62
N GLY A 106 0.17 24.34 -6.17
CA GLY A 106 0.11 25.65 -6.79
C GLY A 106 1.48 26.35 -6.69
N PRO A 107 1.40 27.70 -6.46
CA PRO A 107 2.61 28.50 -6.34
C PRO A 107 3.29 28.26 -4.99
N SER A 108 4.30 27.40 -5.01
CA SER A 108 5.04 27.09 -3.80
C SER A 108 6.22 26.17 -4.13
N SER A 109 7.40 26.74 -4.06
CA SER A 109 8.61 25.99 -4.36
C SER A 109 9.83 26.67 -3.72
N GLY A 110 10.37 26.01 -2.71
CA GLY A 110 11.52 26.54 -2.01
C GLY A 110 11.36 28.04 -1.73
N GLY A 1 -7.93 24.76 9.32
CA GLY A 1 -7.06 25.34 8.32
C GLY A 1 -6.37 24.25 7.49
N SER A 2 -5.05 24.38 7.39
CA SER A 2 -4.26 23.41 6.64
C SER A 2 -3.52 22.49 7.61
N SER A 3 -3.74 21.19 7.41
CA SER A 3 -3.10 20.19 8.25
C SER A 3 -3.10 20.65 9.71
N GLY A 4 -4.16 20.25 10.42
CA GLY A 4 -4.29 20.61 11.82
C GLY A 4 -5.14 19.59 12.57
N SER A 5 -6.21 20.09 13.17
CA SER A 5 -7.12 19.24 13.92
C SER A 5 -7.38 17.94 13.15
N SER A 6 -7.84 18.10 11.91
CA SER A 6 -8.13 16.96 11.07
C SER A 6 -7.13 16.91 9.91
N GLY A 7 -7.04 15.72 9.30
CA GLY A 7 -6.13 15.53 8.18
C GLY A 7 -4.79 15.00 8.67
N PRO A 8 -4.19 14.09 7.84
CA PRO A 8 -2.91 13.50 8.17
C PRO A 8 -1.77 14.50 7.94
N ASP A 9 -0.55 14.03 8.15
CA ASP A 9 0.63 14.86 7.97
C ASP A 9 1.28 14.54 6.63
N VAL A 10 0.50 14.71 5.56
CA VAL A 10 0.99 14.44 4.22
C VAL A 10 1.78 13.12 4.24
N ARG A 11 1.16 12.10 4.78
CA ARG A 11 1.79 10.79 4.87
C ARG A 11 1.91 10.18 3.47
N ARG A 12 2.64 10.87 2.61
CA ARG A 12 2.84 10.40 1.25
C ARG A 12 3.90 11.25 0.54
N ASP A 13 5.04 10.62 0.30
CA ASP A 13 6.14 11.31 -0.37
C ASP A 13 7.30 10.33 -0.56
N LYS A 14 7.56 9.55 0.48
CA LYS A 14 8.63 8.58 0.44
C LYS A 14 8.07 7.22 0.02
N PRO A 15 9.00 6.34 -0.45
CA PRO A 15 8.60 5.01 -0.89
C PRO A 15 8.30 4.10 0.31
N VAL A 16 7.19 3.40 0.21
CA VAL A 16 6.77 2.50 1.27
C VAL A 16 7.96 1.65 1.71
N THR A 17 7.85 1.10 2.91
CA THR A 17 8.91 0.27 3.46
C THR A 17 8.33 -0.98 4.13
N GLY A 18 9.20 -1.93 4.41
CA GLY A 18 8.79 -3.16 5.05
C GLY A 18 7.73 -2.91 6.12
N GLU A 19 7.96 -1.84 6.87
CA GLU A 19 7.04 -1.47 7.94
C GLU A 19 5.64 -1.25 7.37
N GLN A 20 5.58 -0.52 6.26
CA GLN A 20 4.32 -0.24 5.61
C GLN A 20 3.83 -1.46 4.82
N ILE A 21 4.72 -1.94 3.96
CA ILE A 21 4.39 -3.11 3.13
C ILE A 21 3.60 -4.10 3.97
N GLU A 22 4.27 -4.67 4.96
CA GLU A 22 3.65 -5.65 5.83
C GLU A 22 2.19 -5.24 6.13
N VAL A 23 2.04 -4.00 6.56
CA VAL A 23 0.73 -3.47 6.88
C VAL A 23 -0.16 -3.55 5.64
N PHE A 24 0.29 -2.89 4.59
CA PHE A 24 -0.45 -2.88 3.35
C PHE A 24 -0.93 -4.29 2.97
N ALA A 25 0.02 -5.21 2.97
CA ALA A 25 -0.29 -6.59 2.64
C ALA A 25 -1.65 -6.97 3.25
N ASN A 26 -1.69 -6.95 4.57
CA ASN A 26 -2.91 -7.30 5.28
C ASN A 26 -4.09 -6.58 4.62
N LYS A 27 -3.90 -5.29 4.36
CA LYS A 27 -4.92 -4.48 3.73
C LYS A 27 -5.25 -5.06 2.35
N LEU A 28 -4.21 -5.13 1.52
CA LEU A 28 -4.37 -5.66 0.17
C LEU A 28 -5.20 -6.93 0.22
N GLY A 29 -4.63 -7.96 0.82
CA GLY A 29 -5.30 -9.24 0.94
C GLY A 29 -5.24 -10.02 -0.37
N GLU A 30 -6.41 -10.38 -0.88
CA GLU A 30 -6.51 -11.12 -2.12
C GLU A 30 -6.57 -10.16 -3.30
N GLN A 31 -6.52 -8.88 -2.99
CA GLN A 31 -6.57 -7.85 -4.02
C GLN A 31 -5.19 -7.66 -4.66
N TRP A 32 -4.23 -8.43 -4.15
CA TRP A 32 -2.88 -8.37 -4.67
C TRP A 32 -2.90 -8.78 -6.14
N LYS A 33 -3.93 -9.54 -6.49
CA LYS A 33 -4.08 -10.01 -7.85
C LYS A 33 -4.81 -8.94 -8.68
N ILE A 34 -5.37 -7.97 -7.96
CA ILE A 34 -6.10 -6.89 -8.61
C ILE A 34 -5.16 -5.71 -8.82
N LEU A 35 -4.11 -5.67 -8.00
CA LEU A 35 -3.13 -4.60 -8.09
C LEU A 35 -1.95 -5.07 -8.96
N ALA A 36 -1.90 -6.37 -9.17
CA ALA A 36 -0.84 -6.96 -9.99
C ALA A 36 -0.92 -6.40 -11.41
N PRO A 37 -2.15 -6.48 -11.97
CA PRO A 37 -2.38 -6.00 -13.34
C PRO A 37 -2.42 -4.47 -13.37
N TYR A 38 -2.24 -3.87 -12.20
CA TYR A 38 -2.25 -2.43 -12.08
C TYR A 38 -0.90 -1.91 -11.56
N LEU A 39 -0.03 -2.85 -11.26
CA LEU A 39 1.29 -2.52 -10.74
C LEU A 39 2.33 -2.70 -11.85
N GLU A 40 1.84 -3.00 -13.04
CA GLU A 40 2.70 -3.20 -14.19
C GLU A 40 3.68 -4.35 -13.92
N MET A 41 3.13 -5.46 -13.43
CA MET A 41 3.93 -6.62 -13.12
C MET A 41 3.96 -7.59 -14.30
N LYS A 42 4.56 -8.75 -14.07
CA LYS A 42 4.66 -9.77 -15.10
C LYS A 42 3.81 -10.97 -14.70
N ASP A 43 3.03 -11.45 -15.66
CA ASP A 43 2.17 -12.59 -15.43
C ASP A 43 2.94 -13.66 -14.65
N SER A 44 4.15 -13.94 -15.13
CA SER A 44 4.99 -14.93 -14.49
C SER A 44 5.09 -14.65 -12.98
N GLU A 45 5.42 -13.40 -12.67
CA GLU A 45 5.54 -13.00 -11.28
C GLU A 45 4.28 -13.39 -10.50
N ILE A 46 3.15 -12.96 -11.01
CA ILE A 46 1.88 -13.26 -10.37
C ILE A 46 1.79 -14.76 -10.09
N ARG A 47 2.28 -15.54 -11.05
CA ARG A 47 2.27 -16.98 -10.92
C ARG A 47 3.27 -17.43 -9.85
N GLN A 48 4.43 -16.80 -9.87
CA GLN A 48 5.48 -17.12 -8.92
C GLN A 48 4.96 -16.97 -7.49
N ILE A 49 4.66 -15.73 -7.14
CA ILE A 49 4.15 -15.44 -5.80
C ILE A 49 3.11 -16.50 -5.41
N GLU A 50 2.03 -16.54 -6.18
CA GLU A 50 0.97 -17.49 -5.93
C GLU A 50 1.56 -18.83 -5.45
N CYS A 51 2.73 -19.15 -6.01
CA CYS A 51 3.40 -20.38 -5.66
C CYS A 51 4.29 -20.13 -4.44
N ASP A 52 5.17 -19.15 -4.59
CA ASP A 52 6.08 -18.79 -3.52
C ASP A 52 5.34 -18.86 -2.19
N SER A 53 4.14 -18.31 -2.18
CA SER A 53 3.31 -18.31 -0.98
C SER A 53 1.94 -18.89 -1.28
N GLU A 54 1.32 -19.45 -0.26
CA GLU A 54 0.01 -20.05 -0.40
C GLU A 54 -1.06 -19.09 0.12
N ASP A 55 -0.82 -18.57 1.31
CA ASP A 55 -1.75 -17.64 1.93
C ASP A 55 -1.91 -16.41 1.03
N MET A 56 -2.92 -15.61 1.35
CA MET A 56 -3.19 -14.41 0.59
C MET A 56 -2.32 -13.23 1.08
N LYS A 57 -2.20 -13.15 2.39
CA LYS A 57 -1.41 -12.09 3.00
C LYS A 57 0.00 -12.11 2.39
N MET A 58 0.65 -13.25 2.51
CA MET A 58 1.99 -13.41 1.98
C MET A 58 2.07 -12.92 0.53
N ARG A 59 1.26 -13.54 -0.31
CA ARG A 59 1.24 -13.18 -1.71
C ARG A 59 1.19 -11.65 -1.88
N ALA A 60 0.30 -11.04 -1.12
CA ALA A 60 0.16 -9.60 -1.16
C ALA A 60 1.49 -8.94 -0.83
N LYS A 61 2.02 -9.28 0.33
CA LYS A 61 3.29 -8.73 0.77
C LYS A 61 4.31 -8.84 -0.38
N GLN A 62 4.52 -10.08 -0.82
CA GLN A 62 5.45 -10.32 -1.90
C GLN A 62 5.33 -9.25 -2.98
N LEU A 63 4.13 -9.16 -3.53
CA LEU A 63 3.86 -8.18 -4.58
C LEU A 63 4.45 -6.82 -4.16
N LEU A 64 3.86 -6.26 -3.12
CA LEU A 64 4.31 -4.98 -2.62
C LEU A 64 5.84 -4.93 -2.64
N VAL A 65 6.44 -6.03 -2.22
CA VAL A 65 7.89 -6.13 -2.19
C VAL A 65 8.44 -6.00 -3.61
N ALA A 66 8.06 -6.96 -4.44
CA ALA A 66 8.50 -6.96 -5.83
C ALA A 66 8.17 -5.61 -6.47
N TRP A 67 7.00 -5.10 -6.11
CA TRP A 67 6.54 -3.82 -6.64
C TRP A 67 7.46 -2.73 -6.07
N GLN A 68 7.90 -2.94 -4.84
CA GLN A 68 8.77 -1.99 -4.18
C GLN A 68 10.19 -2.10 -4.73
N ASP A 69 10.60 -3.33 -5.00
CA ASP A 69 11.92 -3.58 -5.52
C ASP A 69 11.94 -3.30 -7.03
N GLN A 70 10.76 -3.41 -7.63
CA GLN A 70 10.62 -3.16 -9.05
C GLN A 70 10.75 -1.66 -9.34
N GLU A 71 9.75 -0.91 -8.89
CA GLU A 71 9.74 0.53 -9.09
C GLU A 71 10.94 1.17 -8.41
N GLY A 72 11.31 0.61 -7.26
CA GLY A 72 12.43 1.12 -6.50
C GLY A 72 11.97 2.15 -5.45
N VAL A 73 12.46 3.36 -5.62
CA VAL A 73 12.11 4.43 -4.70
C VAL A 73 10.81 5.10 -5.18
N HIS A 74 10.43 4.77 -6.39
CA HIS A 74 9.22 5.32 -6.98
C HIS A 74 7.99 4.68 -6.31
N ALA A 75 8.21 3.50 -5.76
CA ALA A 75 7.14 2.78 -5.08
C ALA A 75 6.68 3.58 -3.86
N THR A 76 5.68 4.43 -4.09
CA THR A 76 5.15 5.25 -3.02
C THR A 76 3.71 4.84 -2.70
N PRO A 77 3.23 5.28 -1.51
CA PRO A 77 1.88 4.97 -1.07
C PRO A 77 0.86 5.82 -1.84
N GLU A 78 1.33 6.94 -2.34
CA GLU A 78 0.46 7.84 -3.10
C GLU A 78 0.16 7.26 -4.48
N ASN A 79 1.19 6.67 -5.08
CA ASN A 79 1.05 6.08 -6.39
C ASN A 79 0.24 4.80 -6.28
N LEU A 80 0.61 3.99 -5.29
CA LEU A 80 -0.07 2.72 -5.06
C LEU A 80 -1.57 2.98 -4.90
N ILE A 81 -1.89 3.99 -4.09
CA ILE A 81 -3.27 4.35 -3.83
C ILE A 81 -3.94 4.73 -5.15
N ASN A 82 -3.22 5.51 -5.94
CA ASN A 82 -3.74 5.95 -7.23
C ASN A 82 -4.17 4.73 -8.04
N ALA A 83 -3.35 3.69 -7.99
CA ALA A 83 -3.63 2.47 -8.72
C ALA A 83 -4.87 1.80 -8.11
N LEU A 84 -4.87 1.71 -6.79
CA LEU A 84 -5.99 1.10 -6.08
C LEU A 84 -7.30 1.72 -6.58
N ASN A 85 -7.29 3.04 -6.66
CA ASN A 85 -8.47 3.76 -7.12
C ASN A 85 -8.97 3.14 -8.42
N LYS A 86 -8.13 3.23 -9.44
CA LYS A 86 -8.47 2.69 -10.75
C LYS A 86 -8.79 1.19 -10.60
N SER A 87 -7.96 0.51 -9.84
CA SER A 87 -8.13 -0.92 -9.61
C SER A 87 -9.47 -1.16 -8.92
N GLY A 88 -10.07 -0.09 -8.43
CA GLY A 88 -11.35 -0.19 -7.75
C GLY A 88 -11.17 -0.68 -6.31
N LEU A 89 -9.98 -0.46 -5.79
CA LEU A 89 -9.67 -0.87 -4.43
C LEU A 89 -9.84 0.32 -3.49
N SER A 90 -10.85 1.13 -3.78
CA SER A 90 -11.13 2.30 -2.97
C SER A 90 -10.89 1.99 -1.49
N ASP A 91 -11.30 0.79 -1.09
CA ASP A 91 -11.13 0.36 0.28
C ASP A 91 -9.68 0.60 0.71
N LEU A 92 -8.77 -0.04 -0.01
CA LEU A 92 -7.36 0.09 0.30
C LEU A 92 -6.98 1.57 0.32
N ALA A 93 -7.14 2.21 -0.83
CA ALA A 93 -6.82 3.63 -0.96
C ALA A 93 -7.21 4.35 0.33
N GLU A 94 -8.51 4.32 0.62
CA GLU A 94 -9.02 4.96 1.82
C GLU A 94 -8.26 4.46 3.05
N SER A 95 -8.20 3.14 3.19
CA SER A 95 -7.51 2.54 4.31
C SER A 95 -6.20 3.27 4.58
N LEU A 96 -5.31 3.22 3.60
CA LEU A 96 -4.02 3.87 3.71
C LEU A 96 -4.23 5.34 4.10
N THR A 97 -4.75 6.10 3.15
CA THR A 97 -5.01 7.51 3.38
C THR A 97 -5.51 7.74 4.80
N ASN A 98 -6.79 7.44 5.00
CA ASN A 98 -7.40 7.61 6.32
C ASN A 98 -7.19 9.05 6.79
N ASP A 99 -7.90 9.39 7.86
CA ASP A 99 -7.79 10.73 8.42
C ASP A 99 -7.70 10.63 9.94
N ASN A 100 -6.50 10.34 10.42
CA ASN A 100 -6.27 10.22 11.85
C ASN A 100 -4.78 10.44 12.14
N GLU A 101 -4.48 10.56 13.43
CA GLU A 101 -3.10 10.76 13.85
C GLU A 101 -2.63 9.60 14.72
N THR A 102 -1.69 8.84 14.19
CA THR A 102 -1.16 7.69 14.91
C THR A 102 0.25 7.37 14.41
N ASN A 103 1.00 6.67 15.26
CA ASN A 103 2.36 6.29 14.92
C ASN A 103 2.93 5.42 16.04
N SER A 104 2.66 4.13 15.94
CA SER A 104 3.14 3.18 16.94
C SER A 104 2.29 3.28 18.21
N SER A 105 2.24 4.49 18.75
CA SER A 105 1.46 4.73 19.95
C SER A 105 0.92 6.16 19.96
N GLY A 106 1.85 7.11 19.85
CA GLY A 106 1.48 8.51 19.83
C GLY A 106 2.13 9.26 20.99
N PRO A 107 2.65 10.48 20.67
CA PRO A 107 3.31 11.31 21.68
C PRO A 107 2.28 11.95 22.62
N SER A 108 2.33 11.52 23.87
CA SER A 108 1.42 12.05 24.87
C SER A 108 1.45 13.58 24.85
N SER A 109 0.42 14.16 24.23
CA SER A 109 0.32 15.60 24.14
C SER A 109 0.59 16.23 25.51
N GLY A 110 1.62 17.06 25.55
CA GLY A 110 1.99 17.74 26.78
C GLY A 110 2.51 19.14 26.49
N GLY A 1 -8.97 20.23 26.32
CA GLY A 1 -8.50 19.07 25.58
C GLY A 1 -7.20 19.38 24.84
N SER A 2 -6.37 18.35 24.72
CA SER A 2 -5.09 18.51 24.05
C SER A 2 -5.14 17.82 22.68
N SER A 3 -4.29 18.30 21.78
CA SER A 3 -4.23 17.75 20.44
C SER A 3 -2.83 17.18 20.18
N GLY A 4 -2.73 16.37 19.13
CA GLY A 4 -1.47 15.77 18.76
C GLY A 4 -0.39 16.83 18.54
N SER A 5 0.85 16.37 18.50
CA SER A 5 1.98 17.27 18.30
C SER A 5 2.99 16.64 17.34
N SER A 6 3.48 15.48 17.73
CA SER A 6 4.45 14.76 16.92
C SER A 6 3.77 13.58 16.21
N GLY A 7 3.38 13.84 14.98
CA GLY A 7 2.71 12.81 14.18
C GLY A 7 2.66 13.22 12.71
N PRO A 8 3.63 12.66 11.92
CA PRO A 8 3.70 12.95 10.51
C PRO A 8 2.60 12.21 9.74
N ASP A 9 1.37 12.68 9.92
CA ASP A 9 0.24 12.08 9.25
C ASP A 9 0.19 12.56 7.79
N VAL A 10 -0.57 11.83 6.99
CA VAL A 10 -0.71 12.16 5.58
C VAL A 10 0.61 12.76 5.08
N ARG A 11 1.49 11.87 4.63
CA ARG A 11 2.78 12.29 4.12
C ARG A 11 2.90 11.94 2.64
N ARG A 12 2.66 10.68 2.35
CA ARG A 12 2.74 10.19 0.97
C ARG A 12 3.79 10.99 0.20
N ASP A 13 5.03 10.53 0.28
CA ASP A 13 6.12 11.19 -0.41
C ASP A 13 7.24 10.18 -0.64
N LYS A 14 7.56 9.44 0.42
CA LYS A 14 8.62 8.45 0.34
C LYS A 14 8.02 7.10 -0.07
N PRO A 15 8.90 6.20 -0.56
CA PRO A 15 8.47 4.88 -0.98
C PRO A 15 8.18 3.98 0.22
N VAL A 16 7.02 3.36 0.20
CA VAL A 16 6.61 2.48 1.28
C VAL A 16 7.81 1.64 1.73
N THR A 17 7.82 1.33 3.01
CA THR A 17 8.90 0.54 3.58
C THR A 17 8.34 -0.74 4.22
N GLY A 18 9.25 -1.66 4.49
CA GLY A 18 8.87 -2.93 5.11
C GLY A 18 7.80 -2.71 6.18
N GLU A 19 7.92 -1.59 6.88
CA GLU A 19 6.99 -1.26 7.94
C GLU A 19 5.59 -1.07 7.36
N GLN A 20 5.53 -0.30 6.28
CA GLN A 20 4.25 -0.03 5.63
C GLN A 20 3.87 -1.19 4.72
N ILE A 21 4.84 -1.63 3.93
CA ILE A 21 4.61 -2.73 3.01
C ILE A 21 3.81 -3.83 3.73
N GLU A 22 4.44 -4.40 4.75
CA GLU A 22 3.81 -5.46 5.52
C GLU A 22 2.36 -5.08 5.84
N VAL A 23 2.18 -3.86 6.32
CA VAL A 23 0.86 -3.36 6.67
C VAL A 23 -0.03 -3.43 5.43
N PHE A 24 0.44 -2.82 4.36
CA PHE A 24 -0.31 -2.79 3.11
C PHE A 24 -0.84 -4.19 2.76
N ALA A 25 0.08 -5.15 2.75
CA ALA A 25 -0.29 -6.52 2.43
C ALA A 25 -1.60 -6.87 3.14
N ASN A 26 -1.54 -6.90 4.46
CA ASN A 26 -2.72 -7.21 5.25
C ASN A 26 -3.94 -6.52 4.65
N LYS A 27 -3.76 -5.25 4.33
CA LYS A 27 -4.83 -4.46 3.74
C LYS A 27 -5.20 -5.05 2.38
N LEU A 28 -4.18 -5.21 1.55
CA LEU A 28 -4.37 -5.75 0.22
C LEU A 28 -5.20 -7.04 0.31
N GLY A 29 -4.60 -8.03 0.95
CA GLY A 29 -5.26 -9.31 1.12
C GLY A 29 -5.24 -10.12 -0.18
N GLU A 30 -6.42 -10.26 -0.78
CA GLU A 30 -6.55 -11.00 -2.01
C GLU A 30 -6.62 -10.04 -3.21
N GLN A 31 -6.50 -8.75 -2.89
CA GLN A 31 -6.55 -7.72 -3.90
C GLN A 31 -5.18 -7.58 -4.57
N TRP A 32 -4.23 -8.35 -4.08
CA TRP A 32 -2.88 -8.31 -4.62
C TRP A 32 -2.94 -8.73 -6.09
N LYS A 33 -3.97 -9.50 -6.40
CA LYS A 33 -4.16 -9.98 -7.77
C LYS A 33 -4.91 -8.92 -8.57
N ILE A 34 -5.44 -7.95 -7.85
CA ILE A 34 -6.18 -6.87 -8.49
C ILE A 34 -5.25 -5.69 -8.76
N LEU A 35 -4.16 -5.66 -8.00
CA LEU A 35 -3.18 -4.60 -8.14
C LEU A 35 -2.04 -5.09 -9.04
N ALA A 36 -2.01 -6.39 -9.24
CA ALA A 36 -0.97 -7.00 -10.07
C ALA A 36 -1.11 -6.46 -11.50
N PRO A 37 -2.36 -6.52 -12.02
CA PRO A 37 -2.64 -6.06 -13.37
C PRO A 37 -2.65 -4.53 -13.43
N TYR A 38 -2.43 -3.92 -12.27
CA TYR A 38 -2.41 -2.48 -12.18
C TYR A 38 -1.03 -1.97 -11.74
N LEU A 39 -0.20 -2.92 -11.33
CA LEU A 39 1.15 -2.59 -10.89
C LEU A 39 2.14 -2.87 -12.02
N GLU A 40 1.59 -2.99 -13.23
CA GLU A 40 2.41 -3.26 -14.39
C GLU A 40 3.41 -4.37 -14.09
N MET A 41 2.87 -5.49 -13.61
CA MET A 41 3.71 -6.64 -13.28
C MET A 41 3.78 -7.61 -14.45
N LYS A 42 4.35 -8.78 -14.17
CA LYS A 42 4.49 -9.80 -15.19
C LYS A 42 3.57 -10.99 -14.86
N ASP A 43 2.96 -11.53 -15.90
CA ASP A 43 2.06 -12.67 -15.71
C ASP A 43 2.75 -13.73 -14.88
N SER A 44 4.00 -14.01 -15.23
CA SER A 44 4.79 -15.00 -14.52
C SER A 44 4.96 -14.60 -13.06
N GLU A 45 5.38 -13.35 -12.87
CA GLU A 45 5.59 -12.83 -11.54
C GLU A 45 4.40 -13.15 -10.65
N ILE A 46 3.21 -12.85 -11.17
CA ILE A 46 1.99 -13.11 -10.43
C ILE A 46 1.89 -14.60 -10.11
N ARG A 47 2.24 -15.41 -11.09
CA ARG A 47 2.20 -16.85 -10.92
C ARG A 47 3.26 -17.30 -9.93
N GLN A 48 4.35 -16.55 -9.88
CA GLN A 48 5.45 -16.86 -8.98
C GLN A 48 5.01 -16.66 -7.53
N ILE A 49 4.62 -15.44 -7.23
CA ILE A 49 4.18 -15.11 -5.88
C ILE A 49 3.20 -16.18 -5.40
N GLU A 50 2.16 -16.39 -6.18
CA GLU A 50 1.14 -17.37 -5.85
C GLU A 50 1.81 -18.68 -5.40
N CYS A 51 2.80 -19.09 -6.16
CA CYS A 51 3.53 -20.31 -5.86
C CYS A 51 4.32 -20.10 -4.58
N ASP A 52 5.10 -19.02 -4.57
CA ASP A 52 5.91 -18.69 -3.41
C ASP A 52 5.12 -18.97 -2.14
N SER A 53 3.97 -18.30 -2.03
CA SER A 53 3.12 -18.46 -0.87
C SER A 53 1.67 -18.68 -1.32
N GLU A 54 0.96 -19.51 -0.57
CA GLU A 54 -0.43 -19.81 -0.88
C GLU A 54 -1.34 -18.78 -0.21
N ASP A 55 -1.00 -18.41 1.01
CA ASP A 55 -1.78 -17.44 1.75
C ASP A 55 -1.86 -16.14 0.96
N MET A 56 -2.97 -15.44 1.14
CA MET A 56 -3.18 -14.18 0.45
C MET A 56 -2.26 -13.09 1.02
N LYS A 57 -2.34 -12.92 2.32
CA LYS A 57 -1.53 -11.92 3.00
C LYS A 57 -0.08 -12.01 2.49
N MET A 58 0.43 -13.22 2.47
CA MET A 58 1.79 -13.45 2.01
C MET A 58 1.95 -13.01 0.55
N ARG A 59 1.12 -13.58 -0.31
CA ARG A 59 1.16 -13.25 -1.72
C ARG A 59 1.14 -11.73 -1.91
N ALA A 60 0.30 -11.09 -1.12
CA ALA A 60 0.17 -9.64 -1.20
C ALA A 60 1.51 -8.99 -0.87
N LYS A 61 2.05 -9.37 0.27
CA LYS A 61 3.33 -8.83 0.72
C LYS A 61 4.36 -9.02 -0.39
N GLN A 62 4.60 -10.28 -0.73
CA GLN A 62 5.56 -10.60 -1.77
C GLN A 62 5.44 -9.61 -2.93
N LEU A 63 4.20 -9.37 -3.34
CA LEU A 63 3.93 -8.45 -4.43
C LEU A 63 4.48 -7.06 -4.07
N LEU A 64 4.00 -6.55 -2.94
CA LEU A 64 4.42 -5.25 -2.48
C LEU A 64 5.96 -5.18 -2.48
N VAL A 65 6.56 -6.28 -2.09
CA VAL A 65 8.02 -6.37 -2.04
C VAL A 65 8.57 -6.22 -3.46
N ALA A 66 8.11 -7.10 -4.34
CA ALA A 66 8.55 -7.08 -5.73
C ALA A 66 8.24 -5.71 -6.33
N TRP A 67 7.00 -5.29 -6.15
CA TRP A 67 6.55 -4.01 -6.67
C TRP A 67 7.46 -2.92 -6.10
N GLN A 68 7.86 -3.13 -4.85
CA GLN A 68 8.72 -2.17 -4.18
C GLN A 68 10.11 -2.16 -4.83
N ASP A 69 10.75 -3.33 -4.79
CA ASP A 69 12.08 -3.47 -5.37
C ASP A 69 12.01 -3.13 -6.87
N GLN A 70 10.84 -3.36 -7.44
CA GLN A 70 10.64 -3.09 -8.85
C GLN A 70 10.69 -1.60 -9.12
N GLU A 71 9.79 -0.87 -8.48
CA GLU A 71 9.73 0.57 -8.64
C GLU A 71 10.88 1.23 -7.88
N GLY A 72 11.66 0.41 -7.20
CA GLY A 72 12.79 0.91 -6.44
C GLY A 72 12.34 1.91 -5.37
N VAL A 73 12.86 3.12 -5.49
CA VAL A 73 12.52 4.18 -4.55
C VAL A 73 11.36 5.00 -5.11
N HIS A 74 10.64 4.39 -6.05
CA HIS A 74 9.50 5.05 -6.67
C HIS A 74 8.20 4.50 -6.09
N ALA A 75 8.27 3.25 -5.66
CA ALA A 75 7.11 2.59 -5.08
C ALA A 75 6.60 3.41 -3.89
N THR A 76 5.70 4.33 -4.19
CA THR A 76 5.13 5.18 -3.16
C THR A 76 3.69 4.76 -2.86
N PRO A 77 3.18 5.24 -1.69
CA PRO A 77 1.82 4.92 -1.28
C PRO A 77 0.81 5.72 -2.09
N GLU A 78 1.25 6.87 -2.58
CA GLU A 78 0.39 7.73 -3.38
C GLU A 78 0.15 7.11 -4.76
N ASN A 79 1.20 6.49 -5.28
CA ASN A 79 1.11 5.86 -6.58
C ASN A 79 0.32 4.55 -6.46
N LEU A 80 0.52 3.89 -5.34
CA LEU A 80 -0.17 2.63 -5.09
C LEU A 80 -1.65 2.89 -4.88
N ILE A 81 -1.94 3.92 -4.09
CA ILE A 81 -3.31 4.29 -3.81
C ILE A 81 -4.02 4.67 -5.11
N ASN A 82 -3.31 5.43 -5.93
CA ASN A 82 -3.86 5.86 -7.21
C ASN A 82 -4.37 4.64 -7.97
N ALA A 83 -3.52 3.62 -8.02
CA ALA A 83 -3.87 2.39 -8.72
C ALA A 83 -5.10 1.77 -8.06
N LEU A 84 -5.02 1.63 -6.74
CA LEU A 84 -6.12 1.05 -5.99
C LEU A 84 -7.44 1.67 -6.44
N ASN A 85 -7.40 2.99 -6.60
CA ASN A 85 -8.59 3.72 -7.02
C ASN A 85 -9.13 3.09 -8.30
N LYS A 86 -8.36 3.24 -9.37
CA LYS A 86 -8.76 2.69 -10.66
C LYS A 86 -9.00 1.18 -10.51
N SER A 87 -8.21 0.56 -9.65
CA SER A 87 -8.33 -0.87 -9.41
C SER A 87 -9.66 -1.17 -8.71
N GLY A 88 -10.34 -0.10 -8.30
CA GLY A 88 -11.61 -0.24 -7.61
C GLY A 88 -11.41 -0.73 -6.19
N LEU A 89 -10.26 -0.41 -5.64
CA LEU A 89 -9.93 -0.81 -4.28
C LEU A 89 -10.04 0.40 -3.34
N SER A 90 -11.02 1.24 -3.64
CA SER A 90 -11.25 2.44 -2.84
C SER A 90 -11.03 2.12 -1.36
N ASP A 91 -11.32 0.88 -0.99
CA ASP A 91 -11.16 0.45 0.38
C ASP A 91 -9.72 0.68 0.81
N LEU A 92 -8.80 0.08 0.08
CA LEU A 92 -7.39 0.22 0.38
C LEU A 92 -7.01 1.70 0.36
N ALA A 93 -7.19 2.31 -0.80
CA ALA A 93 -6.87 3.71 -0.96
C ALA A 93 -7.33 4.48 0.28
N GLU A 94 -8.54 4.18 0.71
CA GLU A 94 -9.10 4.83 1.88
C GLU A 94 -8.39 4.35 3.15
N SER A 95 -8.19 3.04 3.22
CA SER A 95 -7.53 2.45 4.37
C SER A 95 -6.15 3.09 4.57
N LEU A 96 -5.41 3.17 3.48
CA LEU A 96 -4.08 3.76 3.51
C LEU A 96 -4.19 5.23 3.92
N THR A 97 -5.05 5.94 3.21
CA THR A 97 -5.25 7.36 3.48
C THR A 97 -6.31 7.54 4.57
N ASN A 98 -6.44 6.51 5.40
CA ASN A 98 -7.40 6.55 6.49
C ASN A 98 -7.46 7.96 7.06
N ASP A 99 -8.47 8.71 6.64
CA ASP A 99 -8.65 10.07 7.10
C ASP A 99 -10.03 10.58 6.67
N ASN A 100 -10.16 10.78 5.36
CA ASN A 100 -11.40 11.26 4.80
C ASN A 100 -11.33 11.21 3.28
N GLU A 101 -12.43 11.60 2.65
CA GLU A 101 -12.51 11.60 1.20
C GLU A 101 -12.55 13.03 0.67
N THR A 102 -11.44 13.73 0.83
CA THR A 102 -11.34 15.10 0.38
C THR A 102 -10.01 15.33 -0.36
N ASN A 103 -10.12 15.88 -1.56
CA ASN A 103 -8.95 16.15 -2.36
C ASN A 103 -8.33 17.47 -1.92
N SER A 104 -7.08 17.67 -2.33
CA SER A 104 -6.36 18.87 -1.97
C SER A 104 -6.35 19.85 -3.16
N SER A 105 -5.99 21.09 -2.87
CA SER A 105 -5.94 22.10 -3.90
C SER A 105 -4.53 22.18 -4.49
N GLY A 106 -4.45 22.79 -5.66
CA GLY A 106 -3.17 22.93 -6.34
C GLY A 106 -2.68 24.39 -6.30
N PRO A 107 -1.49 24.60 -6.92
CA PRO A 107 -0.90 25.93 -6.96
C PRO A 107 -1.64 26.83 -7.96
N SER A 108 -1.22 28.08 -7.99
CA SER A 108 -1.83 29.05 -8.89
C SER A 108 -0.85 30.19 -9.18
N SER A 109 -1.06 30.85 -10.31
CA SER A 109 -0.21 31.96 -10.70
C SER A 109 1.21 31.46 -10.99
N GLY A 110 1.85 32.12 -11.94
CA GLY A 110 3.21 31.75 -12.32
C GLY A 110 3.95 32.93 -12.92
N GLY A 1 -11.57 27.21 22.92
CA GLY A 1 -11.63 26.96 21.49
C GLY A 1 -10.29 26.49 20.96
N SER A 2 -9.83 27.15 19.90
CA SER A 2 -8.56 26.80 19.29
C SER A 2 -8.59 25.35 18.81
N SER A 3 -7.68 25.05 17.90
CA SER A 3 -7.59 23.70 17.36
C SER A 3 -6.88 22.78 18.36
N GLY A 4 -7.67 21.90 18.96
CA GLY A 4 -7.13 20.95 19.94
C GLY A 4 -7.00 19.55 19.34
N SER A 5 -6.19 19.45 18.30
CA SER A 5 -5.98 18.18 17.63
C SER A 5 -4.93 18.34 16.52
N SER A 6 -4.08 17.32 16.42
CA SER A 6 -3.04 17.34 15.41
C SER A 6 -3.64 17.67 14.04
N GLY A 7 -4.59 16.83 13.63
CA GLY A 7 -5.24 17.01 12.35
C GLY A 7 -4.92 15.85 11.40
N PRO A 8 -4.90 16.18 10.08
CA PRO A 8 -4.61 15.18 9.07
C PRO A 8 -3.12 14.83 9.05
N ASP A 9 -2.83 13.66 8.49
CA ASP A 9 -1.46 13.20 8.41
C ASP A 9 -0.93 13.43 6.99
N VAL A 10 0.36 13.72 6.91
CA VAL A 10 1.00 13.97 5.63
C VAL A 10 2.01 12.87 5.35
N ARG A 11 1.52 11.65 5.25
CA ARG A 11 2.36 10.51 4.97
C ARG A 11 2.09 9.95 3.58
N ARG A 12 2.80 10.50 2.60
CA ARG A 12 2.64 10.07 1.23
C ARG A 12 3.59 10.84 0.31
N ASP A 13 4.87 10.59 0.52
CA ASP A 13 5.90 11.26 -0.28
C ASP A 13 7.04 10.28 -0.56
N LYS A 14 7.43 9.55 0.49
CA LYS A 14 8.50 8.59 0.36
C LYS A 14 7.91 7.22 -0.02
N PRO A 15 8.80 6.33 -0.54
CA PRO A 15 8.37 5.01 -0.94
C PRO A 15 8.14 4.11 0.28
N VAL A 16 7.06 3.35 0.21
CA VAL A 16 6.71 2.45 1.29
C VAL A 16 7.94 1.64 1.70
N THR A 17 7.91 1.15 2.93
CA THR A 17 9.01 0.36 3.45
C THR A 17 8.49 -0.94 4.07
N GLY A 18 9.43 -1.80 4.42
CA GLY A 18 9.08 -3.09 5.02
C GLY A 18 8.05 -2.89 6.14
N GLU A 19 8.10 -1.72 6.75
CA GLU A 19 7.17 -1.41 7.84
C GLU A 19 5.76 -1.20 7.28
N GLN A 20 5.70 -0.44 6.19
CA GLN A 20 4.42 -0.15 5.56
C GLN A 20 3.94 -1.37 4.76
N ILE A 21 4.88 -1.97 4.03
CA ILE A 21 4.56 -3.13 3.22
C ILE A 21 3.72 -4.11 4.05
N GLU A 22 4.39 -4.72 5.03
CA GLU A 22 3.73 -5.68 5.90
C GLU A 22 2.29 -5.22 6.19
N VAL A 23 2.17 -3.95 6.56
CA VAL A 23 0.86 -3.38 6.88
C VAL A 23 -0.03 -3.50 5.65
N PHE A 24 0.39 -2.86 4.58
CA PHE A 24 -0.36 -2.88 3.34
C PHE A 24 -0.81 -4.29 2.99
N ALA A 25 0.13 -5.21 3.04
CA ALA A 25 -0.15 -6.60 2.73
C ALA A 25 -1.49 -6.99 3.35
N ASN A 26 -1.57 -6.83 4.67
CA ASN A 26 -2.78 -7.16 5.39
C ASN A 26 -3.97 -6.47 4.72
N LYS A 27 -3.75 -5.23 4.32
CA LYS A 27 -4.79 -4.45 3.66
C LYS A 27 -5.11 -5.09 2.31
N LEU A 28 -4.13 -5.05 1.42
CA LEU A 28 -4.30 -5.62 0.09
C LEU A 28 -5.09 -6.92 0.20
N GLY A 29 -4.46 -7.91 0.82
CA GLY A 29 -5.10 -9.21 0.99
C GLY A 29 -5.10 -9.99 -0.33
N GLU A 30 -6.30 -10.32 -0.77
CA GLU A 30 -6.46 -11.07 -2.01
C GLU A 30 -6.54 -10.11 -3.20
N GLN A 31 -6.54 -8.83 -2.88
CA GLN A 31 -6.60 -7.80 -3.91
C GLN A 31 -5.24 -7.64 -4.58
N TRP A 32 -4.28 -8.41 -4.09
CA TRP A 32 -2.94 -8.35 -4.63
C TRP A 32 -3.00 -8.76 -6.10
N LYS A 33 -3.89 -9.69 -6.39
CA LYS A 33 -4.06 -10.17 -7.76
C LYS A 33 -4.86 -9.14 -8.56
N ILE A 34 -5.45 -8.21 -7.84
CA ILE A 34 -6.24 -7.16 -8.46
C ILE A 34 -5.35 -5.95 -8.75
N LEU A 35 -4.27 -5.85 -7.98
CA LEU A 35 -3.33 -4.76 -8.13
C LEU A 35 -2.16 -5.22 -9.01
N ALA A 36 -2.11 -6.52 -9.24
CA ALA A 36 -1.05 -7.10 -10.04
C ALA A 36 -1.15 -6.55 -11.47
N PRO A 37 -2.39 -6.62 -12.03
CA PRO A 37 -2.63 -6.14 -13.37
C PRO A 37 -2.67 -4.61 -13.41
N TYR A 38 -2.50 -4.02 -12.24
CA TYR A 38 -2.50 -2.57 -12.12
C TYR A 38 -1.16 -2.05 -11.60
N LEU A 39 -0.26 -2.99 -11.34
CA LEU A 39 1.06 -2.65 -10.84
C LEU A 39 2.08 -2.81 -11.96
N GLU A 40 1.58 -3.18 -13.14
CA GLU A 40 2.43 -3.37 -14.30
C GLU A 40 3.41 -4.53 -14.05
N MET A 41 2.87 -5.61 -13.52
CA MET A 41 3.69 -6.78 -13.23
C MET A 41 3.73 -7.73 -14.43
N LYS A 42 4.27 -8.91 -14.18
CA LYS A 42 4.38 -9.92 -15.23
C LYS A 42 3.63 -11.19 -14.79
N ASP A 43 3.01 -11.84 -15.76
CA ASP A 43 2.27 -13.05 -15.49
C ASP A 43 3.15 -14.00 -14.66
N SER A 44 4.37 -14.20 -15.15
CA SER A 44 5.31 -15.07 -14.46
C SER A 44 5.37 -14.72 -12.97
N GLU A 45 5.42 -13.42 -12.71
CA GLU A 45 5.49 -12.94 -11.35
C GLU A 45 4.24 -13.36 -10.57
N ILE A 46 3.10 -12.94 -11.09
CA ILE A 46 1.82 -13.27 -10.48
C ILE A 46 1.78 -14.76 -10.14
N ARG A 47 2.25 -15.56 -11.09
CA ARG A 47 2.28 -16.99 -10.92
C ARG A 47 3.33 -17.39 -9.88
N GLN A 48 4.38 -16.59 -9.82
CA GLN A 48 5.47 -16.83 -8.88
C GLN A 48 4.98 -16.61 -7.45
N ILE A 49 4.48 -15.41 -7.20
CA ILE A 49 3.98 -15.06 -5.89
C ILE A 49 2.94 -16.10 -5.44
N GLU A 50 2.02 -16.38 -6.35
CA GLU A 50 0.97 -17.35 -6.08
C GLU A 50 1.57 -18.66 -5.59
N CYS A 51 2.66 -19.06 -6.23
CA CYS A 51 3.34 -20.29 -5.88
C CYS A 51 4.13 -20.05 -4.59
N ASP A 52 4.87 -18.95 -4.59
CA ASP A 52 5.68 -18.60 -3.43
C ASP A 52 4.88 -18.90 -2.16
N SER A 53 3.72 -18.28 -2.06
CA SER A 53 2.87 -18.47 -0.90
C SER A 53 1.43 -18.74 -1.35
N GLU A 54 0.68 -19.40 -0.48
CA GLU A 54 -0.71 -19.72 -0.78
C GLU A 54 -1.62 -18.61 -0.26
N ASP A 55 -1.44 -18.27 1.00
CA ASP A 55 -2.25 -17.22 1.62
C ASP A 55 -2.08 -15.92 0.83
N MET A 56 -3.15 -15.15 0.80
CA MET A 56 -3.14 -13.88 0.09
C MET A 56 -2.22 -12.87 0.79
N LYS A 57 -2.36 -12.79 2.10
CA LYS A 57 -1.55 -11.87 2.89
C LYS A 57 -0.10 -11.95 2.41
N MET A 58 0.43 -13.16 2.40
CA MET A 58 1.79 -13.38 1.97
C MET A 58 2.00 -12.92 0.52
N ARG A 59 1.15 -13.44 -0.35
CA ARG A 59 1.22 -13.09 -1.76
C ARG A 59 1.22 -11.57 -1.94
N ALA A 60 0.37 -10.91 -1.17
CA ALA A 60 0.27 -9.47 -1.23
C ALA A 60 1.62 -8.86 -0.87
N LYS A 61 2.05 -9.13 0.36
CA LYS A 61 3.32 -8.60 0.84
C LYS A 61 4.37 -8.73 -0.27
N GLN A 62 4.52 -9.95 -0.75
CA GLN A 62 5.48 -10.22 -1.81
C GLN A 62 5.30 -9.23 -2.96
N LEU A 63 4.04 -9.05 -3.36
CA LEU A 63 3.73 -8.13 -4.44
C LEU A 63 4.27 -6.74 -4.09
N LEU A 64 3.86 -6.25 -2.94
CA LEU A 64 4.29 -4.94 -2.48
C LEU A 64 5.83 -4.87 -2.52
N VAL A 65 6.44 -5.98 -2.15
CA VAL A 65 7.89 -6.06 -2.13
C VAL A 65 8.41 -5.98 -3.57
N ALA A 66 8.04 -6.98 -4.36
CA ALA A 66 8.47 -7.04 -5.75
C ALA A 66 8.08 -5.73 -6.44
N TRP A 67 6.98 -5.15 -5.99
CA TRP A 67 6.50 -3.90 -6.56
C TRP A 67 7.36 -2.77 -6.02
N GLN A 68 7.94 -3.01 -4.85
CA GLN A 68 8.79 -2.03 -4.21
C GLN A 68 10.23 -2.17 -4.72
N ASP A 69 10.58 -3.39 -5.10
CA ASP A 69 11.92 -3.66 -5.61
C ASP A 69 12.00 -3.25 -7.08
N GLN A 70 10.91 -3.52 -7.80
CA GLN A 70 10.85 -3.19 -9.21
C GLN A 70 10.81 -1.67 -9.40
N GLU A 71 9.96 -1.03 -8.62
CA GLU A 71 9.81 0.41 -8.69
C GLU A 71 11.04 1.10 -8.08
N GLY A 72 11.49 0.55 -6.97
CA GLY A 72 12.65 1.09 -6.28
C GLY A 72 12.23 2.12 -5.24
N VAL A 73 12.62 3.37 -5.49
CA VAL A 73 12.30 4.46 -4.59
C VAL A 73 11.04 5.16 -5.09
N HIS A 74 10.40 4.55 -6.08
CA HIS A 74 9.19 5.12 -6.65
C HIS A 74 7.97 4.41 -6.05
N ALA A 75 8.23 3.34 -5.32
CA ALA A 75 7.17 2.59 -4.69
C ALA A 75 6.58 3.41 -3.54
N THR A 76 5.73 4.36 -3.92
CA THR A 76 5.10 5.22 -2.93
C THR A 76 3.65 4.79 -2.72
N PRO A 77 3.08 5.25 -1.57
CA PRO A 77 1.70 4.92 -1.24
C PRO A 77 0.72 5.73 -2.08
N GLU A 78 1.11 6.96 -2.37
CA GLU A 78 0.29 7.85 -3.16
C GLU A 78 0.11 7.29 -4.58
N ASN A 79 1.13 6.59 -5.03
CA ASN A 79 1.11 5.99 -6.35
C ASN A 79 0.24 4.73 -6.33
N LEU A 80 0.50 3.89 -5.33
CA LEU A 80 -0.24 2.65 -5.19
C LEU A 80 -1.73 2.98 -5.00
N ILE A 81 -1.98 3.97 -4.15
CA ILE A 81 -3.34 4.39 -3.87
C ILE A 81 -4.05 4.72 -5.20
N ASN A 82 -3.33 5.45 -6.04
CA ASN A 82 -3.87 5.85 -7.33
C ASN A 82 -4.35 4.61 -8.08
N ALA A 83 -3.50 3.59 -8.09
CA ALA A 83 -3.82 2.35 -8.77
C ALA A 83 -5.03 1.70 -8.09
N LEU A 84 -4.96 1.63 -6.78
CA LEU A 84 -6.05 1.05 -6.00
C LEU A 84 -7.38 1.64 -6.47
N ASN A 85 -7.36 2.94 -6.74
CA ASN A 85 -8.55 3.63 -7.20
C ASN A 85 -9.06 2.97 -8.47
N LYS A 86 -8.29 3.12 -9.54
CA LYS A 86 -8.65 2.54 -10.81
C LYS A 86 -8.90 1.04 -10.64
N SER A 87 -8.10 0.44 -9.76
CA SER A 87 -8.22 -0.98 -9.50
C SER A 87 -9.56 -1.28 -8.82
N GLY A 88 -10.24 -0.21 -8.45
CA GLY A 88 -11.54 -0.35 -7.79
C GLY A 88 -11.37 -0.84 -6.35
N LEU A 89 -10.24 -0.50 -5.77
CA LEU A 89 -9.94 -0.90 -4.40
C LEU A 89 -10.01 0.32 -3.49
N SER A 90 -10.99 1.17 -3.77
CA SER A 90 -11.17 2.38 -2.97
C SER A 90 -10.87 2.09 -1.50
N ASP A 91 -11.33 0.94 -1.06
CA ASP A 91 -11.12 0.53 0.33
C ASP A 91 -9.65 0.74 0.70
N LEU A 92 -8.78 0.14 -0.10
CA LEU A 92 -7.34 0.24 0.13
C LEU A 92 -6.94 1.72 0.11
N ALA A 93 -7.16 2.34 -1.03
CA ALA A 93 -6.82 3.75 -1.20
C ALA A 93 -7.13 4.50 0.11
N GLU A 94 -8.29 4.17 0.67
CA GLU A 94 -8.71 4.80 1.91
C GLU A 94 -7.96 4.21 3.10
N SER A 95 -8.00 2.88 3.18
CA SER A 95 -7.33 2.17 4.25
C SER A 95 -5.99 2.85 4.56
N LEU A 96 -5.25 3.14 3.50
CA LEU A 96 -3.96 3.78 3.65
C LEU A 96 -4.15 5.19 4.22
N THR A 97 -4.97 5.97 3.54
CA THR A 97 -5.24 7.33 3.97
C THR A 97 -6.14 7.33 5.20
N ASN A 98 -5.63 6.71 6.26
CA ASN A 98 -6.38 6.63 7.50
C ASN A 98 -5.41 6.70 8.68
N ASP A 99 -5.80 7.49 9.68
CA ASP A 99 -4.97 7.66 10.86
C ASP A 99 -5.80 8.29 11.97
N ASN A 100 -6.28 9.50 11.70
CA ASN A 100 -7.09 10.22 12.66
C ASN A 100 -8.07 9.25 13.33
N GLU A 101 -7.87 9.06 14.62
CA GLU A 101 -8.73 8.16 15.38
C GLU A 101 -8.58 8.42 16.88
N THR A 102 -9.23 9.49 17.32
CA THR A 102 -9.19 9.86 18.72
C THR A 102 -10.60 10.06 19.27
N ASN A 103 -10.73 9.89 20.58
CA ASN A 103 -12.01 10.05 21.24
C ASN A 103 -11.84 10.89 22.49
N SER A 104 -12.67 11.93 22.59
CA SER A 104 -12.61 12.83 23.73
C SER A 104 -13.96 12.83 24.46
N SER A 105 -13.91 12.60 25.75
CA SER A 105 -15.12 12.57 26.57
C SER A 105 -14.75 12.53 28.05
N GLY A 106 -14.57 13.71 28.62
CA GLY A 106 -14.22 13.83 30.03
C GLY A 106 -14.94 15.01 30.67
N PRO A 107 -15.29 14.82 31.98
CA PRO A 107 -15.98 15.86 32.72
C PRO A 107 -15.02 17.00 33.10
N SER A 108 -15.59 18.04 33.68
CA SER A 108 -14.80 19.19 34.09
C SER A 108 -14.19 18.94 35.48
N SER A 109 -13.26 19.81 35.84
CA SER A 109 -12.61 19.69 37.13
C SER A 109 -12.89 20.93 37.98
N GLY A 110 -12.86 20.74 39.29
CA GLY A 110 -13.11 21.82 40.21
C GLY A 110 -12.07 22.94 40.05
N GLY A 1 -11.45 22.71 5.13
CA GLY A 1 -10.00 22.68 5.00
C GLY A 1 -9.34 22.21 6.30
N SER A 2 -8.05 22.47 6.39
CA SER A 2 -7.29 22.09 7.57
C SER A 2 -7.04 23.31 8.45
N SER A 3 -6.42 24.31 7.86
CA SER A 3 -6.11 25.54 8.56
C SER A 3 -5.31 25.22 9.83
N GLY A 4 -4.01 25.52 9.76
CA GLY A 4 -3.14 25.28 10.89
C GLY A 4 -1.98 24.35 10.49
N SER A 5 -0.77 24.84 10.70
CA SER A 5 0.42 24.07 10.36
C SER A 5 0.52 22.85 11.28
N SER A 6 0.00 21.74 10.79
CA SER A 6 0.03 20.50 11.55
C SER A 6 -0.08 19.30 10.60
N GLY A 7 1.02 18.56 10.50
CA GLY A 7 1.05 17.40 9.63
C GLY A 7 2.47 16.83 9.54
N PRO A 8 2.88 16.09 10.60
CA PRO A 8 4.20 15.49 10.65
C PRO A 8 4.28 14.28 9.73
N ASP A 9 5.47 13.69 9.68
CA ASP A 9 5.69 12.52 8.84
C ASP A 9 5.59 12.93 7.37
N VAL A 10 6.23 12.13 6.52
CA VAL A 10 6.22 12.40 5.10
C VAL A 10 4.85 12.01 4.52
N ARG A 11 4.04 13.02 4.30
CA ARG A 11 2.70 12.81 3.75
C ARG A 11 2.80 12.10 2.41
N ARG A 12 2.87 10.78 2.48
CA ARG A 12 2.96 9.98 1.26
C ARG A 12 3.85 10.66 0.23
N ASP A 13 5.15 10.44 0.37
CA ASP A 13 6.11 11.03 -0.54
C ASP A 13 7.23 10.03 -0.82
N LYS A 14 7.74 9.45 0.26
CA LYS A 14 8.81 8.47 0.14
C LYS A 14 8.21 7.09 -0.15
N PRO A 15 9.10 6.15 -0.56
CA PRO A 15 8.67 4.80 -0.88
C PRO A 15 8.36 4.01 0.38
N VAL A 16 7.31 3.20 0.31
CA VAL A 16 6.91 2.39 1.44
C VAL A 16 8.11 1.58 1.94
N THR A 17 8.02 1.16 3.20
CA THR A 17 9.08 0.38 3.80
C THR A 17 8.54 -0.94 4.34
N GLY A 18 9.46 -1.87 4.57
CA GLY A 18 9.08 -3.18 5.07
C GLY A 18 8.02 -3.06 6.17
N GLU A 19 8.08 -1.94 6.89
CA GLU A 19 7.14 -1.70 7.97
C GLU A 19 5.73 -1.46 7.40
N GLN A 20 5.68 -0.62 6.39
CA GLN A 20 4.41 -0.30 5.75
C GLN A 20 3.91 -1.49 4.92
N ILE A 21 4.83 -2.07 4.15
CA ILE A 21 4.49 -3.21 3.33
C ILE A 21 3.61 -4.17 4.12
N GLU A 22 4.23 -4.81 5.10
CA GLU A 22 3.51 -5.76 5.94
C GLU A 22 2.10 -5.24 6.25
N VAL A 23 2.04 -3.97 6.62
CA VAL A 23 0.77 -3.34 6.93
C VAL A 23 -0.12 -3.34 5.69
N PHE A 24 0.42 -2.78 4.62
CA PHE A 24 -0.31 -2.70 3.37
C PHE A 24 -0.84 -4.07 2.96
N ALA A 25 0.07 -5.04 2.92
CA ALA A 25 -0.30 -6.40 2.55
C ALA A 25 -1.66 -6.74 3.18
N ASN A 26 -1.66 -6.80 4.50
CA ASN A 26 -2.87 -7.11 5.23
C ASN A 26 -4.06 -6.42 4.57
N LYS A 27 -3.86 -5.15 4.25
CA LYS A 27 -4.91 -4.36 3.62
C LYS A 27 -5.23 -4.96 2.25
N LEU A 28 -4.19 -5.19 1.46
CA LEU A 28 -4.35 -5.77 0.15
C LEU A 28 -5.09 -7.10 0.26
N GLY A 29 -4.47 -8.04 0.95
CA GLY A 29 -5.06 -9.35 1.14
C GLY A 29 -5.05 -10.14 -0.17
N GLU A 30 -6.23 -10.32 -0.74
CA GLU A 30 -6.37 -11.06 -1.97
C GLU A 30 -6.55 -10.09 -3.15
N GLN A 31 -6.50 -8.81 -2.83
CA GLN A 31 -6.64 -7.78 -3.85
C GLN A 31 -5.30 -7.50 -4.53
N TRP A 32 -4.33 -8.34 -4.20
CA TRP A 32 -2.99 -8.20 -4.78
C TRP A 32 -3.09 -8.51 -6.27
N LYS A 33 -3.86 -9.55 -6.58
CA LYS A 33 -4.03 -9.96 -7.95
C LYS A 33 -4.78 -8.86 -8.72
N ILE A 34 -5.29 -7.91 -7.96
CA ILE A 34 -6.03 -6.80 -8.55
C ILE A 34 -5.07 -5.64 -8.80
N LEU A 35 -4.01 -5.59 -8.00
CA LEU A 35 -3.03 -4.54 -8.12
C LEU A 35 -1.87 -5.03 -9.01
N ALA A 36 -1.84 -6.34 -9.21
CA ALA A 36 -0.80 -6.95 -10.02
C ALA A 36 -0.90 -6.41 -11.45
N PRO A 37 -2.15 -6.48 -12.00
CA PRO A 37 -2.39 -6.01 -13.36
C PRO A 37 -2.41 -4.48 -13.41
N TYR A 38 -2.23 -3.87 -12.24
CA TYR A 38 -2.22 -2.43 -12.14
C TYR A 38 -0.86 -1.92 -11.64
N LEU A 39 0.02 -2.86 -11.35
CA LEU A 39 1.34 -2.52 -10.86
C LEU A 39 2.36 -2.73 -11.98
N GLU A 40 1.86 -3.19 -13.12
CA GLU A 40 2.71 -3.43 -14.26
C GLU A 40 3.72 -4.55 -13.95
N MET A 41 3.18 -5.66 -13.47
CA MET A 41 4.02 -6.80 -13.13
C MET A 41 4.10 -7.79 -14.28
N LYS A 42 4.73 -8.93 -14.01
CA LYS A 42 4.88 -9.96 -15.02
C LYS A 42 3.90 -11.09 -14.72
N ASP A 43 3.29 -11.60 -15.78
CA ASP A 43 2.33 -12.68 -15.65
C ASP A 43 2.99 -13.86 -14.92
N SER A 44 4.26 -14.04 -15.20
CA SER A 44 5.01 -15.12 -14.58
C SER A 44 5.18 -14.85 -13.08
N GLU A 45 5.33 -13.57 -12.75
CA GLU A 45 5.49 -13.16 -11.37
C GLU A 45 4.22 -13.45 -10.58
N ILE A 46 3.10 -12.96 -11.10
CA ILE A 46 1.82 -13.15 -10.45
C ILE A 46 1.65 -14.63 -10.10
N ARG A 47 2.14 -15.48 -10.99
CA ARG A 47 2.06 -16.91 -10.79
C ARG A 47 3.11 -17.37 -9.77
N GLN A 48 4.26 -16.72 -9.84
CA GLN A 48 5.36 -17.05 -8.94
C GLN A 48 4.94 -16.80 -7.49
N ILE A 49 4.61 -15.55 -7.21
CA ILE A 49 4.20 -15.18 -5.86
C ILE A 49 3.26 -16.25 -5.30
N GLU A 50 2.14 -16.42 -5.98
CA GLU A 50 1.16 -17.41 -5.56
C GLU A 50 1.86 -18.71 -5.14
N CYS A 51 2.77 -19.15 -6.00
CA CYS A 51 3.51 -20.37 -5.74
C CYS A 51 4.40 -20.14 -4.51
N ASP A 52 5.18 -19.07 -4.58
CA ASP A 52 6.08 -18.73 -3.49
C ASP A 52 5.35 -18.91 -2.15
N SER A 53 4.18 -18.28 -2.06
CA SER A 53 3.38 -18.36 -0.85
C SER A 53 1.90 -18.46 -1.22
N GLU A 54 1.25 -19.49 -0.70
CA GLU A 54 -0.16 -19.70 -0.96
C GLU A 54 -1.01 -19.01 0.12
N ASP A 55 -0.46 -17.94 0.66
CA ASP A 55 -1.14 -17.17 1.69
C ASP A 55 -1.50 -15.79 1.15
N MET A 56 -2.79 -15.50 1.15
CA MET A 56 -3.28 -14.22 0.66
C MET A 56 -2.31 -13.09 1.07
N LYS A 57 -2.13 -12.95 2.36
CA LYS A 57 -1.24 -11.92 2.89
C LYS A 57 0.12 -12.01 2.17
N MET A 58 0.79 -13.13 2.39
CA MET A 58 2.09 -13.35 1.78
C MET A 58 2.09 -12.90 0.32
N ARG A 59 1.14 -13.42 -0.44
CA ARG A 59 1.02 -13.07 -1.84
C ARG A 59 1.12 -11.56 -2.03
N ALA A 60 0.23 -10.84 -1.35
CA ALA A 60 0.21 -9.39 -1.43
C ALA A 60 1.60 -8.85 -1.06
N LYS A 61 2.02 -9.17 0.15
CA LYS A 61 3.31 -8.72 0.64
C LYS A 61 4.36 -8.94 -0.46
N GLN A 62 4.54 -10.20 -0.82
CA GLN A 62 5.51 -10.56 -1.85
C GLN A 62 5.41 -9.58 -3.03
N LEU A 63 4.18 -9.32 -3.44
CA LEU A 63 3.94 -8.42 -4.54
C LEU A 63 4.45 -7.02 -4.18
N LEU A 64 4.02 -6.54 -3.03
CA LEU A 64 4.43 -5.23 -2.55
C LEU A 64 5.95 -5.12 -2.63
N VAL A 65 6.61 -6.19 -2.20
CA VAL A 65 8.07 -6.22 -2.21
C VAL A 65 8.56 -6.11 -3.66
N ALA A 66 8.19 -7.09 -4.47
CA ALA A 66 8.58 -7.11 -5.87
C ALA A 66 8.20 -5.77 -6.51
N TRP A 67 7.11 -5.20 -6.02
CA TRP A 67 6.64 -3.94 -6.54
C TRP A 67 7.53 -2.82 -5.99
N GLN A 68 7.97 -3.03 -4.76
CA GLN A 68 8.84 -2.06 -4.10
C GLN A 68 10.24 -2.11 -4.69
N ASP A 69 10.64 -3.32 -5.11
CA ASP A 69 11.94 -3.52 -5.68
C ASP A 69 11.93 -3.06 -7.16
N GLN A 70 10.80 -3.31 -7.79
CA GLN A 70 10.64 -2.94 -9.19
C GLN A 70 10.52 -1.42 -9.32
N GLU A 71 9.55 -0.87 -8.61
CA GLU A 71 9.33 0.57 -8.64
C GLU A 71 10.42 1.30 -7.86
N GLY A 72 11.30 0.50 -7.26
CA GLY A 72 12.40 1.05 -6.49
C GLY A 72 11.89 2.05 -5.44
N VAL A 73 12.23 3.31 -5.66
CA VAL A 73 11.82 4.36 -4.75
C VAL A 73 10.48 4.93 -5.21
N HIS A 74 10.15 4.65 -6.47
CA HIS A 74 8.90 5.12 -7.03
C HIS A 74 7.72 4.39 -6.38
N ALA A 75 8.06 3.36 -5.63
CA ALA A 75 7.06 2.56 -4.95
C ALA A 75 6.58 3.32 -3.71
N THR A 76 5.75 4.32 -3.94
CA THR A 76 5.21 5.13 -2.86
C THR A 76 3.77 4.71 -2.55
N PRO A 77 3.31 5.11 -1.34
CA PRO A 77 1.95 4.79 -0.90
C PRO A 77 0.93 5.66 -1.61
N GLU A 78 1.37 6.85 -2.01
CA GLU A 78 0.51 7.79 -2.70
C GLU A 78 0.22 7.29 -4.12
N ASN A 79 1.14 6.47 -4.61
CA ASN A 79 1.00 5.92 -5.96
C ASN A 79 0.10 4.68 -5.91
N LEU A 80 0.47 3.76 -5.03
CA LEU A 80 -0.28 2.53 -4.87
C LEU A 80 -1.77 2.86 -4.75
N ILE A 81 -2.06 3.82 -3.89
CA ILE A 81 -3.44 4.24 -3.67
C ILE A 81 -4.07 4.59 -5.02
N ASN A 82 -3.37 5.41 -5.78
CA ASN A 82 -3.85 5.83 -7.08
C ASN A 82 -4.31 4.60 -7.87
N ALA A 83 -3.40 3.62 -7.96
CA ALA A 83 -3.71 2.40 -8.68
C ALA A 83 -4.93 1.74 -8.07
N LEU A 84 -4.88 1.56 -6.76
CA LEU A 84 -5.98 0.94 -6.03
C LEU A 84 -7.31 1.52 -6.54
N ASN A 85 -7.34 2.84 -6.61
CA ASN A 85 -8.53 3.54 -7.08
C ASN A 85 -9.00 2.91 -8.38
N LYS A 86 -8.23 3.15 -9.43
CA LYS A 86 -8.56 2.62 -10.75
C LYS A 86 -8.77 1.10 -10.64
N SER A 87 -7.98 0.49 -9.76
CA SER A 87 -8.06 -0.95 -9.55
C SER A 87 -9.38 -1.30 -8.89
N GLY A 88 -10.07 -0.27 -8.41
CA GLY A 88 -11.35 -0.46 -7.76
C GLY A 88 -11.16 -0.94 -6.32
N LEU A 89 -10.04 -0.54 -5.74
CA LEU A 89 -9.72 -0.93 -4.37
C LEU A 89 -9.86 0.30 -3.47
N SER A 90 -10.89 1.09 -3.75
CA SER A 90 -11.15 2.28 -2.97
C SER A 90 -10.84 2.03 -1.49
N ASP A 91 -11.31 0.88 -1.03
CA ASP A 91 -11.10 0.49 0.36
C ASP A 91 -9.64 0.75 0.74
N LEU A 92 -8.75 0.11 0.01
CA LEU A 92 -7.32 0.26 0.26
C LEU A 92 -6.96 1.74 0.22
N ALA A 93 -7.12 2.32 -0.95
CA ALA A 93 -6.81 3.73 -1.13
C ALA A 93 -7.22 4.50 0.12
N GLU A 94 -8.52 4.49 0.39
CA GLU A 94 -9.06 5.19 1.54
C GLU A 94 -8.35 4.71 2.82
N SER A 95 -8.28 3.40 2.96
CA SER A 95 -7.64 2.81 4.13
C SER A 95 -6.28 3.48 4.37
N LEU A 96 -5.43 3.38 3.36
CA LEU A 96 -4.10 3.95 3.44
C LEU A 96 -4.22 5.44 3.79
N THR A 97 -4.78 6.20 2.86
CA THR A 97 -4.95 7.63 3.06
C THR A 97 -5.36 7.92 4.50
N ASN A 98 -6.64 7.69 4.78
CA ASN A 98 -7.18 7.91 6.12
C ASN A 98 -7.04 9.40 6.46
N ASP A 99 -8.08 10.15 6.14
CA ASP A 99 -8.08 11.57 6.41
C ASP A 99 -9.54 12.04 6.59
N ASN A 100 -9.93 12.18 7.84
CA ASN A 100 -11.28 12.61 8.16
C ASN A 100 -11.30 13.19 9.57
N GLU A 101 -11.09 14.50 9.65
CA GLU A 101 -11.09 15.19 10.93
C GLU A 101 -10.26 14.40 11.95
N THR A 102 -8.98 14.23 11.62
CA THR A 102 -8.08 13.50 12.50
C THR A 102 -6.87 14.36 12.84
N ASN A 103 -6.70 14.61 14.13
CA ASN A 103 -5.59 15.42 14.61
C ASN A 103 -5.68 15.56 16.13
N SER A 104 -4.62 15.12 16.80
CA SER A 104 -4.58 15.18 18.24
C SER A 104 -5.70 14.34 18.85
N SER A 105 -5.39 13.71 19.97
CA SER A 105 -6.36 12.87 20.65
C SER A 105 -5.81 12.46 22.02
N GLY A 106 -6.32 13.12 23.06
CA GLY A 106 -5.89 12.83 24.41
C GLY A 106 -7.07 12.90 25.39
N PRO A 107 -6.76 12.67 26.68
CA PRO A 107 -7.78 12.71 27.72
C PRO A 107 -8.19 14.16 28.03
N SER A 108 -9.19 14.28 28.89
CA SER A 108 -9.68 15.59 29.28
C SER A 108 -8.50 16.51 29.63
N SER A 109 -7.80 16.14 30.69
CA SER A 109 -6.66 16.91 31.14
C SER A 109 -5.43 16.01 31.26
N GLY A 110 -4.55 16.12 30.26
CA GLY A 110 -3.34 15.32 30.25
C GLY A 110 -2.47 15.62 31.47
N GLY A 1 17.30 25.27 9.79
CA GLY A 1 17.82 24.85 8.50
C GLY A 1 17.14 25.62 7.36
N SER A 2 16.53 24.84 6.46
CA SER A 2 15.85 25.43 5.32
C SER A 2 14.37 25.65 5.66
N SER A 3 13.71 24.55 6.00
CA SER A 3 12.30 24.60 6.35
C SER A 3 12.12 25.22 7.74
N GLY A 4 11.86 26.52 7.74
CA GLY A 4 11.67 27.24 8.98
C GLY A 4 10.70 26.50 9.91
N SER A 5 11.16 26.27 11.13
CA SER A 5 10.34 25.58 12.11
C SER A 5 9.93 24.21 11.57
N SER A 6 10.88 23.28 11.64
CA SER A 6 10.64 21.93 11.16
C SER A 6 9.25 21.46 11.60
N GLY A 7 8.45 21.09 10.61
CA GLY A 7 7.10 20.62 10.88
C GLY A 7 6.91 19.18 10.40
N PRO A 8 5.90 18.50 11.01
CA PRO A 8 5.61 17.12 10.65
C PRO A 8 4.88 17.04 9.32
N ASP A 9 5.60 16.53 8.32
CA ASP A 9 5.02 16.40 6.99
C ASP A 9 5.09 14.93 6.56
N VAL A 10 4.10 14.17 6.99
CA VAL A 10 4.04 12.76 6.66
C VAL A 10 2.61 12.40 6.26
N ARG A 11 2.50 11.66 5.16
CA ARG A 11 1.20 11.23 4.67
C ARG A 11 1.36 10.22 3.53
N ARG A 12 1.86 10.72 2.42
CA ARG A 12 2.07 9.88 1.25
C ARG A 12 2.97 10.58 0.24
N ASP A 13 4.23 10.16 0.21
CA ASP A 13 5.18 10.75 -0.71
C ASP A 13 6.37 9.79 -0.88
N LYS A 14 7.08 9.58 0.21
CA LYS A 14 8.23 8.70 0.19
C LYS A 14 7.77 7.28 -0.17
N PRO A 15 8.77 6.43 -0.55
CA PRO A 15 8.48 5.06 -0.93
C PRO A 15 8.18 4.21 0.31
N VAL A 16 7.18 3.36 0.18
CA VAL A 16 6.79 2.49 1.27
C VAL A 16 8.00 1.65 1.70
N THR A 17 7.92 1.14 2.93
CA THR A 17 8.98 0.33 3.47
C THR A 17 8.42 -0.95 4.09
N GLY A 18 9.33 -1.82 4.49
CA GLY A 18 8.94 -3.09 5.09
C GLY A 18 7.89 -2.87 6.18
N GLU A 19 7.97 -1.71 6.81
CA GLU A 19 7.04 -1.37 7.88
C GLU A 19 5.63 -1.17 7.31
N GLN A 20 5.57 -0.41 6.22
CA GLN A 20 4.31 -0.14 5.56
C GLN A 20 3.85 -1.35 4.75
N ILE A 21 4.79 -1.89 3.98
CA ILE A 21 4.51 -3.04 3.15
C ILE A 21 3.65 -4.04 3.93
N GLU A 22 4.27 -4.66 4.92
CA GLU A 22 3.59 -5.63 5.75
C GLU A 22 2.16 -5.16 6.04
N VAL A 23 2.05 -3.93 6.49
CA VAL A 23 0.74 -3.36 6.78
C VAL A 23 -0.14 -3.42 5.54
N PHE A 24 0.37 -2.84 4.46
CA PHE A 24 -0.35 -2.82 3.20
C PHE A 24 -0.87 -4.21 2.84
N ALA A 25 0.05 -5.17 2.86
CA ALA A 25 -0.29 -6.55 2.53
C ALA A 25 -1.63 -6.90 3.17
N ASN A 26 -1.62 -6.92 4.50
CA ASN A 26 -2.82 -7.24 5.25
C ASN A 26 -4.02 -6.56 4.59
N LYS A 27 -3.87 -5.27 4.34
CA LYS A 27 -4.92 -4.49 3.70
C LYS A 27 -5.25 -5.09 2.33
N LEU A 28 -4.21 -5.21 1.52
CA LEU A 28 -4.38 -5.76 0.19
C LEU A 28 -5.20 -7.04 0.27
N GLY A 29 -4.64 -8.03 0.94
CA GLY A 29 -5.31 -9.31 1.09
C GLY A 29 -5.29 -10.11 -0.22
N GLU A 30 -6.47 -10.25 -0.80
CA GLU A 30 -6.60 -10.98 -2.05
C GLU A 30 -6.66 -10.01 -3.23
N GLN A 31 -6.50 -8.73 -2.91
CA GLN A 31 -6.54 -7.69 -3.93
C GLN A 31 -5.15 -7.53 -4.56
N TRP A 32 -4.22 -8.34 -4.10
CA TRP A 32 -2.86 -8.31 -4.60
C TRP A 32 -2.90 -8.69 -6.09
N LYS A 33 -3.90 -9.49 -6.43
CA LYS A 33 -4.07 -9.93 -7.81
C LYS A 33 -4.79 -8.86 -8.60
N ILE A 34 -5.33 -7.88 -7.88
CA ILE A 34 -6.05 -6.79 -8.51
C ILE A 34 -5.10 -5.61 -8.73
N LEU A 35 -4.03 -5.60 -7.93
CA LEU A 35 -3.04 -4.54 -8.03
C LEU A 35 -1.88 -5.02 -8.91
N ALA A 36 -1.84 -6.32 -9.14
CA ALA A 36 -0.79 -6.91 -9.95
C ALA A 36 -0.91 -6.36 -11.38
N PRO A 37 -2.14 -6.43 -11.93
CA PRO A 37 -2.39 -5.95 -13.27
C PRO A 37 -2.43 -4.42 -13.32
N TYR A 38 -2.21 -3.82 -12.15
CA TYR A 38 -2.20 -2.38 -12.04
C TYR A 38 -0.85 -1.87 -11.53
N LEU A 39 0.02 -2.81 -11.21
CA LEU A 39 1.34 -2.48 -10.71
C LEU A 39 2.37 -2.67 -11.83
N GLU A 40 1.87 -3.04 -13.01
CA GLU A 40 2.73 -3.25 -14.15
C GLU A 40 3.70 -4.40 -13.87
N MET A 41 3.13 -5.52 -13.44
CA MET A 41 3.93 -6.69 -13.14
C MET A 41 3.96 -7.66 -14.33
N LYS A 42 4.49 -8.85 -14.07
CA LYS A 42 4.58 -9.87 -15.11
C LYS A 42 3.64 -11.02 -14.75
N ASP A 43 2.97 -11.53 -15.77
CA ASP A 43 2.05 -12.64 -15.59
C ASP A 43 2.76 -13.76 -14.84
N SER A 44 4.02 -13.96 -15.18
CA SER A 44 4.81 -15.00 -14.53
C SER A 44 4.99 -14.68 -13.04
N GLU A 45 5.28 -13.42 -12.78
CA GLU A 45 5.48 -12.97 -11.41
C GLU A 45 4.27 -13.34 -10.55
N ILE A 46 3.09 -12.95 -11.03
CA ILE A 46 1.86 -13.24 -10.33
C ILE A 46 1.78 -14.74 -10.04
N ARG A 47 2.19 -15.53 -11.03
CA ARG A 47 2.16 -16.97 -10.89
C ARG A 47 3.22 -17.42 -9.89
N GLN A 48 4.33 -16.71 -9.86
CA GLN A 48 5.41 -17.02 -8.95
C GLN A 48 4.97 -16.78 -7.51
N ILE A 49 4.62 -15.53 -7.24
CA ILE A 49 4.19 -15.15 -5.90
C ILE A 49 3.19 -16.19 -5.38
N GLU A 50 2.18 -16.46 -6.20
CA GLU A 50 1.16 -17.43 -5.84
C GLU A 50 1.81 -18.74 -5.40
N CYS A 51 2.88 -19.10 -6.10
CA CYS A 51 3.59 -20.33 -5.80
C CYS A 51 4.44 -20.10 -4.55
N ASP A 52 5.23 -19.03 -4.60
CA ASP A 52 6.10 -18.69 -3.48
C ASP A 52 5.34 -18.90 -2.17
N SER A 53 4.26 -18.14 -2.03
CA SER A 53 3.44 -18.22 -0.84
C SER A 53 2.05 -18.74 -1.19
N GLU A 54 1.47 -19.48 -0.25
CA GLU A 54 0.15 -20.06 -0.46
C GLU A 54 -0.92 -19.12 0.11
N ASP A 55 -0.59 -18.54 1.26
CA ASP A 55 -1.52 -17.63 1.91
C ASP A 55 -1.67 -16.35 1.07
N MET A 56 -2.80 -15.71 1.23
CA MET A 56 -3.08 -14.49 0.49
C MET A 56 -2.22 -13.33 1.01
N LYS A 57 -2.25 -13.17 2.33
CA LYS A 57 -1.47 -12.11 2.96
C LYS A 57 -0.06 -12.08 2.37
N MET A 58 0.61 -13.21 2.47
CA MET A 58 1.97 -13.33 1.96
C MET A 58 2.03 -12.85 0.50
N ARG A 59 1.22 -13.49 -0.33
CA ARG A 59 1.18 -13.15 -1.74
C ARG A 59 1.17 -11.63 -1.92
N ALA A 60 0.34 -10.98 -1.12
CA ALA A 60 0.23 -9.52 -1.19
C ALA A 60 1.58 -8.90 -0.82
N LYS A 61 2.12 -9.34 0.31
CA LYS A 61 3.40 -8.84 0.77
C LYS A 61 4.45 -9.02 -0.33
N GLN A 62 4.59 -10.26 -0.77
CA GLN A 62 5.55 -10.58 -1.80
C GLN A 62 5.44 -9.58 -2.95
N LEU A 63 4.20 -9.31 -3.34
CA LEU A 63 3.95 -8.37 -4.43
C LEU A 63 4.50 -7.00 -4.05
N LEU A 64 3.94 -6.43 -2.98
CA LEU A 64 4.38 -5.13 -2.51
C LEU A 64 5.91 -5.08 -2.52
N VAL A 65 6.52 -6.16 -2.07
CA VAL A 65 7.97 -6.24 -2.03
C VAL A 65 8.53 -6.11 -3.44
N ALA A 66 8.11 -7.02 -4.30
CA ALA A 66 8.55 -7.02 -5.68
C ALA A 66 8.25 -5.66 -6.31
N TRP A 67 7.05 -5.17 -6.04
CA TRP A 67 6.62 -3.89 -6.57
C TRP A 67 7.51 -2.80 -5.96
N GLN A 68 7.98 -3.07 -4.75
CA GLN A 68 8.85 -2.13 -4.06
C GLN A 68 10.29 -2.26 -4.59
N ASP A 69 10.60 -3.44 -5.09
CA ASP A 69 11.92 -3.71 -5.61
C ASP A 69 11.98 -3.30 -7.08
N GLN A 70 10.84 -3.41 -7.74
CA GLN A 70 10.74 -3.05 -9.14
C GLN A 70 10.70 -1.52 -9.30
N GLU A 71 9.61 -0.95 -8.84
CA GLU A 71 9.43 0.50 -8.92
C GLU A 71 10.61 1.21 -8.26
N GLY A 72 11.25 0.50 -7.33
CA GLY A 72 12.38 1.06 -6.62
C GLY A 72 11.93 2.05 -5.55
N VAL A 73 12.42 3.28 -5.68
CA VAL A 73 12.08 4.33 -4.74
C VAL A 73 10.75 4.96 -5.15
N HIS A 74 10.25 4.52 -6.29
CA HIS A 74 8.99 5.03 -6.82
C HIS A 74 7.82 4.34 -6.11
N ALA A 75 8.14 3.25 -5.44
CA ALA A 75 7.14 2.49 -4.71
C ALA A 75 6.62 3.32 -3.54
N THR A 76 5.73 4.25 -3.87
CA THR A 76 5.15 5.12 -2.86
C THR A 76 3.69 4.74 -2.60
N PRO A 77 3.17 5.21 -1.43
CA PRO A 77 1.80 4.93 -1.05
C PRO A 77 0.82 5.77 -1.87
N GLU A 78 1.28 6.95 -2.24
CA GLU A 78 0.46 7.86 -3.02
C GLU A 78 0.25 7.31 -4.44
N ASN A 79 1.26 6.61 -4.92
CA ASN A 79 1.20 6.02 -6.25
C ASN A 79 0.36 4.74 -6.20
N LEU A 80 0.52 4.01 -5.11
CA LEU A 80 -0.22 2.76 -4.93
C LEU A 80 -1.71 3.08 -4.78
N ILE A 81 -2.00 3.97 -3.85
CA ILE A 81 -3.37 4.37 -3.60
C ILE A 81 -4.03 4.76 -4.92
N ASN A 82 -3.27 5.44 -5.76
CA ASN A 82 -3.76 5.88 -7.05
C ASN A 82 -4.25 4.66 -7.84
N ALA A 83 -3.39 3.66 -7.92
CA ALA A 83 -3.72 2.44 -8.64
C ALA A 83 -4.95 1.80 -8.00
N LEU A 84 -4.89 1.65 -6.69
CA LEU A 84 -5.98 1.05 -5.95
C LEU A 84 -7.30 1.66 -6.42
N ASN A 85 -7.28 2.98 -6.61
CA ASN A 85 -8.46 3.70 -7.06
C ASN A 85 -8.96 3.08 -8.36
N LYS A 86 -8.19 3.30 -9.42
CA LYS A 86 -8.54 2.78 -10.73
C LYS A 86 -8.79 1.27 -10.62
N SER A 87 -8.02 0.64 -9.74
CA SER A 87 -8.15 -0.80 -9.53
C SER A 87 -9.50 -1.12 -8.90
N GLY A 88 -10.20 -0.06 -8.50
CA GLY A 88 -11.50 -0.21 -7.88
C GLY A 88 -11.37 -0.72 -6.45
N LEU A 89 -10.24 -0.38 -5.83
CA LEU A 89 -9.97 -0.80 -4.47
C LEU A 89 -10.05 0.43 -3.54
N SER A 90 -11.02 1.28 -3.83
CA SER A 90 -11.22 2.48 -3.04
C SER A 90 -10.94 2.18 -1.56
N ASP A 91 -11.39 1.02 -1.12
CA ASP A 91 -11.20 0.61 0.25
C ASP A 91 -9.74 0.86 0.66
N LEU A 92 -8.85 0.12 0.01
CA LEU A 92 -7.43 0.25 0.29
C LEU A 92 -7.02 1.72 0.17
N ALA A 93 -7.16 2.24 -1.04
CA ALA A 93 -6.81 3.62 -1.31
C ALA A 93 -7.16 4.48 -0.08
N GLU A 94 -8.31 4.17 0.51
CA GLU A 94 -8.76 4.89 1.68
C GLU A 94 -8.03 4.40 2.93
N SER A 95 -8.19 3.12 3.21
CA SER A 95 -7.55 2.52 4.37
C SER A 95 -6.12 3.06 4.51
N LEU A 96 -5.48 3.27 3.37
CA LEU A 96 -4.12 3.79 3.36
C LEU A 96 -4.14 5.27 3.71
N THR A 97 -5.02 6.00 3.03
CA THR A 97 -5.15 7.43 3.26
C THR A 97 -6.10 7.70 4.43
N ASN A 98 -6.22 6.71 5.30
CA ASN A 98 -7.09 6.83 6.45
C ASN A 98 -6.61 5.87 7.55
N ASP A 99 -7.11 6.10 8.75
CA ASP A 99 -6.74 5.28 9.90
C ASP A 99 -7.48 5.77 11.14
N ASN A 100 -7.40 7.07 11.36
CA ASN A 100 -8.06 7.68 12.50
C ASN A 100 -8.23 9.17 12.27
N GLU A 101 -9.42 9.54 11.82
CA GLU A 101 -9.72 10.94 11.55
C GLU A 101 -9.22 11.83 12.70
N THR A 102 -8.71 12.99 12.33
CA THR A 102 -8.21 13.93 13.32
C THR A 102 -9.21 15.07 13.53
N ASN A 103 -9.41 15.41 14.79
CA ASN A 103 -10.33 16.47 15.15
C ASN A 103 -9.56 17.62 15.81
N SER A 104 -10.06 18.83 15.59
CA SER A 104 -9.43 20.01 16.15
C SER A 104 -10.44 21.15 16.24
N SER A 105 -11.09 21.24 17.38
CA SER A 105 -12.08 22.28 17.61
C SER A 105 -12.19 22.58 19.10
N GLY A 106 -12.88 23.68 19.41
CA GLY A 106 -13.06 24.10 20.78
C GLY A 106 -13.68 25.49 20.85
N PRO A 107 -15.04 25.51 20.97
CA PRO A 107 -15.77 26.77 21.04
C PRO A 107 -15.61 27.40 22.42
N SER A 108 -14.38 27.76 22.74
CA SER A 108 -14.09 28.38 24.03
C SER A 108 -12.85 29.27 23.91
N SER A 109 -12.70 30.16 24.88
CA SER A 109 -11.57 31.07 24.89
C SER A 109 -10.67 30.77 26.09
N GLY A 110 -11.27 30.85 27.27
CA GLY A 110 -10.54 30.59 28.50
C GLY A 110 -11.47 30.64 29.72
N GLY A 1 -4.43 29.45 15.55
CA GLY A 1 -3.96 28.86 16.79
C GLY A 1 -5.08 28.04 17.47
N SER A 2 -5.33 26.87 16.90
CA SER A 2 -6.36 26.00 17.43
C SER A 2 -5.90 24.54 17.37
N SER A 3 -6.47 23.73 18.26
CA SER A 3 -6.12 22.32 18.31
C SER A 3 -4.61 22.17 18.56
N GLY A 4 -4.22 20.93 18.85
CA GLY A 4 -2.83 20.62 19.10
C GLY A 4 -1.91 21.36 18.12
N SER A 5 -0.71 21.66 18.58
CA SER A 5 0.26 22.36 17.75
C SER A 5 1.53 21.53 17.63
N SER A 6 1.50 20.58 16.71
CA SER A 6 2.64 19.71 16.49
C SER A 6 2.29 18.64 15.46
N GLY A 7 1.26 17.86 15.78
CA GLY A 7 0.82 16.80 14.90
C GLY A 7 1.94 15.79 14.63
N PRO A 8 1.52 14.54 14.30
CA PRO A 8 2.48 13.49 14.03
C PRO A 8 3.12 13.67 12.65
N ASP A 9 4.15 12.86 12.40
CA ASP A 9 4.84 12.91 11.13
C ASP A 9 4.33 11.81 10.21
N VAL A 10 3.39 12.19 9.35
CA VAL A 10 2.80 11.24 8.41
C VAL A 10 2.49 11.96 7.10
N ARG A 11 2.60 11.22 6.01
CA ARG A 11 2.33 11.77 4.70
C ARG A 11 2.88 10.84 3.61
N ARG A 12 2.16 10.81 2.49
CA ARG A 12 2.57 9.97 1.37
C ARG A 12 3.47 10.76 0.42
N ASP A 13 4.73 10.32 0.33
CA ASP A 13 5.69 10.97 -0.52
C ASP A 13 6.89 10.05 -0.73
N LYS A 14 7.32 9.45 0.37
CA LYS A 14 8.46 8.54 0.33
C LYS A 14 7.98 7.15 -0.08
N PRO A 15 8.97 6.30 -0.49
CA PRO A 15 8.66 4.95 -0.91
C PRO A 15 8.34 4.06 0.29
N VAL A 16 7.26 3.29 0.14
CA VAL A 16 6.83 2.39 1.21
C VAL A 16 8.02 1.53 1.65
N THR A 17 7.92 1.03 2.86
CA THR A 17 8.97 0.20 3.42
C THR A 17 8.38 -1.05 4.07
N GLY A 18 9.25 -2.01 4.35
CA GLY A 18 8.82 -3.25 4.97
C GLY A 18 7.77 -2.99 6.05
N GLU A 19 7.97 -1.90 6.77
CA GLU A 19 7.05 -1.52 7.83
C GLU A 19 5.65 -1.29 7.27
N GLN A 20 5.59 -0.53 6.19
CA GLN A 20 4.32 -0.24 5.54
C GLN A 20 3.84 -1.45 4.73
N ILE A 21 4.75 -1.96 3.92
CA ILE A 21 4.44 -3.12 3.10
C ILE A 21 3.59 -4.10 3.90
N GLU A 22 4.23 -4.73 4.87
CA GLU A 22 3.56 -5.70 5.72
C GLU A 22 2.12 -5.24 6.01
N VAL A 23 2.03 -4.00 6.49
CA VAL A 23 0.73 -3.43 6.82
C VAL A 23 -0.17 -3.48 5.57
N PHE A 24 0.31 -2.87 4.51
CA PHE A 24 -0.44 -2.84 3.26
C PHE A 24 -0.96 -4.23 2.90
N ALA A 25 -0.04 -5.19 2.88
CA ALA A 25 -0.39 -6.56 2.55
C ALA A 25 -1.72 -6.91 3.22
N ASN A 26 -1.70 -6.87 4.55
CA ASN A 26 -2.90 -7.18 5.32
C ASN A 26 -4.10 -6.48 4.71
N LYS A 27 -3.90 -5.22 4.36
CA LYS A 27 -4.96 -4.42 3.76
C LYS A 27 -5.32 -5.01 2.39
N LEU A 28 -4.32 -5.06 1.53
CA LEU A 28 -4.51 -5.60 0.19
C LEU A 28 -5.31 -6.90 0.28
N GLY A 29 -4.67 -7.91 0.88
CA GLY A 29 -5.30 -9.20 1.05
C GLY A 29 -5.27 -9.99 -0.26
N GLU A 30 -6.47 -10.32 -0.75
CA GLU A 30 -6.60 -11.06 -1.98
C GLU A 30 -6.75 -10.11 -3.17
N GLN A 31 -6.67 -8.82 -2.86
CA GLN A 31 -6.80 -7.79 -3.88
C GLN A 31 -5.43 -7.50 -4.52
N TRP A 32 -4.46 -8.32 -4.15
CA TRP A 32 -3.12 -8.16 -4.67
C TRP A 32 -3.15 -8.48 -6.18
N LYS A 33 -3.84 -9.55 -6.50
CA LYS A 33 -3.96 -9.97 -7.89
C LYS A 33 -4.71 -8.90 -8.68
N ILE A 34 -5.30 -7.97 -7.94
CA ILE A 34 -6.05 -6.89 -8.57
C ILE A 34 -5.12 -5.69 -8.78
N LEU A 35 -4.07 -5.64 -7.97
CA LEU A 35 -3.11 -4.56 -8.06
C LEU A 35 -1.91 -5.02 -8.90
N ALA A 36 -1.86 -6.32 -9.15
CA ALA A 36 -0.79 -6.90 -9.93
C ALA A 36 -0.82 -6.32 -11.35
N PRO A 37 -2.05 -6.35 -11.94
CA PRO A 37 -2.23 -5.83 -13.30
C PRO A 37 -2.23 -4.30 -13.30
N TYR A 38 -2.05 -3.74 -12.11
CA TYR A 38 -2.03 -2.30 -11.96
C TYR A 38 -0.70 -1.83 -11.36
N LEU A 39 0.14 -2.79 -11.04
CA LEU A 39 1.44 -2.49 -10.47
C LEU A 39 2.53 -2.68 -11.52
N GLU A 40 2.10 -3.19 -12.67
CA GLU A 40 3.01 -3.41 -13.77
C GLU A 40 3.85 -4.67 -13.51
N MET A 41 3.19 -5.69 -13.00
CA MET A 41 3.85 -6.94 -12.70
C MET A 41 4.00 -7.81 -13.96
N LYS A 42 4.49 -9.02 -13.75
CA LYS A 42 4.68 -9.94 -14.86
C LYS A 42 3.85 -11.20 -14.62
N ASP A 43 3.24 -11.67 -15.70
CA ASP A 43 2.40 -12.86 -15.62
C ASP A 43 3.13 -13.93 -14.81
N SER A 44 4.40 -14.12 -15.13
CA SER A 44 5.21 -15.11 -14.44
C SER A 44 5.33 -14.73 -12.96
N GLU A 45 5.43 -13.44 -12.71
CA GLU A 45 5.55 -12.94 -11.35
C GLU A 45 4.32 -13.33 -10.52
N ILE A 46 3.17 -12.84 -10.98
CA ILE A 46 1.92 -13.13 -10.29
C ILE A 46 1.84 -14.62 -9.98
N ARG A 47 2.38 -15.42 -10.91
CA ARG A 47 2.38 -16.86 -10.74
C ARG A 47 3.48 -17.28 -9.75
N GLN A 48 4.57 -16.54 -9.79
CA GLN A 48 5.70 -16.82 -8.91
C GLN A 48 5.30 -16.61 -7.45
N ILE A 49 4.67 -15.47 -7.20
CA ILE A 49 4.23 -15.13 -5.85
C ILE A 49 3.24 -16.20 -5.37
N GLU A 50 2.13 -16.29 -6.07
CA GLU A 50 1.10 -17.27 -5.72
C GLU A 50 1.75 -18.57 -5.23
N CYS A 51 2.83 -18.94 -5.91
CA CYS A 51 3.54 -20.15 -5.55
C CYS A 51 4.45 -19.85 -4.35
N ASP A 52 5.33 -18.88 -4.56
CA ASP A 52 6.25 -18.48 -3.51
C ASP A 52 5.53 -18.50 -2.16
N SER A 53 4.54 -17.62 -2.06
CA SER A 53 3.77 -17.52 -0.83
C SER A 53 2.67 -18.59 -0.81
N GLU A 54 2.06 -18.74 0.35
CA GLU A 54 1.00 -19.72 0.51
C GLU A 54 -0.31 -19.04 0.95
N ASP A 55 -0.14 -18.09 1.86
CA ASP A 55 -1.30 -17.35 2.38
C ASP A 55 -1.48 -16.08 1.55
N MET A 56 -2.73 -15.64 1.48
CA MET A 56 -3.06 -14.44 0.73
C MET A 56 -2.24 -13.25 1.20
N LYS A 57 -2.29 -13.02 2.51
CA LYS A 57 -1.54 -11.93 3.10
C LYS A 57 -0.14 -11.87 2.50
N MET A 58 0.50 -13.03 2.47
CA MET A 58 1.84 -13.14 1.92
C MET A 58 1.87 -12.71 0.45
N ARG A 59 1.03 -13.37 -0.34
CA ARG A 59 0.95 -13.07 -1.76
C ARG A 59 1.00 -11.56 -1.99
N ALA A 60 0.12 -10.86 -1.30
CA ALA A 60 0.05 -9.42 -1.42
C ALA A 60 1.39 -8.81 -0.99
N LYS A 61 1.83 -9.21 0.20
CA LYS A 61 3.08 -8.72 0.74
C LYS A 61 4.18 -8.89 -0.31
N GLN A 62 4.34 -10.13 -0.74
CA GLN A 62 5.36 -10.44 -1.74
C GLN A 62 5.27 -9.46 -2.91
N LEU A 63 4.04 -9.24 -3.36
CA LEU A 63 3.80 -8.33 -4.47
C LEU A 63 4.40 -6.96 -4.15
N LEU A 64 3.85 -6.35 -3.10
CA LEU A 64 4.32 -5.04 -2.68
C LEU A 64 5.85 -5.01 -2.72
N VAL A 65 6.44 -6.09 -2.21
CA VAL A 65 7.88 -6.20 -2.18
C VAL A 65 8.43 -6.09 -3.61
N ALA A 66 7.96 -7.01 -4.46
CA ALA A 66 8.39 -7.03 -5.84
C ALA A 66 8.09 -5.67 -6.49
N TRP A 67 6.93 -5.15 -6.16
CA TRP A 67 6.51 -3.87 -6.70
C TRP A 67 7.43 -2.79 -6.14
N GLN A 68 7.95 -3.06 -4.95
CA GLN A 68 8.84 -2.12 -4.29
C GLN A 68 10.27 -2.31 -4.80
N ASP A 69 10.53 -3.50 -5.33
CA ASP A 69 11.84 -3.82 -5.86
C ASP A 69 11.92 -3.38 -7.32
N GLN A 70 10.78 -3.48 -7.99
CA GLN A 70 10.70 -3.10 -9.39
C GLN A 70 10.68 -1.57 -9.53
N GLU A 71 9.61 -0.98 -9.01
CA GLU A 71 9.46 0.46 -9.07
C GLU A 71 10.59 1.15 -8.30
N GLY A 72 11.27 0.36 -7.48
CA GLY A 72 12.37 0.87 -6.70
C GLY A 72 11.88 1.90 -5.66
N VAL A 73 12.48 3.07 -5.71
CA VAL A 73 12.10 4.14 -4.79
C VAL A 73 10.82 4.81 -5.29
N HIS A 74 10.36 4.35 -6.45
CA HIS A 74 9.16 4.90 -7.04
C HIS A 74 7.92 4.23 -6.41
N ALA A 75 8.20 3.27 -5.53
CA ALA A 75 7.14 2.54 -4.86
C ALA A 75 6.66 3.35 -3.66
N THR A 76 5.79 4.31 -3.94
CA THR A 76 5.25 5.16 -2.88
C THR A 76 3.80 4.78 -2.59
N PRO A 77 3.32 5.23 -1.39
CA PRO A 77 1.96 4.94 -0.97
C PRO A 77 0.96 5.81 -1.74
N GLU A 78 1.38 7.03 -2.00
CA GLU A 78 0.52 7.97 -2.72
C GLU A 78 0.23 7.44 -4.13
N ASN A 79 1.17 6.66 -4.65
CA ASN A 79 1.03 6.08 -5.97
C ASN A 79 0.16 4.83 -5.90
N LEU A 80 0.58 3.91 -5.04
CA LEU A 80 -0.14 2.66 -4.85
C LEU A 80 -1.64 2.96 -4.71
N ILE A 81 -1.93 3.92 -3.84
CA ILE A 81 -3.32 4.31 -3.60
C ILE A 81 -3.97 4.71 -4.93
N ASN A 82 -3.23 5.51 -5.69
CA ASN A 82 -3.72 5.97 -6.97
C ASN A 82 -4.14 4.76 -7.82
N ALA A 83 -3.29 3.75 -7.81
CA ALA A 83 -3.56 2.54 -8.57
C ALA A 83 -4.80 1.85 -7.99
N LEU A 84 -4.80 1.69 -6.68
CA LEU A 84 -5.92 1.06 -6.01
C LEU A 84 -7.23 1.67 -6.51
N ASN A 85 -7.22 2.99 -6.65
CA ASN A 85 -8.39 3.71 -7.11
C ASN A 85 -8.88 3.08 -8.42
N LYS A 86 -8.09 3.28 -9.47
CA LYS A 86 -8.43 2.74 -10.78
C LYS A 86 -8.66 1.23 -10.66
N SER A 87 -7.82 0.60 -9.86
CA SER A 87 -7.91 -0.83 -9.64
C SER A 87 -9.26 -1.19 -9.03
N GLY A 88 -9.94 -0.16 -8.54
CA GLY A 88 -11.24 -0.34 -7.93
C GLY A 88 -11.11 -0.86 -6.50
N LEU A 89 -9.99 -0.52 -5.88
CA LEU A 89 -9.72 -0.94 -4.52
C LEU A 89 -9.86 0.26 -3.58
N SER A 90 -10.86 1.08 -3.86
CA SER A 90 -11.11 2.27 -3.06
C SER A 90 -10.86 1.95 -1.58
N ASP A 91 -11.30 0.77 -1.18
CA ASP A 91 -11.14 0.33 0.20
C ASP A 91 -9.69 0.56 0.63
N LEU A 92 -8.78 -0.07 -0.10
CA LEU A 92 -7.37 0.06 0.20
C LEU A 92 -7.00 1.54 0.27
N ALA A 93 -7.14 2.21 -0.87
CA ALA A 93 -6.83 3.62 -0.96
C ALA A 93 -7.27 4.31 0.34
N GLU A 94 -8.55 4.21 0.63
CA GLU A 94 -9.11 4.81 1.82
C GLU A 94 -8.37 4.30 3.07
N SER A 95 -8.16 2.99 3.09
CA SER A 95 -7.47 2.37 4.22
C SER A 95 -6.16 3.10 4.51
N LEU A 96 -5.31 3.14 3.49
CA LEU A 96 -4.02 3.80 3.62
C LEU A 96 -4.24 5.27 3.98
N THR A 97 -4.78 6.01 3.03
CA THR A 97 -5.05 7.42 3.23
C THR A 97 -5.49 7.68 4.69
N ASN A 98 -6.73 7.31 4.98
CA ASN A 98 -7.26 7.49 6.31
C ASN A 98 -6.80 8.85 6.86
N ASP A 99 -7.60 9.86 6.60
CA ASP A 99 -7.29 11.21 7.05
C ASP A 99 -8.53 11.80 7.75
N ASN A 100 -8.55 11.67 9.06
CA ASN A 100 -9.65 12.18 9.86
C ASN A 100 -9.44 11.80 11.32
N GLU A 101 -10.13 12.53 12.19
CA GLU A 101 -10.03 12.29 13.62
C GLU A 101 -10.90 13.29 14.39
N THR A 102 -11.13 12.98 15.65
CA THR A 102 -11.93 13.83 16.50
C THR A 102 -11.31 13.92 17.90
N ASN A 103 -10.22 14.67 17.98
CA ASN A 103 -9.53 14.84 19.25
C ASN A 103 -9.89 16.21 19.84
N SER A 104 -9.84 16.29 21.16
CA SER A 104 -10.17 17.53 21.85
C SER A 104 -9.01 17.92 22.78
N SER A 105 -8.47 19.09 22.53
CA SER A 105 -7.37 19.59 23.32
C SER A 105 -7.07 21.05 22.96
N GLY A 106 -6.53 21.78 23.92
CA GLY A 106 -6.20 23.18 23.72
C GLY A 106 -4.69 23.38 23.61
N PRO A 107 -4.31 24.51 22.96
CA PRO A 107 -2.90 24.83 22.79
C PRO A 107 -2.27 25.32 24.09
N SER A 108 -1.03 24.93 24.30
CA SER A 108 -0.30 25.32 25.51
C SER A 108 -0.49 26.81 25.76
N SER A 109 -0.08 27.60 24.78
CA SER A 109 -0.19 29.05 24.88
C SER A 109 -0.04 29.68 23.49
N GLY A 110 -1.12 30.28 23.03
CA GLY A 110 -1.12 30.93 21.73
C GLY A 110 -2.51 31.46 21.38
N GLY A 1 19.43 22.62 17.51
CA GLY A 1 19.27 21.19 17.67
C GLY A 1 18.44 20.85 18.91
N SER A 2 17.22 20.40 18.66
CA SER A 2 16.32 20.05 19.74
C SER A 2 16.18 18.52 19.84
N SER A 3 17.05 17.94 20.64
CA SER A 3 17.04 16.50 20.83
C SER A 3 15.76 16.07 21.55
N GLY A 4 14.71 15.88 20.77
CA GLY A 4 13.43 15.47 21.31
C GLY A 4 12.39 15.30 20.20
N SER A 5 12.04 14.05 19.96
CA SER A 5 11.06 13.73 18.94
C SER A 5 11.58 14.16 17.56
N SER A 6 11.99 13.17 16.79
CA SER A 6 12.51 13.43 15.46
C SER A 6 12.84 12.10 14.76
N GLY A 7 12.24 11.92 13.60
CA GLY A 7 12.46 10.70 12.82
C GLY A 7 12.46 11.01 11.33
N PRO A 8 12.17 9.94 10.53
CA PRO A 8 12.13 10.08 9.09
C PRO A 8 10.86 10.79 8.63
N ASP A 9 10.86 11.20 7.37
CA ASP A 9 9.72 11.89 6.80
C ASP A 9 8.45 11.06 7.05
N VAL A 10 7.31 11.68 6.77
CA VAL A 10 6.03 11.01 6.96
C VAL A 10 5.11 11.36 5.79
N ARG A 11 3.86 10.94 5.93
CA ARG A 11 2.87 11.21 4.90
C ARG A 11 3.26 10.53 3.59
N ARG A 12 2.34 10.55 2.65
CA ARG A 12 2.58 9.94 1.35
C ARG A 12 3.54 10.79 0.53
N ASP A 13 4.78 10.34 0.48
CA ASP A 13 5.81 11.06 -0.26
C ASP A 13 6.97 10.11 -0.56
N LYS A 14 7.44 9.45 0.49
CA LYS A 14 8.54 8.51 0.34
C LYS A 14 7.99 7.15 -0.07
N PRO A 15 8.91 6.28 -0.57
CA PRO A 15 8.54 4.94 -0.99
C PRO A 15 8.27 4.03 0.21
N VAL A 16 7.16 3.32 0.15
CA VAL A 16 6.79 2.42 1.22
C VAL A 16 8.02 1.59 1.63
N THR A 17 7.97 1.12 2.86
CA THR A 17 9.07 0.31 3.39
C THR A 17 8.55 -1.02 3.90
N GLY A 18 9.47 -1.83 4.39
CA GLY A 18 9.13 -3.14 4.92
C GLY A 18 8.13 -3.03 6.07
N GLU A 19 8.06 -1.82 6.62
CA GLU A 19 7.15 -1.56 7.73
C GLU A 19 5.73 -1.31 7.19
N GLN A 20 5.66 -0.56 6.10
CA GLN A 20 4.39 -0.24 5.48
C GLN A 20 3.89 -1.43 4.64
N ILE A 21 4.82 -2.01 3.91
CA ILE A 21 4.50 -3.14 3.05
C ILE A 21 3.64 -4.13 3.84
N GLU A 22 4.27 -4.77 4.83
CA GLU A 22 3.58 -5.73 5.65
C GLU A 22 2.17 -5.24 5.98
N VAL A 23 2.09 -3.98 6.38
CA VAL A 23 0.82 -3.38 6.72
C VAL A 23 -0.11 -3.43 5.50
N PHE A 24 0.35 -2.82 4.42
CA PHE A 24 -0.43 -2.80 3.18
C PHE A 24 -0.97 -4.19 2.85
N ALA A 25 -0.07 -5.15 2.81
CA ALA A 25 -0.44 -6.51 2.50
C ALA A 25 -1.76 -6.85 3.20
N ASN A 26 -1.71 -6.86 4.51
CA ASN A 26 -2.89 -7.16 5.32
C ASN A 26 -4.10 -6.48 4.69
N LYS A 27 -3.90 -5.23 4.28
CA LYS A 27 -4.96 -4.46 3.66
C LYS A 27 -5.27 -5.03 2.29
N LEU A 28 -4.25 -5.04 1.44
CA LEU A 28 -4.40 -5.56 0.10
C LEU A 28 -5.22 -6.85 0.14
N GLY A 29 -4.62 -7.87 0.72
CA GLY A 29 -5.28 -9.17 0.83
C GLY A 29 -5.20 -9.94 -0.49
N GLU A 30 -6.36 -10.34 -0.96
CA GLU A 30 -6.44 -11.08 -2.22
C GLU A 30 -6.50 -10.12 -3.39
N GLN A 31 -6.49 -8.83 -3.08
CA GLN A 31 -6.54 -7.80 -4.10
C GLN A 31 -5.16 -7.62 -4.74
N TRP A 32 -4.23 -8.44 -4.28
CA TRP A 32 -2.86 -8.37 -4.79
C TRP A 32 -2.91 -8.69 -6.29
N LYS A 33 -3.81 -9.59 -6.65
CA LYS A 33 -3.97 -9.99 -8.03
C LYS A 33 -4.70 -8.88 -8.80
N ILE A 34 -5.24 -7.94 -8.03
CA ILE A 34 -5.97 -6.83 -8.62
C ILE A 34 -5.02 -5.65 -8.82
N LEU A 35 -3.97 -5.64 -8.02
CA LEU A 35 -2.97 -4.58 -8.09
C LEU A 35 -1.81 -5.03 -8.95
N ALA A 36 -1.77 -6.33 -9.22
CA ALA A 36 -0.72 -6.90 -10.04
C ALA A 36 -0.80 -6.33 -11.45
N PRO A 37 -2.03 -6.37 -12.02
CA PRO A 37 -2.26 -5.86 -13.36
C PRO A 37 -2.28 -4.33 -13.37
N TYR A 38 -2.08 -3.76 -12.18
CA TYR A 38 -2.07 -2.31 -12.05
C TYR A 38 -0.72 -1.83 -11.51
N LEU A 39 0.14 -2.78 -11.21
CA LEU A 39 1.46 -2.46 -10.68
C LEU A 39 2.50 -2.65 -11.78
N GLU A 40 2.00 -2.97 -12.98
CA GLU A 40 2.88 -3.17 -14.12
C GLU A 40 3.84 -4.33 -13.85
N MET A 41 3.27 -5.44 -13.41
CA MET A 41 4.06 -6.62 -13.12
C MET A 41 4.08 -7.59 -14.30
N LYS A 42 4.63 -8.76 -14.07
CA LYS A 42 4.72 -9.78 -15.10
C LYS A 42 3.84 -10.97 -14.71
N ASP A 43 3.12 -11.49 -15.70
CA ASP A 43 2.24 -12.61 -15.48
C ASP A 43 2.96 -13.64 -14.61
N SER A 44 4.18 -13.97 -15.01
CA SER A 44 4.98 -14.94 -14.28
C SER A 44 5.08 -14.52 -12.81
N GLU A 45 5.37 -13.25 -12.60
CA GLU A 45 5.51 -12.72 -11.26
C GLU A 45 4.30 -13.12 -10.42
N ILE A 46 3.13 -12.78 -10.92
CA ILE A 46 1.89 -13.10 -10.22
C ILE A 46 1.87 -14.59 -9.87
N ARG A 47 2.29 -15.39 -10.84
CA ARG A 47 2.33 -16.83 -10.64
C ARG A 47 3.39 -17.21 -9.62
N GLN A 48 4.56 -16.58 -9.76
CA GLN A 48 5.66 -16.84 -8.85
C GLN A 48 5.22 -16.63 -7.40
N ILE A 49 4.72 -15.44 -7.13
CA ILE A 49 4.25 -15.10 -5.79
C ILE A 49 3.40 -16.26 -5.25
N GLU A 50 2.22 -16.42 -5.83
CA GLU A 50 1.32 -17.48 -5.41
C GLU A 50 2.11 -18.74 -5.06
N CYS A 51 2.96 -19.14 -5.99
CA CYS A 51 3.78 -20.33 -5.79
C CYS A 51 4.58 -20.15 -4.50
N ASP A 52 5.35 -19.07 -4.46
CA ASP A 52 6.17 -18.77 -3.30
C ASP A 52 5.37 -19.09 -2.03
N SER A 53 4.18 -18.51 -1.97
CA SER A 53 3.31 -18.72 -0.81
C SER A 53 1.85 -18.74 -1.26
N GLU A 54 1.12 -19.71 -0.73
CA GLU A 54 -0.29 -19.84 -1.07
C GLU A 54 -1.15 -19.17 0.02
N ASP A 55 -0.63 -18.08 0.56
CA ASP A 55 -1.33 -17.35 1.60
C ASP A 55 -1.67 -15.94 1.08
N MET A 56 -2.97 -15.67 1.03
CA MET A 56 -3.44 -14.37 0.56
C MET A 56 -2.50 -13.25 1.01
N LYS A 57 -2.32 -13.16 2.32
CA LYS A 57 -1.46 -12.14 2.89
C LYS A 57 -0.09 -12.20 2.20
N MET A 58 0.60 -13.30 2.41
CA MET A 58 1.92 -13.49 1.81
C MET A 58 1.94 -12.98 0.37
N ARG A 59 1.02 -13.50 -0.42
CA ARG A 59 0.92 -13.10 -1.82
C ARG A 59 1.02 -11.58 -1.95
N ALA A 60 0.12 -10.90 -1.25
CA ALA A 60 0.09 -9.45 -1.28
C ALA A 60 1.48 -8.91 -0.93
N LYS A 61 1.92 -9.22 0.28
CA LYS A 61 3.23 -8.77 0.73
C LYS A 61 4.25 -8.97 -0.39
N GLN A 62 4.45 -10.23 -0.75
CA GLN A 62 5.40 -10.56 -1.81
C GLN A 62 5.28 -9.56 -2.95
N LEU A 63 4.06 -9.38 -3.43
CA LEU A 63 3.80 -8.45 -4.52
C LEU A 63 4.32 -7.07 -4.14
N LEU A 64 3.74 -6.51 -3.08
CA LEU A 64 4.13 -5.21 -2.60
C LEU A 64 5.65 -5.09 -2.65
N VAL A 65 6.32 -6.13 -2.17
CA VAL A 65 7.77 -6.16 -2.15
C VAL A 65 8.29 -6.11 -3.59
N ALA A 66 7.93 -7.13 -4.35
CA ALA A 66 8.35 -7.22 -5.73
C ALA A 66 8.01 -5.92 -6.45
N TRP A 67 7.01 -5.23 -5.92
CA TRP A 67 6.58 -3.97 -6.51
C TRP A 67 7.51 -2.87 -5.98
N GLN A 68 7.70 -2.88 -4.67
CA GLN A 68 8.56 -1.89 -4.04
C GLN A 68 9.98 -1.99 -4.58
N ASP A 69 10.33 -3.19 -5.02
CA ASP A 69 11.65 -3.42 -5.57
C ASP A 69 11.62 -3.19 -7.08
N GLN A 70 10.48 -3.51 -7.67
CA GLN A 70 10.32 -3.34 -9.10
C GLN A 70 10.55 -1.88 -9.49
N GLU A 71 9.72 -1.01 -8.93
CA GLU A 71 9.83 0.41 -9.22
C GLU A 71 11.02 1.01 -8.46
N GLY A 72 11.19 0.57 -7.24
CA GLY A 72 12.29 1.05 -6.41
C GLY A 72 11.81 2.15 -5.45
N VAL A 73 12.40 3.32 -5.61
CA VAL A 73 12.05 4.46 -4.77
C VAL A 73 10.77 5.12 -5.33
N HIS A 74 10.37 4.66 -6.50
CA HIS A 74 9.19 5.19 -7.14
C HIS A 74 7.95 4.42 -6.66
N ALA A 75 8.15 3.65 -5.60
CA ALA A 75 7.07 2.86 -5.03
C ALA A 75 6.55 3.56 -3.78
N THR A 76 5.74 4.59 -3.99
CA THR A 76 5.16 5.34 -2.89
C THR A 76 3.73 4.89 -2.62
N PRO A 77 3.22 5.26 -1.42
CA PRO A 77 1.87 4.91 -1.04
C PRO A 77 0.84 5.77 -1.77
N GLU A 78 1.32 6.89 -2.28
CA GLU A 78 0.46 7.81 -3.00
C GLU A 78 0.15 7.26 -4.40
N ASN A 79 1.13 6.56 -4.96
CA ASN A 79 0.98 5.98 -6.28
C ASN A 79 0.11 4.72 -6.18
N LEU A 80 0.45 3.89 -5.20
CA LEU A 80 -0.28 2.65 -4.99
C LEU A 80 -1.77 2.95 -4.86
N ILE A 81 -2.08 3.84 -3.91
CA ILE A 81 -3.45 4.24 -3.68
C ILE A 81 -4.10 4.64 -5.01
N ASN A 82 -3.38 5.45 -5.76
CA ASN A 82 -3.86 5.92 -7.04
C ASN A 82 -4.17 4.72 -7.94
N ALA A 83 -3.33 3.70 -7.81
CA ALA A 83 -3.49 2.49 -8.59
C ALA A 83 -4.69 1.70 -8.07
N LEU A 84 -4.85 1.75 -6.75
CA LEU A 84 -5.94 1.05 -6.11
C LEU A 84 -7.27 1.61 -6.61
N ASN A 85 -7.36 2.94 -6.61
CA ASN A 85 -8.56 3.60 -7.06
C ASN A 85 -9.00 3.01 -8.39
N LYS A 86 -8.15 3.19 -9.40
CA LYS A 86 -8.45 2.67 -10.73
C LYS A 86 -8.81 1.20 -10.64
N SER A 87 -8.02 0.47 -9.85
CA SER A 87 -8.24 -0.94 -9.66
C SER A 87 -9.57 -1.17 -8.94
N GLY A 88 -10.14 -0.08 -8.45
CA GLY A 88 -11.41 -0.15 -7.75
C GLY A 88 -11.20 -0.58 -6.29
N LEU A 89 -9.96 -0.46 -5.84
CA LEU A 89 -9.62 -0.83 -4.48
C LEU A 89 -9.71 0.39 -3.58
N SER A 90 -10.62 1.29 -3.95
CA SER A 90 -10.81 2.51 -3.19
C SER A 90 -10.68 2.22 -1.69
N ASP A 91 -11.15 1.05 -1.30
CA ASP A 91 -11.07 0.64 0.09
C ASP A 91 -9.63 0.78 0.59
N LEU A 92 -8.73 0.15 -0.15
CA LEU A 92 -7.32 0.20 0.21
C LEU A 92 -6.86 1.66 0.26
N ALA A 93 -7.23 2.40 -0.77
CA ALA A 93 -6.87 3.81 -0.86
C ALA A 93 -7.20 4.50 0.46
N GLU A 94 -8.49 4.50 0.78
CA GLU A 94 -8.95 5.13 2.01
C GLU A 94 -8.28 4.48 3.22
N SER A 95 -8.22 3.16 3.19
CA SER A 95 -7.61 2.42 4.28
C SER A 95 -6.21 2.96 4.57
N LEU A 96 -5.44 3.11 3.50
CA LEU A 96 -4.09 3.62 3.63
C LEU A 96 -4.14 5.06 4.15
N THR A 97 -4.64 5.95 3.30
CA THR A 97 -4.75 7.35 3.67
C THR A 97 -5.12 7.49 5.14
N ASN A 98 -6.37 7.16 5.43
CA ASN A 98 -6.87 7.24 6.79
C ASN A 98 -6.67 8.67 7.32
N ASP A 99 -7.68 9.50 7.09
CA ASP A 99 -7.62 10.88 7.54
C ASP A 99 -7.55 10.92 9.07
N ASN A 100 -6.56 11.65 9.57
CA ASN A 100 -6.37 11.77 11.00
C ASN A 100 -6.05 10.40 11.59
N GLU A 101 -5.12 10.40 12.54
CA GLU A 101 -4.72 9.16 13.19
C GLU A 101 -4.86 9.29 14.71
N THR A 102 -4.79 8.15 15.38
CA THR A 102 -4.91 8.13 16.83
C THR A 102 -4.46 6.76 17.38
N ASN A 103 -4.99 5.71 16.76
CA ASN A 103 -4.66 4.36 17.17
C ASN A 103 -5.01 4.18 18.66
N SER A 104 -5.02 2.93 19.07
CA SER A 104 -5.34 2.61 20.46
C SER A 104 -4.05 2.46 21.27
N SER A 105 -4.23 2.43 22.58
CA SER A 105 -3.09 2.30 23.48
C SER A 105 -2.84 0.82 23.81
N GLY A 106 -3.88 0.19 24.34
CA GLY A 106 -3.80 -1.22 24.70
C GLY A 106 -4.97 -2.01 24.12
N PRO A 107 -4.70 -2.67 22.96
CA PRO A 107 -5.73 -3.47 22.30
C PRO A 107 -5.97 -4.78 23.05
N SER A 108 -7.06 -5.44 22.67
CA SER A 108 -7.42 -6.70 23.30
C SER A 108 -8.07 -7.62 22.27
N SER A 109 -7.29 -8.58 21.80
CA SER A 109 -7.78 -9.54 20.81
C SER A 109 -6.86 -10.76 20.77
N GLY A 110 -7.41 -11.88 21.23
CA GLY A 110 -6.65 -13.12 21.25
C GLY A 110 -5.81 -13.25 22.52
N GLY A 1 -18.39 22.41 8.80
CA GLY A 1 -17.37 23.35 8.35
C GLY A 1 -16.11 23.24 9.21
N SER A 2 -15.18 22.43 8.72
CA SER A 2 -13.92 22.23 9.44
C SER A 2 -12.78 22.05 8.44
N SER A 3 -11.77 22.89 8.59
CA SER A 3 -10.61 22.83 7.71
C SER A 3 -9.49 22.03 8.38
N GLY A 4 -9.23 20.86 7.82
CA GLY A 4 -8.19 19.99 8.34
C GLY A 4 -6.89 20.16 7.56
N SER A 5 -5.88 19.40 7.97
CA SER A 5 -4.58 19.47 7.32
C SER A 5 -4.16 18.06 6.87
N SER A 6 -4.04 17.18 7.85
CA SER A 6 -3.65 15.81 7.58
C SER A 6 -2.21 15.78 7.05
N GLY A 7 -1.39 14.97 7.70
CA GLY A 7 0.00 14.85 7.31
C GLY A 7 0.87 14.37 8.49
N PRO A 8 1.20 13.07 8.47
CA PRO A 8 2.01 12.48 9.52
C PRO A 8 3.49 12.90 9.37
N ASP A 9 3.71 14.20 9.44
CA ASP A 9 5.05 14.73 9.32
C ASP A 9 5.77 14.03 8.17
N VAL A 10 5.48 14.50 6.96
CA VAL A 10 6.09 13.93 5.77
C VAL A 10 5.65 12.47 5.63
N ARG A 11 5.27 12.11 4.41
CA ARG A 11 4.82 10.76 4.13
C ARG A 11 4.37 10.65 2.67
N ARG A 12 4.54 9.45 2.12
CA ARG A 12 4.15 9.19 0.75
C ARG A 12 5.23 9.72 -0.21
N ASP A 13 5.63 10.96 0.02
CA ASP A 13 6.64 11.58 -0.81
C ASP A 13 7.75 10.57 -1.10
N LYS A 14 7.91 9.64 -0.17
CA LYS A 14 8.93 8.62 -0.31
C LYS A 14 8.27 7.26 -0.53
N PRO A 15 9.11 6.24 -0.84
CA PRO A 15 8.60 4.90 -1.09
C PRO A 15 8.22 4.22 0.23
N VAL A 16 7.25 3.32 0.13
CA VAL A 16 6.78 2.59 1.29
C VAL A 16 7.96 1.88 1.96
N THR A 17 7.71 1.41 3.17
CA THR A 17 8.74 0.72 3.93
C THR A 17 8.19 -0.59 4.51
N GLY A 18 9.10 -1.48 4.85
CA GLY A 18 8.73 -2.77 5.41
C GLY A 18 7.59 -2.60 6.43
N GLU A 19 7.69 -1.52 7.19
CA GLU A 19 6.68 -1.24 8.21
C GLU A 19 5.30 -1.11 7.57
N GLN A 20 5.26 -0.37 6.46
CA GLN A 20 4.01 -0.16 5.75
C GLN A 20 3.64 -1.41 4.95
N ILE A 21 4.60 -1.88 4.17
CA ILE A 21 4.40 -3.06 3.36
C ILE A 21 3.58 -4.09 4.15
N GLU A 22 4.23 -4.67 5.15
CA GLU A 22 3.58 -5.65 5.99
C GLU A 22 2.13 -5.27 6.24
N VAL A 23 1.95 -4.03 6.68
CA VAL A 23 0.62 -3.52 6.97
C VAL A 23 -0.26 -3.65 5.72
N PHE A 24 0.19 -3.00 4.65
CA PHE A 24 -0.53 -3.03 3.39
C PHE A 24 -1.00 -4.46 3.08
N ALA A 25 -0.05 -5.38 3.10
CA ALA A 25 -0.36 -6.78 2.82
C ALA A 25 -1.71 -7.14 3.44
N ASN A 26 -1.77 -7.06 4.76
CA ASN A 26 -2.99 -7.37 5.48
C ASN A 26 -4.17 -6.67 4.80
N LYS A 27 -3.95 -5.43 4.42
CA LYS A 27 -4.98 -4.65 3.76
C LYS A 27 -5.26 -5.26 2.38
N LEU A 28 -4.26 -5.21 1.53
CA LEU A 28 -4.38 -5.74 0.19
C LEU A 28 -5.18 -7.04 0.24
N GLY A 29 -4.56 -8.06 0.82
CA GLY A 29 -5.19 -9.36 0.95
C GLY A 29 -5.17 -10.10 -0.38
N GLU A 30 -6.36 -10.47 -0.84
CA GLU A 30 -6.49 -11.19 -2.10
C GLU A 30 -6.55 -10.20 -3.27
N GLN A 31 -6.55 -8.92 -2.92
CA GLN A 31 -6.60 -7.88 -3.94
C GLN A 31 -5.23 -7.69 -4.59
N TRP A 32 -4.29 -8.50 -4.13
CA TRP A 32 -2.93 -8.43 -4.66
C TRP A 32 -2.98 -8.82 -6.14
N LYS A 33 -3.98 -9.64 -6.47
CA LYS A 33 -4.15 -10.09 -7.84
C LYS A 33 -4.90 -9.01 -8.63
N ILE A 34 -5.45 -8.06 -7.90
CA ILE A 34 -6.20 -6.98 -8.52
C ILE A 34 -5.25 -5.79 -8.76
N LEU A 35 -4.18 -5.77 -7.99
CA LEU A 35 -3.21 -4.71 -8.11
C LEU A 35 -2.06 -5.16 -9.02
N ALA A 36 -2.02 -6.48 -9.24
CA ALA A 36 -0.99 -7.05 -10.08
C ALA A 36 -1.10 -6.47 -11.48
N PRO A 37 -2.34 -6.48 -12.03
CA PRO A 37 -2.59 -5.96 -13.36
C PRO A 37 -2.58 -4.43 -13.35
N TYR A 38 -2.34 -3.87 -12.17
CA TYR A 38 -2.30 -2.43 -12.02
C TYR A 38 -0.95 -1.97 -11.49
N LEU A 39 -0.11 -2.95 -11.18
CA LEU A 39 1.22 -2.66 -10.66
C LEU A 39 2.26 -2.92 -11.75
N GLU A 40 1.75 -3.33 -12.91
CA GLU A 40 2.63 -3.62 -14.04
C GLU A 40 3.46 -4.88 -13.75
N MET A 41 2.81 -5.86 -13.17
CA MET A 41 3.46 -7.11 -12.84
C MET A 41 3.67 -7.97 -14.08
N LYS A 42 4.40 -9.06 -13.90
CA LYS A 42 4.67 -9.97 -15.01
C LYS A 42 3.90 -11.28 -14.78
N ASP A 43 3.23 -11.72 -15.84
CA ASP A 43 2.45 -12.95 -15.79
C ASP A 43 3.22 -13.98 -14.95
N SER A 44 4.50 -14.10 -15.23
CA SER A 44 5.34 -15.04 -14.52
C SER A 44 5.39 -14.69 -13.03
N GLU A 45 5.70 -13.43 -12.77
CA GLU A 45 5.77 -12.95 -11.39
C GLU A 45 4.50 -13.30 -10.64
N ILE A 46 3.38 -12.79 -11.14
CA ILE A 46 2.09 -13.05 -10.54
C ILE A 46 2.00 -14.53 -10.13
N ARG A 47 2.41 -15.38 -11.06
CA ARG A 47 2.38 -16.82 -10.83
C ARG A 47 3.40 -17.20 -9.75
N GLN A 48 4.56 -16.55 -9.83
CA GLN A 48 5.62 -16.81 -8.88
C GLN A 48 5.13 -16.59 -7.44
N ILE A 49 4.66 -15.38 -7.19
CA ILE A 49 4.15 -15.03 -5.87
C ILE A 49 3.14 -16.10 -5.43
N GLU A 50 2.19 -16.36 -6.31
CA GLU A 50 1.16 -17.35 -6.02
C GLU A 50 1.79 -18.65 -5.51
N CYS A 51 2.85 -19.06 -6.20
CA CYS A 51 3.55 -20.28 -5.84
C CYS A 51 4.31 -20.02 -4.53
N ASP A 52 5.06 -18.93 -4.53
CA ASP A 52 5.84 -18.57 -3.36
C ASP A 52 5.01 -18.84 -2.09
N SER A 53 3.87 -18.18 -2.02
CA SER A 53 2.99 -18.35 -0.88
C SER A 53 1.55 -18.61 -1.36
N GLU A 54 0.84 -19.40 -0.57
CA GLU A 54 -0.54 -19.73 -0.90
C GLU A 54 -1.49 -18.65 -0.38
N ASP A 55 -1.30 -18.30 0.89
CA ASP A 55 -2.13 -17.29 1.51
C ASP A 55 -2.01 -15.98 0.73
N MET A 56 -3.06 -15.19 0.82
CA MET A 56 -3.10 -13.91 0.12
C MET A 56 -2.19 -12.89 0.82
N LYS A 57 -2.34 -12.82 2.13
CA LYS A 57 -1.54 -11.89 2.92
C LYS A 57 -0.09 -11.93 2.44
N MET A 58 0.45 -13.14 2.38
CA MET A 58 1.82 -13.34 1.94
C MET A 58 2.01 -12.88 0.50
N ARG A 59 1.16 -13.43 -0.37
CA ARG A 59 1.21 -13.09 -1.78
C ARG A 59 1.21 -11.57 -1.97
N ALA A 60 0.35 -10.91 -1.20
CA ALA A 60 0.24 -9.46 -1.27
C ALA A 60 1.58 -8.83 -0.90
N LYS A 61 2.05 -9.17 0.30
CA LYS A 61 3.32 -8.65 0.77
C LYS A 61 4.38 -8.82 -0.32
N GLN A 62 4.55 -10.05 -0.76
CA GLN A 62 5.52 -10.36 -1.80
C GLN A 62 5.35 -9.39 -2.98
N LEU A 63 4.10 -9.18 -3.35
CA LEU A 63 3.80 -8.28 -4.46
C LEU A 63 4.33 -6.88 -4.14
N LEU A 64 4.02 -6.42 -2.93
CA LEU A 64 4.45 -5.11 -2.49
C LEU A 64 5.98 -5.03 -2.58
N VAL A 65 6.62 -6.11 -2.17
CA VAL A 65 8.07 -6.17 -2.18
C VAL A 65 8.55 -6.08 -3.64
N ALA A 66 8.11 -7.02 -4.44
CA ALA A 66 8.48 -7.05 -5.84
C ALA A 66 8.08 -5.74 -6.50
N TRP A 67 6.96 -5.20 -6.05
CA TRP A 67 6.46 -3.94 -6.58
C TRP A 67 7.33 -2.81 -6.04
N GLN A 68 7.89 -3.05 -4.86
CA GLN A 68 8.74 -2.06 -4.23
C GLN A 68 10.15 -2.11 -4.82
N ASP A 69 10.57 -3.32 -5.18
CA ASP A 69 11.89 -3.52 -5.77
C ASP A 69 11.78 -3.39 -7.29
N GLN A 70 10.55 -3.42 -7.78
CA GLN A 70 10.31 -3.32 -9.20
C GLN A 70 10.51 -1.87 -9.66
N GLU A 71 9.62 -1.00 -9.19
CA GLU A 71 9.70 0.41 -9.55
C GLU A 71 10.95 1.04 -8.94
N GLY A 72 11.38 0.49 -7.83
CA GLY A 72 12.57 0.99 -7.15
C GLY A 72 12.19 1.85 -5.94
N VAL A 73 12.51 3.13 -6.04
CA VAL A 73 12.22 4.07 -4.98
C VAL A 73 10.91 4.80 -5.30
N HIS A 74 10.48 4.67 -6.55
CA HIS A 74 9.26 5.30 -7.00
C HIS A 74 8.05 4.58 -6.38
N ALA A 75 8.34 3.44 -5.77
CA ALA A 75 7.28 2.65 -5.15
C ALA A 75 6.79 3.38 -3.89
N THR A 76 5.81 4.24 -4.09
CA THR A 76 5.24 5.00 -2.99
C THR A 76 3.81 4.53 -2.70
N PRO A 77 3.30 4.94 -1.51
CA PRO A 77 1.96 4.57 -1.10
C PRO A 77 0.92 5.38 -1.86
N GLU A 78 1.27 6.62 -2.15
CA GLU A 78 0.37 7.51 -2.87
C GLU A 78 0.04 6.92 -4.25
N ASN A 79 1.08 6.48 -4.94
CA ASN A 79 0.92 5.89 -6.26
C ASN A 79 0.04 4.63 -6.14
N LEU A 80 0.41 3.79 -5.19
CA LEU A 80 -0.31 2.55 -4.97
C LEU A 80 -1.79 2.86 -4.75
N ILE A 81 -2.03 3.84 -3.88
CA ILE A 81 -3.40 4.25 -3.57
C ILE A 81 -4.11 4.64 -4.87
N ASN A 82 -3.38 5.34 -5.72
CA ASN A 82 -3.93 5.77 -6.99
C ASN A 82 -4.30 4.56 -7.84
N ALA A 83 -3.37 3.62 -7.91
CA ALA A 83 -3.59 2.41 -8.67
C ALA A 83 -4.77 1.65 -8.09
N LEU A 84 -4.87 1.68 -6.76
CA LEU A 84 -5.95 1.01 -6.07
C LEU A 84 -7.29 1.56 -6.55
N ASN A 85 -7.38 2.88 -6.55
CA ASN A 85 -8.59 3.55 -6.99
C ASN A 85 -9.03 2.98 -8.33
N LYS A 86 -8.16 3.16 -9.32
CA LYS A 86 -8.44 2.67 -10.66
C LYS A 86 -8.81 1.18 -10.59
N SER A 87 -8.09 0.47 -9.73
CA SER A 87 -8.33 -0.95 -9.56
C SER A 87 -9.64 -1.18 -8.80
N GLY A 88 -10.24 -0.07 -8.38
CA GLY A 88 -11.50 -0.14 -7.64
C GLY A 88 -11.26 -0.57 -6.19
N LEU A 89 -10.01 -0.44 -5.77
CA LEU A 89 -9.64 -0.82 -4.42
C LEU A 89 -9.73 0.41 -3.51
N SER A 90 -10.60 1.33 -3.89
CA SER A 90 -10.78 2.55 -3.13
C SER A 90 -10.67 2.25 -1.64
N ASP A 91 -11.16 1.08 -1.25
CA ASP A 91 -11.11 0.67 0.14
C ASP A 91 -9.70 0.89 0.69
N LEU A 92 -8.74 0.33 -0.02
CA LEU A 92 -7.34 0.46 0.38
C LEU A 92 -6.95 1.94 0.38
N ALA A 93 -7.12 2.56 -0.78
CA ALA A 93 -6.79 3.97 -0.93
C ALA A 93 -7.18 4.72 0.35
N GLU A 94 -8.45 4.55 0.73
CA GLU A 94 -8.96 5.21 1.91
C GLU A 94 -8.29 4.63 3.17
N SER A 95 -8.16 3.31 3.17
CA SER A 95 -7.55 2.63 4.30
C SER A 95 -6.15 3.20 4.56
N LEU A 96 -5.33 3.17 3.52
CA LEU A 96 -3.98 3.68 3.63
C LEU A 96 -4.02 5.14 4.09
N THR A 97 -4.40 6.00 3.17
CA THR A 97 -4.49 7.43 3.47
C THR A 97 -5.16 7.65 4.82
N ASN A 98 -6.30 7.00 4.99
CA ASN A 98 -7.05 7.11 6.23
C ASN A 98 -7.01 8.56 6.71
N ASP A 99 -7.94 9.34 6.19
CA ASP A 99 -8.02 10.76 6.55
C ASP A 99 -8.15 10.88 8.06
N ASN A 100 -7.19 11.56 8.66
CA ASN A 100 -7.19 11.76 10.09
C ASN A 100 -7.18 10.40 10.80
N GLU A 101 -6.04 10.07 11.38
CA GLU A 101 -5.88 8.82 12.08
C GLU A 101 -6.15 8.99 13.58
N THR A 102 -5.37 9.89 14.18
CA THR A 102 -5.52 10.15 15.60
C THR A 102 -5.81 11.64 15.83
N ASN A 103 -6.88 11.90 16.55
CA ASN A 103 -7.28 13.27 16.85
C ASN A 103 -7.66 13.38 18.32
N SER A 104 -6.85 14.14 19.06
CA SER A 104 -7.10 14.34 20.48
C SER A 104 -6.16 15.40 21.03
N SER A 105 -6.70 16.23 21.91
CA SER A 105 -5.93 17.30 22.51
C SER A 105 -4.66 16.72 23.15
N GLY A 106 -3.53 17.31 22.77
CA GLY A 106 -2.25 16.87 23.30
C GLY A 106 -2.32 16.66 24.81
N PRO A 107 -2.12 15.38 25.23
CA PRO A 107 -2.16 15.03 26.64
C PRO A 107 -0.89 15.49 27.35
N SER A 108 0.24 15.28 26.69
CA SER A 108 1.52 15.67 27.25
C SER A 108 1.61 17.20 27.33
N SER A 109 1.46 17.83 26.18
CA SER A 109 1.52 19.27 26.10
C SER A 109 0.39 19.80 25.22
N GLY A 110 -0.27 20.84 25.70
CA GLY A 110 -1.37 21.44 24.95
C GLY A 110 -2.61 21.59 25.84
N GLY A 1 -5.25 16.85 13.40
CA GLY A 1 -3.81 16.77 13.20
C GLY A 1 -3.15 15.89 14.26
N SER A 2 -2.91 16.49 15.41
CA SER A 2 -2.28 15.77 16.51
C SER A 2 -0.87 15.32 16.10
N SER A 3 -0.06 15.02 17.11
CA SER A 3 1.30 14.57 16.88
C SER A 3 1.32 13.09 16.50
N GLY A 4 2.17 12.76 15.55
CA GLY A 4 2.29 11.39 15.09
C GLY A 4 2.96 10.52 16.15
N SER A 5 2.17 10.16 17.16
CA SER A 5 2.68 9.32 18.24
C SER A 5 2.78 7.87 17.78
N SER A 6 3.98 7.49 17.35
CA SER A 6 4.20 6.14 16.88
C SER A 6 3.03 5.67 16.01
N GLY A 7 3.13 5.99 14.73
CA GLY A 7 2.09 5.61 13.79
C GLY A 7 2.70 5.13 12.47
N PRO A 8 1.85 4.46 11.65
CA PRO A 8 2.29 3.94 10.36
C PRO A 8 2.43 5.07 9.34
N ASP A 9 3.24 6.05 9.70
CA ASP A 9 3.46 7.20 8.82
C ASP A 9 2.12 7.81 8.43
N VAL A 10 2.19 8.92 7.73
CA VAL A 10 1.00 9.61 7.28
C VAL A 10 1.19 10.09 5.84
N ARG A 11 1.74 11.29 5.72
CA ARG A 11 1.98 11.87 4.41
C ARG A 11 2.47 10.79 3.43
N ARG A 12 1.95 10.86 2.22
CA ARG A 12 2.32 9.90 1.19
C ARG A 12 3.23 10.56 0.16
N ASP A 13 4.53 10.36 0.35
CA ASP A 13 5.52 10.93 -0.55
C ASP A 13 6.68 9.94 -0.71
N LYS A 14 7.29 9.61 0.41
CA LYS A 14 8.41 8.68 0.42
C LYS A 14 7.93 7.30 -0.01
N PRO A 15 8.90 6.46 -0.45
CA PRO A 15 8.58 5.11 -0.90
C PRO A 15 8.30 4.20 0.29
N VAL A 16 7.20 3.47 0.19
CA VAL A 16 6.81 2.55 1.24
C VAL A 16 8.03 1.75 1.71
N THR A 17 7.93 1.21 2.91
CA THR A 17 9.01 0.42 3.47
C THR A 17 8.47 -0.86 4.09
N GLY A 18 9.39 -1.75 4.44
CA GLY A 18 9.01 -3.02 5.05
C GLY A 18 7.96 -2.82 6.13
N GLU A 19 7.97 -1.63 6.72
CA GLU A 19 7.02 -1.29 7.77
C GLU A 19 5.63 -1.08 7.17
N GLN A 20 5.60 -0.33 6.08
CA GLN A 20 4.35 -0.05 5.40
C GLN A 20 3.88 -1.26 4.59
N ILE A 21 4.83 -1.86 3.88
CA ILE A 21 4.53 -3.03 3.06
C ILE A 21 3.68 -4.00 3.88
N GLU A 22 4.32 -4.61 4.86
CA GLU A 22 3.64 -5.57 5.72
C GLU A 22 2.20 -5.12 5.99
N VAL A 23 2.07 -3.84 6.33
CA VAL A 23 0.77 -3.26 6.62
C VAL A 23 -0.10 -3.32 5.35
N PHE A 24 0.42 -2.72 4.30
CA PHE A 24 -0.29 -2.69 3.03
C PHE A 24 -0.74 -4.09 2.62
N ALA A 25 0.20 -5.02 2.65
CA ALA A 25 -0.10 -6.40 2.30
C ALA A 25 -1.44 -6.80 2.90
N ASN A 26 -1.47 -6.86 4.23
CA ASN A 26 -2.68 -7.23 4.94
C ASN A 26 -3.87 -6.51 4.31
N LYS A 27 -3.72 -5.20 4.15
CA LYS A 27 -4.77 -4.39 3.56
C LYS A 27 -5.11 -4.93 2.17
N LEU A 28 -4.07 -5.16 1.39
CA LEU A 28 -4.24 -5.67 0.04
C LEU A 28 -5.10 -6.93 0.08
N GLY A 29 -4.55 -7.97 0.69
CA GLY A 29 -5.27 -9.23 0.81
C GLY A 29 -5.25 -9.99 -0.52
N GLU A 30 -6.43 -10.38 -0.95
CA GLU A 30 -6.58 -11.12 -2.19
C GLU A 30 -6.60 -10.15 -3.39
N GLN A 31 -6.59 -8.87 -3.06
CA GLN A 31 -6.61 -7.84 -4.08
C GLN A 31 -5.22 -7.68 -4.70
N TRP A 32 -4.29 -8.47 -4.20
CA TRP A 32 -2.91 -8.42 -4.69
C TRP A 32 -2.94 -8.81 -6.17
N LYS A 33 -3.85 -9.70 -6.50
CA LYS A 33 -3.99 -10.16 -7.87
C LYS A 33 -4.74 -9.11 -8.69
N ILE A 34 -5.37 -8.18 -7.97
CA ILE A 34 -6.12 -7.12 -8.61
C ILE A 34 -5.20 -5.93 -8.88
N LEU A 35 -4.17 -5.82 -8.07
CA LEU A 35 -3.21 -4.75 -8.21
C LEU A 35 -2.01 -5.23 -9.02
N ALA A 36 -1.90 -6.56 -9.11
CA ALA A 36 -0.81 -7.16 -9.87
C ALA A 36 -0.76 -6.55 -11.27
N PRO A 37 -1.96 -6.47 -11.90
CA PRO A 37 -2.07 -5.91 -13.24
C PRO A 37 -1.93 -4.39 -13.22
N TYR A 38 -2.39 -3.81 -12.12
CA TYR A 38 -2.33 -2.36 -11.96
C TYR A 38 -0.96 -1.94 -11.40
N LEU A 39 -0.11 -2.92 -11.20
CA LEU A 39 1.23 -2.66 -10.67
C LEU A 39 2.26 -2.93 -11.77
N GLU A 40 1.78 -3.42 -12.90
CA GLU A 40 2.64 -3.73 -14.02
C GLU A 40 3.54 -4.93 -13.70
N MET A 41 2.90 -5.97 -13.16
CA MET A 41 3.62 -7.17 -12.81
C MET A 41 3.84 -8.06 -14.03
N LYS A 42 4.50 -9.19 -13.79
CA LYS A 42 4.79 -10.13 -14.86
C LYS A 42 3.97 -11.40 -14.65
N ASP A 43 3.34 -11.84 -15.72
CA ASP A 43 2.51 -13.04 -15.67
C ASP A 43 3.21 -14.09 -14.80
N SER A 44 4.49 -14.30 -15.12
CA SER A 44 5.28 -15.28 -14.37
C SER A 44 5.31 -14.91 -12.90
N GLU A 45 5.59 -13.64 -12.64
CA GLU A 45 5.67 -13.15 -11.27
C GLU A 45 4.40 -13.53 -10.50
N ILE A 46 3.27 -13.03 -11.00
CA ILE A 46 2.00 -13.31 -10.38
C ILE A 46 1.89 -14.81 -10.07
N ARG A 47 2.46 -15.60 -10.98
CA ARG A 47 2.44 -17.04 -10.82
C ARG A 47 3.44 -17.47 -9.77
N GLN A 48 4.55 -16.74 -9.70
CA GLN A 48 5.60 -17.04 -8.74
C GLN A 48 5.08 -16.84 -7.32
N ILE A 49 4.56 -15.64 -7.08
CA ILE A 49 4.03 -15.32 -5.76
C ILE A 49 2.94 -16.32 -5.39
N GLU A 50 1.98 -16.47 -6.28
CA GLU A 50 0.88 -17.38 -6.06
C GLU A 50 1.40 -18.71 -5.48
N CYS A 51 2.56 -19.11 -5.99
CA CYS A 51 3.17 -20.35 -5.54
C CYS A 51 4.00 -20.05 -4.29
N ASP A 52 4.88 -19.07 -4.41
CA ASP A 52 5.73 -18.68 -3.29
C ASP A 52 4.92 -18.72 -2.00
N SER A 53 3.68 -18.28 -2.11
CA SER A 53 2.79 -18.26 -0.96
C SER A 53 1.37 -18.65 -1.39
N GLU A 54 0.69 -19.37 -0.51
CA GLU A 54 -0.67 -19.80 -0.78
C GLU A 54 -1.66 -18.73 -0.33
N ASP A 55 -1.53 -18.33 0.92
CA ASP A 55 -2.41 -17.31 1.48
C ASP A 55 -2.23 -16.00 0.70
N MET A 56 -3.28 -15.18 0.75
CA MET A 56 -3.27 -13.91 0.06
C MET A 56 -2.37 -12.90 0.79
N LYS A 57 -2.52 -12.86 2.11
CA LYS A 57 -1.74 -11.95 2.92
C LYS A 57 -0.28 -12.00 2.48
N MET A 58 0.25 -13.21 2.41
CA MET A 58 1.63 -13.41 2.00
C MET A 58 1.85 -12.93 0.56
N ARG A 59 1.03 -13.47 -0.34
CA ARG A 59 1.13 -13.10 -1.74
C ARG A 59 1.16 -11.58 -1.90
N ALA A 60 0.26 -10.92 -1.17
CA ALA A 60 0.17 -9.48 -1.21
C ALA A 60 1.53 -8.87 -0.86
N LYS A 61 2.07 -9.34 0.27
CA LYS A 61 3.36 -8.85 0.73
C LYS A 61 4.40 -9.03 -0.38
N GLN A 62 4.63 -10.28 -0.73
CA GLN A 62 5.59 -10.61 -1.77
C GLN A 62 5.46 -9.63 -2.94
N LEU A 63 4.22 -9.33 -3.28
CA LEU A 63 3.94 -8.41 -4.36
C LEU A 63 4.51 -7.03 -4.01
N LEU A 64 3.96 -6.45 -2.96
CA LEU A 64 4.40 -5.13 -2.52
C LEU A 64 5.93 -5.06 -2.57
N VAL A 65 6.56 -6.14 -2.13
CA VAL A 65 8.00 -6.22 -2.13
C VAL A 65 8.53 -6.07 -3.56
N ALA A 66 8.11 -7.01 -4.41
CA ALA A 66 8.52 -6.99 -5.80
C ALA A 66 8.16 -5.65 -6.42
N TRP A 67 6.97 -5.18 -6.09
CA TRP A 67 6.49 -3.91 -6.61
C TRP A 67 7.38 -2.80 -6.04
N GLN A 68 7.91 -3.07 -4.85
CA GLN A 68 8.78 -2.10 -4.18
C GLN A 68 10.19 -2.18 -4.76
N ASP A 69 10.52 -3.35 -5.30
CA ASP A 69 11.83 -3.55 -5.88
C ASP A 69 11.81 -3.10 -7.34
N GLN A 70 10.65 -3.27 -7.97
CA GLN A 70 10.48 -2.88 -9.36
C GLN A 70 10.53 -1.36 -9.49
N GLU A 71 9.52 -0.71 -8.95
CA GLU A 71 9.44 0.73 -8.99
C GLU A 71 10.64 1.36 -8.26
N GLY A 72 11.09 0.66 -7.25
CA GLY A 72 12.22 1.12 -6.46
C GLY A 72 11.79 2.19 -5.45
N VAL A 73 12.46 3.32 -5.50
CA VAL A 73 12.16 4.41 -4.59
C VAL A 73 10.87 5.10 -5.04
N HIS A 74 10.36 4.64 -6.18
CA HIS A 74 9.14 5.20 -6.74
C HIS A 74 7.92 4.52 -6.10
N ALA A 75 8.20 3.42 -5.42
CA ALA A 75 7.14 2.67 -4.76
C ALA A 75 6.63 3.46 -3.55
N THR A 76 5.77 4.43 -3.83
CA THR A 76 5.21 5.26 -2.77
C THR A 76 3.78 4.84 -2.47
N PRO A 77 3.31 5.25 -1.26
CA PRO A 77 1.95 4.93 -0.84
C PRO A 77 0.93 5.79 -1.57
N GLU A 78 1.41 6.89 -2.11
CA GLU A 78 0.54 7.80 -2.84
C GLU A 78 0.26 7.26 -4.25
N ASN A 79 1.25 6.57 -4.79
CA ASN A 79 1.13 6.00 -6.12
C ASN A 79 0.26 4.73 -6.03
N LEU A 80 0.59 3.89 -5.07
CA LEU A 80 -0.14 2.65 -4.87
C LEU A 80 -1.63 2.96 -4.72
N ILE A 81 -1.92 3.99 -3.94
CA ILE A 81 -3.29 4.39 -3.71
C ILE A 81 -3.95 4.74 -5.04
N ASN A 82 -3.25 5.54 -5.82
CA ASN A 82 -3.75 5.96 -7.13
C ASN A 82 -4.26 4.73 -7.88
N ALA A 83 -3.43 3.69 -7.89
CA ALA A 83 -3.77 2.46 -8.57
C ALA A 83 -4.97 1.81 -7.87
N LEU A 84 -4.90 1.79 -6.55
CA LEU A 84 -5.97 1.21 -5.75
C LEU A 84 -7.31 1.83 -6.16
N ASN A 85 -7.22 3.07 -6.62
CA ASN A 85 -8.41 3.79 -7.04
C ASN A 85 -8.93 3.19 -8.35
N LYS A 86 -8.11 3.31 -9.38
CA LYS A 86 -8.47 2.78 -10.69
C LYS A 86 -8.74 1.27 -10.57
N SER A 87 -7.98 0.64 -9.69
CA SER A 87 -8.12 -0.79 -9.46
C SER A 87 -9.47 -1.08 -8.81
N GLY A 88 -10.15 -0.02 -8.42
CA GLY A 88 -11.46 -0.15 -7.78
C GLY A 88 -11.32 -0.70 -6.37
N LEU A 89 -10.16 -0.44 -5.78
CA LEU A 89 -9.90 -0.91 -4.43
C LEU A 89 -9.96 0.29 -3.47
N SER A 90 -10.91 1.17 -3.74
CA SER A 90 -11.08 2.34 -2.90
C SER A 90 -10.87 1.98 -1.43
N ASP A 91 -11.41 0.85 -1.05
CA ASP A 91 -11.28 0.38 0.32
C ASP A 91 -9.82 0.51 0.77
N LEU A 92 -8.92 0.04 -0.08
CA LEU A 92 -7.51 0.10 0.21
C LEU A 92 -7.07 1.57 0.31
N ALA A 93 -7.26 2.28 -0.79
CA ALA A 93 -6.90 3.69 -0.84
C ALA A 93 -7.33 4.37 0.45
N GLU A 94 -8.61 4.23 0.77
CA GLU A 94 -9.15 4.83 1.97
C GLU A 94 -8.47 4.24 3.21
N SER A 95 -8.06 2.99 3.09
CA SER A 95 -7.40 2.30 4.18
C SER A 95 -6.07 2.99 4.49
N LEU A 96 -5.28 3.19 3.45
CA LEU A 96 -3.98 3.83 3.61
C LEU A 96 -4.19 5.26 4.11
N THR A 97 -4.84 6.06 3.28
CA THR A 97 -5.11 7.45 3.64
C THR A 97 -5.45 7.56 5.12
N ASN A 98 -6.65 7.10 5.47
CA ASN A 98 -7.10 7.15 6.84
C ASN A 98 -6.80 8.53 7.42
N ASP A 99 -7.78 9.42 7.31
CA ASP A 99 -7.64 10.77 7.82
C ASP A 99 -8.44 10.90 9.11
N ASN A 100 -7.88 10.36 10.19
CA ASN A 100 -8.53 10.41 11.49
C ASN A 100 -7.57 9.90 12.55
N GLU A 101 -7.34 10.73 13.56
CA GLU A 101 -6.44 10.37 14.65
C GLU A 101 -6.81 11.15 15.92
N THR A 102 -6.83 10.44 17.03
CA THR A 102 -7.16 11.06 18.30
C THR A 102 -6.96 10.05 19.44
N ASN A 103 -5.74 9.51 19.50
CA ASN A 103 -5.41 8.54 20.54
C ASN A 103 -4.62 9.24 21.64
N SER A 104 -3.55 9.90 21.23
CA SER A 104 -2.69 10.61 22.18
C SER A 104 -2.09 9.63 23.18
N SER A 105 -0.79 9.79 23.41
CA SER A 105 -0.08 8.92 24.32
C SER A 105 0.98 9.72 25.09
N GLY A 106 1.88 10.34 24.33
CA GLY A 106 2.94 11.14 24.91
C GLY A 106 3.96 11.56 23.85
N PRO A 107 4.54 12.77 24.06
CA PRO A 107 5.53 13.30 23.13
C PRO A 107 6.87 12.59 23.31
N SER A 108 7.26 12.43 24.56
CA SER A 108 8.51 11.78 24.88
C SER A 108 9.69 12.64 24.42
N SER A 109 10.57 12.92 25.37
CA SER A 109 11.74 13.74 25.08
C SER A 109 12.83 13.50 26.13
N GLY A 110 14.06 13.48 25.67
CA GLY A 110 15.19 13.26 26.55
C GLY A 110 15.78 14.59 27.04
N GLY A 1 -1.07 8.91 24.63
CA GLY A 1 -1.62 9.94 25.50
C GLY A 1 -1.52 11.32 24.84
N SER A 2 -2.44 11.57 23.92
CA SER A 2 -2.46 12.83 23.21
C SER A 2 -1.11 13.09 22.53
N SER A 3 -1.02 12.64 21.29
CA SER A 3 0.21 12.81 20.52
C SER A 3 -0.06 12.56 19.05
N GLY A 4 0.77 13.17 18.21
CA GLY A 4 0.63 13.02 16.78
C GLY A 4 1.80 13.67 16.04
N SER A 5 1.47 14.49 15.05
CA SER A 5 2.47 15.17 14.27
C SER A 5 2.51 16.65 14.65
N SER A 6 1.36 17.30 14.57
CA SER A 6 1.25 18.70 14.91
C SER A 6 1.96 19.55 13.85
N GLY A 7 3.27 19.39 13.80
CA GLY A 7 4.08 20.13 12.84
C GLY A 7 3.65 19.82 11.40
N PRO A 8 4.63 19.95 10.47
CA PRO A 8 4.37 19.68 9.07
C PRO A 8 4.28 18.18 8.81
N ASP A 9 3.06 17.68 8.88
CA ASP A 9 2.82 16.26 8.65
C ASP A 9 3.16 15.92 7.19
N VAL A 10 3.91 14.84 7.04
CA VAL A 10 4.31 14.39 5.72
C VAL A 10 3.95 12.92 5.54
N ARG A 11 3.19 12.65 4.50
CA ARG A 11 2.77 11.29 4.21
C ARG A 11 2.63 11.09 2.71
N ARG A 12 2.27 9.85 2.33
CA ARG A 12 2.10 9.52 0.93
C ARG A 12 3.01 10.39 0.06
N ASP A 13 4.28 10.38 0.40
CA ASP A 13 5.26 11.16 -0.34
C ASP A 13 6.50 10.30 -0.61
N LYS A 14 6.92 9.60 0.43
CA LYS A 14 8.09 8.73 0.34
C LYS A 14 7.64 7.32 -0.06
N PRO A 15 8.64 6.49 -0.45
CA PRO A 15 8.36 5.13 -0.85
C PRO A 15 8.06 4.25 0.37
N VAL A 16 7.11 3.35 0.18
CA VAL A 16 6.73 2.45 1.26
C VAL A 16 7.95 1.65 1.72
N THR A 17 7.90 1.22 2.97
CA THR A 17 8.99 0.45 3.53
C THR A 17 8.48 -0.86 4.13
N GLY A 18 9.40 -1.77 4.37
CA GLY A 18 9.05 -3.07 4.92
C GLY A 18 8.00 -2.92 6.03
N GLU A 19 8.04 -1.78 6.69
CA GLU A 19 7.11 -1.51 7.76
C GLU A 19 5.70 -1.31 7.20
N GLN A 20 5.62 -0.52 6.14
CA GLN A 20 4.34 -0.25 5.50
C GLN A 20 3.90 -1.45 4.67
N ILE A 21 4.86 -2.02 3.95
CA ILE A 21 4.58 -3.18 3.12
C ILE A 21 3.73 -4.17 3.90
N GLU A 22 4.36 -4.80 4.88
CA GLU A 22 3.68 -5.78 5.71
C GLU A 22 2.28 -5.29 6.07
N VAL A 23 2.19 -3.99 6.36
CA VAL A 23 0.93 -3.39 6.72
C VAL A 23 -0.01 -3.42 5.51
N PHE A 24 0.47 -2.85 4.42
CA PHE A 24 -0.32 -2.81 3.19
C PHE A 24 -0.89 -4.19 2.86
N ALA A 25 0.01 -5.16 2.80
CA ALA A 25 -0.39 -6.53 2.49
C ALA A 25 -1.72 -6.83 3.18
N ASN A 26 -1.68 -6.84 4.51
CA ASN A 26 -2.87 -7.12 5.28
C ASN A 26 -4.07 -6.43 4.64
N LYS A 27 -3.87 -5.17 4.29
CA LYS A 27 -4.93 -4.38 3.68
C LYS A 27 -5.26 -4.98 2.30
N LEU A 28 -4.21 -5.22 1.53
CA LEU A 28 -4.37 -5.79 0.20
C LEU A 28 -5.17 -7.08 0.30
N GLY A 29 -4.56 -8.06 0.97
CA GLY A 29 -5.21 -9.35 1.15
C GLY A 29 -5.16 -10.17 -0.15
N GLU A 30 -6.31 -10.27 -0.79
CA GLU A 30 -6.40 -11.02 -2.03
C GLU A 30 -6.48 -10.06 -3.23
N GLN A 31 -6.47 -8.78 -2.91
CA GLN A 31 -6.54 -7.75 -3.94
C GLN A 31 -5.17 -7.57 -4.59
N TRP A 32 -4.22 -8.35 -4.12
CA TRP A 32 -2.86 -8.28 -4.65
C TRP A 32 -2.91 -8.65 -6.13
N LYS A 33 -3.86 -9.52 -6.45
CA LYS A 33 -4.02 -9.98 -7.83
C LYS A 33 -4.81 -8.91 -8.62
N ILE A 34 -5.35 -7.96 -7.88
CA ILE A 34 -6.12 -6.89 -8.50
C ILE A 34 -5.20 -5.69 -8.76
N LEU A 35 -4.10 -5.65 -8.00
CA LEU A 35 -3.14 -4.57 -8.14
C LEU A 35 -1.98 -5.04 -9.01
N ALA A 36 -1.92 -6.36 -9.21
CA ALA A 36 -0.86 -6.94 -10.02
C ALA A 36 -0.98 -6.42 -11.45
N PRO A 37 -2.23 -6.48 -11.99
CA PRO A 37 -2.48 -6.02 -13.35
C PRO A 37 -2.49 -4.49 -13.41
N TYR A 38 -2.42 -3.88 -12.24
CA TYR A 38 -2.42 -2.43 -12.15
C TYR A 38 -1.06 -1.91 -11.68
N LEU A 39 -0.16 -2.85 -11.40
CA LEU A 39 1.17 -2.51 -10.94
C LEU A 39 2.17 -2.73 -12.08
N GLU A 40 1.63 -3.08 -13.24
CA GLU A 40 2.45 -3.32 -14.41
C GLU A 40 3.49 -4.41 -14.11
N MET A 41 3.01 -5.49 -13.51
CA MET A 41 3.88 -6.60 -13.16
C MET A 41 3.97 -7.61 -14.31
N LYS A 42 4.64 -8.71 -14.03
CA LYS A 42 4.81 -9.75 -15.02
C LYS A 42 3.93 -10.96 -14.66
N ASP A 43 3.24 -11.47 -15.66
CA ASP A 43 2.36 -12.61 -15.45
C ASP A 43 3.10 -13.66 -14.62
N SER A 44 4.25 -14.08 -15.14
CA SER A 44 5.05 -15.09 -14.45
C SER A 44 5.11 -14.78 -12.95
N GLU A 45 5.40 -13.52 -12.65
CA GLU A 45 5.49 -13.08 -11.27
C GLU A 45 4.19 -13.40 -10.53
N ILE A 46 3.08 -12.92 -11.10
CA ILE A 46 1.78 -13.14 -10.50
C ILE A 46 1.66 -14.60 -10.08
N ARG A 47 1.90 -15.49 -11.03
CA ARG A 47 1.83 -16.91 -10.76
C ARG A 47 2.91 -17.33 -9.76
N GLN A 48 4.08 -16.71 -9.93
CA GLN A 48 5.20 -17.01 -9.05
C GLN A 48 4.80 -16.84 -7.59
N ILE A 49 4.52 -15.59 -7.23
CA ILE A 49 4.11 -15.28 -5.87
C ILE A 49 3.16 -16.35 -5.36
N GLU A 50 2.06 -16.51 -6.10
CA GLU A 50 1.06 -17.50 -5.74
C GLU A 50 1.73 -18.82 -5.35
N CYS A 51 2.71 -19.21 -6.14
CA CYS A 51 3.44 -20.44 -5.89
C CYS A 51 4.30 -20.24 -4.64
N ASP A 52 5.06 -19.16 -4.65
CA ASP A 52 5.92 -18.85 -3.52
C ASP A 52 5.19 -19.14 -2.22
N SER A 53 4.06 -18.47 -2.05
CA SER A 53 3.25 -18.66 -0.85
C SER A 53 1.78 -18.87 -1.24
N GLU A 54 1.10 -19.66 -0.43
CA GLU A 54 -0.30 -19.95 -0.67
C GLU A 54 -1.18 -19.04 0.20
N ASP A 55 -0.54 -18.32 1.10
CA ASP A 55 -1.25 -17.42 1.99
C ASP A 55 -1.44 -16.07 1.29
N MET A 56 -2.65 -15.55 1.39
CA MET A 56 -2.98 -14.27 0.78
C MET A 56 -2.03 -13.18 1.26
N LYS A 57 -1.96 -13.03 2.58
CA LYS A 57 -1.10 -12.03 3.17
C LYS A 57 0.27 -12.08 2.51
N MET A 58 0.86 -13.27 2.50
CA MET A 58 2.17 -13.46 1.90
C MET A 58 2.15 -13.02 0.43
N ARG A 59 1.27 -13.64 -0.34
CA ARG A 59 1.15 -13.33 -1.75
C ARG A 59 1.16 -11.81 -1.96
N ALA A 60 0.38 -11.12 -1.13
CA ALA A 60 0.29 -9.67 -1.22
C ALA A 60 1.65 -9.06 -0.87
N LYS A 61 2.16 -9.44 0.29
CA LYS A 61 3.44 -8.93 0.74
C LYS A 61 4.48 -9.12 -0.36
N GLN A 62 4.67 -10.38 -0.74
CA GLN A 62 5.62 -10.71 -1.78
C GLN A 62 5.53 -9.71 -2.93
N LEU A 63 4.31 -9.49 -3.39
CA LEU A 63 4.07 -8.56 -4.47
C LEU A 63 4.59 -7.18 -4.09
N LEU A 64 3.99 -6.62 -3.05
CA LEU A 64 4.39 -5.31 -2.56
C LEU A 64 5.92 -5.20 -2.59
N VAL A 65 6.56 -6.27 -2.14
CA VAL A 65 8.01 -6.31 -2.11
C VAL A 65 8.56 -6.16 -3.54
N ALA A 66 8.10 -7.06 -4.40
CA ALA A 66 8.52 -7.04 -5.79
C ALA A 66 8.18 -5.69 -6.41
N TRP A 67 6.98 -5.23 -6.13
CA TRP A 67 6.52 -3.95 -6.65
C TRP A 67 7.42 -2.86 -6.07
N GLN A 68 7.84 -3.08 -4.83
CA GLN A 68 8.71 -2.12 -4.16
C GLN A 68 10.13 -2.18 -4.73
N ASP A 69 10.52 -3.38 -5.13
CA ASP A 69 11.83 -3.59 -5.70
C ASP A 69 11.83 -3.15 -7.17
N GLN A 70 10.63 -3.17 -7.75
CA GLN A 70 10.47 -2.77 -9.14
C GLN A 70 10.59 -1.26 -9.29
N GLU A 71 9.66 -0.56 -8.65
CA GLU A 71 9.66 0.90 -8.69
C GLU A 71 10.83 1.46 -7.89
N GLY A 72 11.16 0.76 -6.81
CA GLY A 72 12.26 1.18 -5.96
C GLY A 72 11.83 2.32 -5.04
N VAL A 73 12.57 3.41 -5.12
CA VAL A 73 12.27 4.58 -4.30
C VAL A 73 10.99 5.24 -4.80
N HIS A 74 10.58 4.83 -5.99
CA HIS A 74 9.38 5.37 -6.60
C HIS A 74 8.16 4.60 -6.10
N ALA A 75 8.44 3.55 -5.34
CA ALA A 75 7.37 2.72 -4.80
C ALA A 75 6.82 3.38 -3.54
N THR A 76 5.78 4.19 -3.75
CA THR A 76 5.15 4.89 -2.64
C THR A 76 3.66 4.55 -2.58
N PRO A 77 3.03 4.91 -1.43
CA PRO A 77 1.61 4.65 -1.23
C PRO A 77 0.75 5.62 -2.06
N GLU A 78 1.29 6.81 -2.25
CA GLU A 78 0.59 7.83 -3.01
C GLU A 78 0.33 7.35 -4.44
N ASN A 79 1.26 6.55 -4.94
CA ASN A 79 1.14 6.01 -6.28
C ASN A 79 0.23 4.77 -6.25
N LEU A 80 0.54 3.88 -5.32
CA LEU A 80 -0.24 2.66 -5.18
C LEU A 80 -1.72 3.01 -5.02
N ILE A 81 -1.98 3.97 -4.13
CA ILE A 81 -3.32 4.41 -3.87
C ILE A 81 -4.01 4.75 -5.19
N ASN A 82 -3.30 5.51 -6.01
CA ASN A 82 -3.83 5.92 -7.30
C ASN A 82 -4.35 4.68 -8.04
N ALA A 83 -3.50 3.67 -8.10
CA ALA A 83 -3.86 2.44 -8.77
C ALA A 83 -5.07 1.81 -8.08
N LEU A 84 -4.96 1.69 -6.76
CA LEU A 84 -6.03 1.13 -5.96
C LEU A 84 -7.37 1.72 -6.40
N ASN A 85 -7.34 3.02 -6.64
CA ASN A 85 -8.54 3.73 -7.07
C ASN A 85 -9.07 3.09 -8.35
N LYS A 86 -8.33 3.29 -9.44
CA LYS A 86 -8.71 2.74 -10.72
C LYS A 86 -8.96 1.23 -10.58
N SER A 87 -8.16 0.62 -9.71
CA SER A 87 -8.29 -0.80 -9.48
C SER A 87 -9.62 -1.12 -8.79
N GLY A 88 -10.29 -0.05 -8.39
CA GLY A 88 -11.57 -0.19 -7.71
C GLY A 88 -11.40 -0.72 -6.29
N LEU A 89 -10.25 -0.39 -5.71
CA LEU A 89 -9.94 -0.81 -4.36
C LEU A 89 -10.02 0.38 -3.42
N SER A 90 -10.99 1.24 -3.69
CA SER A 90 -11.17 2.43 -2.87
C SER A 90 -10.91 2.11 -1.40
N ASP A 91 -11.39 0.94 -0.99
CA ASP A 91 -11.22 0.51 0.38
C ASP A 91 -9.76 0.72 0.80
N LEU A 92 -8.87 0.13 0.01
CA LEU A 92 -7.44 0.24 0.29
C LEU A 92 -7.05 1.72 0.28
N ALA A 93 -7.17 2.33 -0.88
CA ALA A 93 -6.82 3.74 -1.03
C ALA A 93 -7.26 4.49 0.22
N GLU A 94 -8.55 4.44 0.49
CA GLU A 94 -9.11 5.12 1.66
C GLU A 94 -8.41 4.64 2.93
N SER A 95 -8.17 3.34 2.98
CA SER A 95 -7.51 2.74 4.13
C SER A 95 -6.13 3.35 4.31
N LEU A 96 -5.37 3.37 3.21
CA LEU A 96 -4.03 3.92 3.24
C LEU A 96 -4.10 5.39 3.66
N THR A 97 -4.96 6.13 2.98
CA THR A 97 -5.11 7.54 3.26
C THR A 97 -6.11 7.74 4.40
N ASN A 98 -6.21 6.73 5.25
CA ASN A 98 -7.13 6.78 6.38
C ASN A 98 -7.16 8.21 6.93
N ASP A 99 -5.98 8.79 7.06
CA ASP A 99 -5.86 10.14 7.58
C ASP A 99 -6.56 10.23 8.94
N ASN A 100 -6.40 11.38 9.57
CA ASN A 100 -7.02 11.60 10.88
C ASN A 100 -8.52 11.35 10.77
N GLU A 101 -9.07 10.78 11.83
CA GLU A 101 -10.49 10.49 11.88
C GLU A 101 -11.30 11.77 11.91
N THR A 102 -11.31 12.40 13.07
CA THR A 102 -12.05 13.65 13.25
C THR A 102 -11.11 14.75 13.76
N ASN A 103 -11.21 15.90 13.12
CA ASN A 103 -10.38 17.03 13.50
C ASN A 103 -11.10 18.34 13.14
N SER A 104 -10.74 19.39 13.85
CA SER A 104 -11.35 20.70 13.60
C SER A 104 -10.69 21.35 12.39
N SER A 105 -11.26 21.07 11.22
CA SER A 105 -10.75 21.63 9.98
C SER A 105 -11.44 22.96 9.68
N GLY A 106 -10.70 23.84 9.02
CA GLY A 106 -11.22 25.14 8.67
C GLY A 106 -10.65 25.63 7.34
N PRO A 107 -10.51 26.97 7.22
CA PRO A 107 -9.98 27.57 6.01
C PRO A 107 -8.46 27.37 5.93
N SER A 108 -7.90 27.83 4.82
CA SER A 108 -6.46 27.72 4.60
C SER A 108 -6.04 28.63 3.45
N SER A 109 -4.76 29.00 3.48
CA SER A 109 -4.21 29.87 2.45
C SER A 109 -2.71 29.63 2.32
N GLY A 110 -2.35 28.81 1.34
CA GLY A 110 -0.95 28.49 1.09
C GLY A 110 -0.79 27.02 0.67
N GLY A 1 16.38 19.43 14.21
CA GLY A 1 14.94 19.59 14.07
C GLY A 1 14.49 19.31 12.64
N SER A 2 13.31 18.75 12.51
CA SER A 2 12.76 18.43 11.21
C SER A 2 11.24 18.19 11.33
N SER A 3 10.50 19.29 11.31
CA SER A 3 9.06 19.22 11.40
C SER A 3 8.65 18.68 12.78
N GLY A 4 7.47 19.07 13.21
CA GLY A 4 6.95 18.64 14.50
C GLY A 4 5.53 18.09 14.36
N SER A 5 5.47 16.78 14.16
CA SER A 5 4.18 16.11 14.01
C SER A 5 3.34 16.82 12.96
N SER A 6 3.58 16.46 11.70
CA SER A 6 2.85 17.06 10.60
C SER A 6 1.68 16.15 10.19
N GLY A 7 0.59 16.29 10.92
CA GLY A 7 -0.59 15.50 10.64
C GLY A 7 -0.44 14.07 11.17
N PRO A 8 -1.60 13.40 11.40
CA PRO A 8 -1.60 12.04 11.90
C PRO A 8 -1.22 11.06 10.81
N ASP A 9 -0.05 11.29 10.22
CA ASP A 9 0.44 10.43 9.16
C ASP A 9 -0.72 10.10 8.20
N VAL A 10 -0.92 10.99 7.24
CA VAL A 10 -1.98 10.80 6.27
C VAL A 10 -1.68 11.65 5.03
N ARG A 11 -0.68 11.22 4.28
CA ARG A 11 -0.29 11.92 3.07
C ARG A 11 1.03 11.37 2.54
N ARG A 12 1.02 11.01 1.27
CA ARG A 12 2.22 10.47 0.63
C ARG A 12 3.39 11.42 0.83
N ASP A 13 4.58 10.82 0.96
CA ASP A 13 5.78 11.60 1.16
C ASP A 13 7.01 10.73 0.83
N LYS A 14 7.01 9.54 1.42
CA LYS A 14 8.09 8.60 1.19
C LYS A 14 7.54 7.30 0.62
N PRO A 15 8.46 6.52 -0.03
CA PRO A 15 8.07 5.26 -0.63
C PRO A 15 7.86 4.18 0.45
N VAL A 16 6.72 3.52 0.34
CA VAL A 16 6.38 2.47 1.29
C VAL A 16 7.64 1.66 1.62
N THR A 17 7.69 1.17 2.85
CA THR A 17 8.81 0.38 3.31
C THR A 17 8.33 -0.89 4.00
N GLY A 18 9.28 -1.78 4.25
CA GLY A 18 8.97 -3.05 4.90
C GLY A 18 7.94 -2.86 6.01
N GLU A 19 7.97 -1.67 6.60
CA GLU A 19 7.04 -1.35 7.68
C GLU A 19 5.62 -1.22 7.13
N GLN A 20 5.51 -0.45 6.05
CA GLN A 20 4.22 -0.23 5.42
C GLN A 20 3.79 -1.48 4.63
N ILE A 21 4.73 -2.00 3.86
CA ILE A 21 4.48 -3.18 3.06
C ILE A 21 3.65 -4.17 3.88
N GLU A 22 4.30 -4.76 4.87
CA GLU A 22 3.63 -5.73 5.73
C GLU A 22 2.21 -5.27 6.04
N VAL A 23 2.10 -4.00 6.41
CA VAL A 23 0.80 -3.44 6.74
C VAL A 23 -0.11 -3.52 5.52
N PHE A 24 0.34 -2.91 4.43
CA PHE A 24 -0.42 -2.91 3.20
C PHE A 24 -0.91 -4.32 2.86
N ALA A 25 0.02 -5.26 2.89
CA ALA A 25 -0.32 -6.64 2.59
C ALA A 25 -1.65 -7.01 3.25
N ASN A 26 -1.64 -6.98 4.58
CA ASN A 26 -2.84 -7.30 5.33
C ASN A 26 -4.04 -6.59 4.70
N LYS A 27 -3.85 -5.31 4.40
CA LYS A 27 -4.90 -4.52 3.78
C LYS A 27 -5.28 -5.12 2.43
N LEU A 28 -4.27 -5.23 1.57
CA LEU A 28 -4.48 -5.79 0.25
C LEU A 28 -5.29 -7.07 0.35
N GLY A 29 -4.67 -8.08 0.97
CA GLY A 29 -5.32 -9.36 1.15
C GLY A 29 -5.34 -10.15 -0.17
N GLU A 30 -6.55 -10.33 -0.69
CA GLU A 30 -6.74 -11.06 -1.93
C GLU A 30 -6.86 -10.08 -3.10
N GLN A 31 -6.71 -8.79 -2.78
CA GLN A 31 -6.81 -7.77 -3.79
C GLN A 31 -5.46 -7.54 -4.46
N TRP A 32 -4.52 -8.42 -4.13
CA TRP A 32 -3.18 -8.33 -4.68
C TRP A 32 -3.26 -8.67 -6.17
N LYS A 33 -4.02 -9.71 -6.46
CA LYS A 33 -4.20 -10.14 -7.84
C LYS A 33 -4.98 -9.08 -8.62
N ILE A 34 -5.51 -8.12 -7.87
CA ILE A 34 -6.28 -7.04 -8.47
C ILE A 34 -5.34 -5.86 -8.77
N LEU A 35 -4.27 -5.80 -7.99
CA LEU A 35 -3.31 -4.72 -8.17
C LEU A 35 -2.16 -5.22 -9.06
N ALA A 36 -2.13 -6.53 -9.26
CA ALA A 36 -1.10 -7.13 -10.09
C ALA A 36 -1.21 -6.59 -11.51
N PRO A 37 -2.46 -6.64 -12.05
CA PRO A 37 -2.72 -6.17 -13.39
C PRO A 37 -2.71 -4.64 -13.45
N TYR A 38 -2.48 -4.04 -12.29
CA TYR A 38 -2.45 -2.59 -12.19
C TYR A 38 -1.08 -2.10 -11.74
N LEU A 39 -0.23 -3.05 -11.39
CA LEU A 39 1.12 -2.74 -10.94
C LEU A 39 2.11 -3.01 -12.07
N GLU A 40 1.57 -3.08 -13.28
CA GLU A 40 2.39 -3.34 -14.45
C GLU A 40 3.35 -4.50 -14.18
N MET A 41 2.79 -5.59 -13.69
CA MET A 41 3.58 -6.77 -13.39
C MET A 41 3.60 -7.74 -14.58
N LYS A 42 4.12 -8.94 -14.31
CA LYS A 42 4.20 -9.94 -15.36
C LYS A 42 3.42 -11.19 -14.91
N ASP A 43 2.72 -11.77 -15.87
CA ASP A 43 1.93 -12.96 -15.60
C ASP A 43 2.72 -13.92 -14.73
N SER A 44 3.94 -14.20 -15.17
CA SER A 44 4.82 -15.10 -14.45
C SER A 44 4.95 -14.63 -12.99
N GLU A 45 5.26 -13.36 -12.84
CA GLU A 45 5.42 -12.77 -11.52
C GLU A 45 4.22 -13.11 -10.65
N ILE A 46 3.03 -12.84 -11.19
CA ILE A 46 1.81 -13.11 -10.47
C ILE A 46 1.79 -14.56 -10.01
N ARG A 47 2.26 -15.43 -10.90
CA ARG A 47 2.30 -16.85 -10.61
C ARG A 47 3.39 -17.16 -9.59
N GLN A 48 4.55 -16.54 -9.81
CA GLN A 48 5.68 -16.73 -8.91
C GLN A 48 5.25 -16.51 -7.47
N ILE A 49 4.70 -15.33 -7.20
CA ILE A 49 4.25 -14.99 -5.87
C ILE A 49 3.36 -16.12 -5.34
N GLU A 50 2.22 -16.28 -5.99
CA GLU A 50 1.27 -17.32 -5.59
C GLU A 50 2.01 -18.60 -5.21
N CYS A 51 2.89 -19.02 -6.11
CA CYS A 51 3.66 -20.23 -5.88
C CYS A 51 4.53 -20.01 -4.64
N ASP A 52 5.25 -18.90 -4.64
CA ASP A 52 6.11 -18.57 -3.52
C ASP A 52 5.41 -18.94 -2.21
N SER A 53 4.26 -18.33 -2.00
CA SER A 53 3.48 -18.58 -0.81
C SER A 53 2.00 -18.72 -1.16
N GLU A 54 1.32 -19.61 -0.44
CA GLU A 54 -0.10 -19.83 -0.67
C GLU A 54 -0.93 -19.07 0.35
N ASP A 55 -0.31 -18.04 0.92
CA ASP A 55 -0.99 -17.22 1.91
C ASP A 55 -1.29 -15.85 1.31
N MET A 56 -2.58 -15.58 1.15
CA MET A 56 -3.01 -14.31 0.59
C MET A 56 -2.14 -13.16 1.09
N LYS A 57 -2.04 -13.05 2.40
CA LYS A 57 -1.23 -12.01 3.01
C LYS A 57 0.14 -11.97 2.34
N MET A 58 0.77 -13.13 2.29
CA MET A 58 2.08 -13.25 1.68
C MET A 58 2.05 -12.79 0.22
N ARG A 59 1.06 -13.31 -0.50
CA ARG A 59 0.90 -12.98 -1.91
C ARG A 59 0.92 -11.46 -2.10
N ALA A 60 0.12 -10.79 -1.29
CA ALA A 60 0.03 -9.34 -1.35
C ALA A 60 1.40 -8.74 -1.05
N LYS A 61 1.92 -9.07 0.12
CA LYS A 61 3.21 -8.57 0.54
C LYS A 61 4.23 -8.79 -0.58
N GLN A 62 4.46 -10.05 -0.88
CA GLN A 62 5.41 -10.41 -1.93
C GLN A 62 5.26 -9.45 -3.12
N LEU A 63 4.02 -9.18 -3.48
CA LEU A 63 3.73 -8.30 -4.58
C LEU A 63 4.23 -6.89 -4.25
N LEU A 64 3.79 -6.40 -3.09
CA LEU A 64 4.18 -5.08 -2.65
C LEU A 64 5.70 -4.98 -2.64
N VAL A 65 6.34 -6.05 -2.21
CA VAL A 65 7.79 -6.11 -2.15
C VAL A 65 8.36 -6.04 -3.57
N ALA A 66 7.96 -7.01 -4.37
CA ALA A 66 8.42 -7.07 -5.74
C ALA A 66 8.04 -5.78 -6.47
N TRP A 67 6.93 -5.20 -6.05
CA TRP A 67 6.45 -3.96 -6.64
C TRP A 67 7.29 -2.82 -6.07
N GLN A 68 7.87 -3.07 -4.91
CA GLN A 68 8.70 -2.08 -4.25
C GLN A 68 10.15 -2.20 -4.71
N ASP A 69 10.52 -3.42 -5.04
CA ASP A 69 11.88 -3.69 -5.49
C ASP A 69 12.05 -3.14 -6.91
N GLN A 70 11.05 -3.35 -7.73
CA GLN A 70 11.08 -2.89 -9.11
C GLN A 70 11.05 -1.36 -9.14
N GLU A 71 10.14 -0.80 -8.34
CA GLU A 71 10.00 0.65 -8.27
C GLU A 71 11.16 1.27 -7.50
N GLY A 72 11.97 0.39 -6.93
CA GLY A 72 13.13 0.83 -6.16
C GLY A 72 12.69 1.71 -4.98
N VAL A 73 13.04 2.99 -5.07
CA VAL A 73 12.70 3.93 -4.03
C VAL A 73 11.57 4.84 -4.51
N HIS A 74 10.71 4.27 -5.36
CA HIS A 74 9.60 5.02 -5.91
C HIS A 74 8.29 4.46 -5.35
N ALA A 75 8.35 3.22 -4.91
CA ALA A 75 7.18 2.56 -4.35
C ALA A 75 6.55 3.45 -3.29
N THR A 76 5.59 4.25 -3.73
CA THR A 76 4.89 5.16 -2.83
C THR A 76 3.43 4.74 -2.67
N PRO A 77 2.79 5.29 -1.60
CA PRO A 77 1.40 4.99 -1.33
C PRO A 77 0.47 5.72 -2.29
N GLU A 78 0.94 6.87 -2.76
CA GLU A 78 0.17 7.67 -3.69
C GLU A 78 0.07 6.97 -5.05
N ASN A 79 1.20 6.45 -5.48
CA ASN A 79 1.27 5.75 -6.75
C ASN A 79 0.41 4.47 -6.67
N LEU A 80 0.28 3.96 -5.46
CA LEU A 80 -0.49 2.76 -5.23
C LEU A 80 -1.96 3.13 -5.05
N ILE A 81 -2.20 4.00 -4.07
CA ILE A 81 -3.56 4.45 -3.77
C ILE A 81 -4.26 4.79 -5.09
N ASN A 82 -3.49 5.38 -6.01
CA ASN A 82 -4.04 5.77 -7.29
C ASN A 82 -4.49 4.52 -8.04
N ALA A 83 -3.59 3.54 -8.10
CA ALA A 83 -3.89 2.29 -8.79
C ALA A 83 -5.08 1.61 -8.12
N LEU A 84 -5.03 1.58 -6.80
CA LEU A 84 -6.11 0.97 -6.02
C LEU A 84 -7.46 1.54 -6.49
N ASN A 85 -7.50 2.86 -6.58
CA ASN A 85 -8.71 3.53 -7.01
C ASN A 85 -9.22 2.89 -8.31
N LYS A 86 -8.43 3.05 -9.36
CA LYS A 86 -8.79 2.50 -10.64
C LYS A 86 -9.13 1.00 -10.49
N SER A 87 -8.29 0.33 -9.73
CA SER A 87 -8.48 -1.09 -9.48
C SER A 87 -9.80 -1.33 -8.75
N GLY A 88 -10.33 -0.24 -8.20
CA GLY A 88 -11.58 -0.31 -7.47
C GLY A 88 -11.35 -0.75 -6.02
N LEU A 89 -10.13 -0.55 -5.57
CA LEU A 89 -9.76 -0.93 -4.21
C LEU A 89 -9.86 0.30 -3.30
N SER A 90 -10.88 1.11 -3.56
CA SER A 90 -11.10 2.31 -2.78
C SER A 90 -10.77 2.04 -1.31
N ASP A 91 -11.22 0.89 -0.83
CA ASP A 91 -10.98 0.51 0.55
C ASP A 91 -9.50 0.75 0.89
N LEU A 92 -8.65 0.02 0.20
CA LEU A 92 -7.21 0.13 0.41
C LEU A 92 -6.83 1.61 0.42
N ALA A 93 -7.02 2.24 -0.74
CA ALA A 93 -6.69 3.65 -0.87
C ALA A 93 -7.09 4.39 0.40
N GLU A 94 -8.38 4.37 0.68
CA GLU A 94 -8.90 5.03 1.87
C GLU A 94 -8.14 4.57 3.12
N SER A 95 -7.75 3.31 3.11
CA SER A 95 -7.02 2.73 4.21
C SER A 95 -5.67 3.45 4.37
N LEU A 96 -4.94 3.53 3.27
CA LEU A 96 -3.64 4.19 3.28
C LEU A 96 -3.83 5.66 3.64
N THR A 97 -4.95 6.22 3.20
CA THR A 97 -5.26 7.61 3.47
C THR A 97 -6.10 7.74 4.74
N ASN A 98 -5.55 7.22 5.84
CA ASN A 98 -6.24 7.28 7.12
C ASN A 98 -5.26 6.89 8.24
N ASP A 99 -4.70 5.71 8.11
CA ASP A 99 -3.76 5.22 9.09
C ASP A 99 -4.44 5.13 10.46
N ASN A 100 -3.99 4.16 11.25
CA ASN A 100 -4.56 3.96 12.58
C ASN A 100 -4.75 5.31 13.25
N GLU A 101 -5.97 5.54 13.74
CA GLU A 101 -6.29 6.77 14.42
C GLU A 101 -6.14 6.62 15.93
N THR A 102 -5.16 7.32 16.47
CA THR A 102 -4.90 7.26 17.90
C THR A 102 -5.63 8.39 18.62
N ASN A 103 -5.52 8.38 19.94
CA ASN A 103 -6.17 9.39 20.76
C ASN A 103 -5.58 9.37 22.17
N SER A 104 -5.59 10.52 22.80
CA SER A 104 -5.06 10.64 24.15
C SER A 104 -5.99 11.50 25.01
N SER A 105 -6.42 10.92 26.13
CA SER A 105 -7.31 11.62 27.03
C SER A 105 -6.74 11.57 28.46
N GLY A 106 -6.74 12.73 29.10
CA GLY A 106 -6.24 12.83 30.45
C GLY A 106 -5.36 14.07 30.62
N PRO A 107 -5.96 15.13 31.21
CA PRO A 107 -5.24 16.38 31.44
C PRO A 107 -4.26 16.23 32.60
N SER A 108 -3.23 17.08 32.57
CA SER A 108 -2.22 17.06 33.61
C SER A 108 -2.25 18.38 34.39
N SER A 109 -2.89 18.32 35.56
CA SER A 109 -3.00 19.50 36.40
C SER A 109 -1.60 19.97 36.83
N GLY A 110 -1.57 21.15 37.42
CA GLY A 110 -0.32 21.73 37.87
C GLY A 110 0.56 22.15 36.69
N GLY A 1 8.03 31.70 5.46
CA GLY A 1 6.60 31.43 5.61
C GLY A 1 6.37 30.17 6.42
N SER A 2 5.64 30.33 7.51
CA SER A 2 5.33 29.20 8.38
C SER A 2 4.08 28.48 7.88
N SER A 3 3.84 27.32 8.46
CA SER A 3 2.67 26.52 8.09
C SER A 3 2.06 25.88 9.33
N GLY A 4 2.88 25.09 10.03
CA GLY A 4 2.42 24.42 11.22
C GLY A 4 2.58 22.90 11.09
N SER A 5 2.78 22.25 12.23
CA SER A 5 2.94 20.82 12.25
C SER A 5 4.13 20.41 11.37
N SER A 6 4.51 19.14 11.50
CA SER A 6 5.62 18.61 10.73
C SER A 6 5.27 17.23 10.19
N GLY A 7 4.88 16.35 11.10
CA GLY A 7 4.53 14.99 10.74
C GLY A 7 5.77 14.19 10.32
N PRO A 8 5.72 12.87 10.63
CA PRO A 8 6.82 11.98 10.30
C PRO A 8 6.85 11.66 8.80
N ASP A 9 7.85 10.90 8.41
CA ASP A 9 8.00 10.52 7.02
C ASP A 9 7.38 9.14 6.80
N VAL A 10 6.06 9.12 6.77
CA VAL A 10 5.33 7.88 6.56
C VAL A 10 3.90 8.19 6.13
N ARG A 11 3.79 8.74 4.92
CA ARG A 11 2.50 9.09 4.37
C ARG A 11 2.51 8.97 2.85
N ARG A 12 3.46 9.65 2.24
CA ARG A 12 3.60 9.62 0.79
C ARG A 12 4.92 10.27 0.37
N ASP A 13 5.05 10.47 -0.93
CA ASP A 13 6.25 11.08 -1.48
C ASP A 13 7.38 10.04 -1.49
N LYS A 14 7.68 9.52 -0.30
CA LYS A 14 8.72 8.52 -0.16
C LYS A 14 8.13 7.14 -0.40
N PRO A 15 9.04 6.19 -0.76
CA PRO A 15 8.62 4.82 -1.03
C PRO A 15 8.31 4.07 0.27
N VAL A 16 7.26 3.27 0.23
CA VAL A 16 6.86 2.50 1.38
C VAL A 16 8.06 1.72 1.92
N THR A 17 7.84 1.05 3.05
CA THR A 17 8.89 0.27 3.67
C THR A 17 8.32 -1.04 4.22
N GLY A 18 9.23 -1.91 4.65
CA GLY A 18 8.83 -3.19 5.20
C GLY A 18 7.77 -3.03 6.28
N GLU A 19 7.93 -1.98 7.07
CA GLU A 19 7.00 -1.69 8.15
C GLU A 19 5.59 -1.46 7.59
N GLN A 20 5.54 -0.67 6.52
CA GLN A 20 4.27 -0.38 5.88
C GLN A 20 3.81 -1.56 5.02
N ILE A 21 4.71 -2.02 4.17
CA ILE A 21 4.42 -3.13 3.29
C ILE A 21 3.57 -4.16 4.05
N GLU A 22 4.22 -4.82 5.01
CA GLU A 22 3.54 -5.81 5.81
C GLU A 22 2.12 -5.35 6.17
N VAL A 23 2.04 -4.10 6.60
CA VAL A 23 0.75 -3.52 6.97
C VAL A 23 -0.15 -3.48 5.74
N PHE A 24 0.40 -2.96 4.65
CA PHE A 24 -0.35 -2.86 3.40
C PHE A 24 -0.90 -4.22 2.98
N ALA A 25 0.00 -5.18 2.88
CA ALA A 25 -0.38 -6.53 2.49
C ALA A 25 -1.72 -6.89 3.13
N ASN A 26 -1.71 -6.94 4.46
CA ASN A 26 -2.91 -7.26 5.21
C ASN A 26 -4.10 -6.52 4.59
N LYS A 27 -3.91 -5.23 4.38
CA LYS A 27 -4.96 -4.41 3.80
C LYS A 27 -5.31 -4.94 2.40
N LEU A 28 -4.27 -5.10 1.60
CA LEU A 28 -4.45 -5.59 0.25
C LEU A 28 -5.25 -6.90 0.28
N GLY A 29 -4.67 -7.88 0.94
CA GLY A 29 -5.31 -9.19 1.07
C GLY A 29 -5.16 -10.00 -0.22
N GLU A 30 -6.28 -10.17 -0.90
CA GLU A 30 -6.29 -10.92 -2.14
C GLU A 30 -6.43 -9.98 -3.33
N GLN A 31 -6.43 -8.69 -3.03
CA GLN A 31 -6.56 -7.68 -4.06
C GLN A 31 -5.22 -7.46 -4.76
N TRP A 32 -4.20 -8.13 -4.23
CA TRP A 32 -2.87 -8.02 -4.80
C TRP A 32 -2.93 -8.50 -6.25
N LYS A 33 -3.95 -9.28 -6.54
CA LYS A 33 -4.13 -9.80 -7.88
C LYS A 33 -4.88 -8.77 -8.73
N ILE A 34 -5.39 -7.76 -8.06
CA ILE A 34 -6.13 -6.70 -8.73
C ILE A 34 -5.18 -5.53 -9.00
N LEU A 35 -4.11 -5.47 -8.21
CA LEU A 35 -3.14 -4.41 -8.36
C LEU A 35 -1.98 -4.90 -9.23
N ALA A 36 -1.95 -6.22 -9.43
CA ALA A 36 -0.91 -6.82 -10.24
C ALA A 36 -1.01 -6.28 -11.68
N PRO A 37 -2.25 -6.33 -12.23
CA PRO A 37 -2.49 -5.86 -13.57
C PRO A 37 -2.48 -4.33 -13.63
N TYR A 38 -2.38 -3.73 -12.46
CA TYR A 38 -2.37 -2.28 -12.35
C TYR A 38 -1.00 -1.78 -11.89
N LEU A 39 -0.12 -2.73 -11.59
CA LEU A 39 1.22 -2.40 -11.14
C LEU A 39 2.21 -2.62 -12.28
N GLU A 40 1.69 -3.16 -13.37
CA GLU A 40 2.52 -3.43 -14.54
C GLU A 40 3.54 -4.51 -14.22
N MET A 41 3.04 -5.61 -13.66
CA MET A 41 3.91 -6.72 -13.31
C MET A 41 3.99 -7.74 -14.45
N LYS A 42 4.72 -8.82 -14.19
CA LYS A 42 4.89 -9.86 -15.18
C LYS A 42 3.99 -11.05 -14.83
N ASP A 43 3.26 -11.52 -15.83
CA ASP A 43 2.37 -12.64 -15.63
C ASP A 43 3.06 -13.70 -14.77
N SER A 44 4.32 -13.95 -15.09
CA SER A 44 5.10 -14.92 -14.35
C SER A 44 5.10 -14.58 -12.85
N GLU A 45 5.45 -13.34 -12.57
CA GLU A 45 5.50 -12.87 -11.20
C GLU A 45 4.20 -13.23 -10.47
N ILE A 46 3.10 -12.74 -11.01
CA ILE A 46 1.80 -13.01 -10.43
C ILE A 46 1.74 -14.47 -9.96
N ARG A 47 2.08 -15.37 -10.87
CA ARG A 47 2.06 -16.79 -10.57
C ARG A 47 3.16 -17.12 -9.55
N GLN A 48 4.36 -16.67 -9.86
CA GLN A 48 5.50 -16.91 -8.98
C GLN A 48 5.10 -16.70 -7.52
N ILE A 49 4.65 -15.48 -7.23
CA ILE A 49 4.23 -15.14 -5.88
C ILE A 49 3.34 -16.25 -5.34
N GLU A 50 2.11 -16.29 -5.85
CA GLU A 50 1.16 -17.30 -5.43
C GLU A 50 1.87 -18.64 -5.16
N CYS A 51 2.56 -19.11 -6.20
CA CYS A 51 3.27 -20.36 -6.09
C CYS A 51 4.20 -20.30 -4.87
N ASP A 52 4.97 -19.22 -4.82
CA ASP A 52 5.90 -19.02 -3.72
C ASP A 52 5.17 -19.25 -2.40
N SER A 53 4.16 -18.43 -2.16
CA SER A 53 3.38 -18.52 -0.94
C SER A 53 1.89 -18.60 -1.28
N GLU A 54 1.21 -19.54 -0.63
CA GLU A 54 -0.20 -19.72 -0.86
C GLU A 54 -1.01 -18.74 -0.01
N ASP A 55 -0.41 -18.33 1.10
CA ASP A 55 -1.05 -17.39 2.01
C ASP A 55 -1.23 -16.05 1.31
N MET A 56 -2.43 -15.49 1.47
CA MET A 56 -2.74 -14.22 0.86
C MET A 56 -1.84 -13.11 1.40
N LYS A 57 -1.76 -13.04 2.72
CA LYS A 57 -0.93 -12.04 3.37
C LYS A 57 0.48 -12.08 2.77
N MET A 58 1.01 -13.29 2.67
CA MET A 58 2.34 -13.48 2.12
C MET A 58 2.43 -12.95 0.69
N ARG A 59 1.53 -13.45 -0.15
CA ARG A 59 1.51 -13.03 -1.54
C ARG A 59 1.39 -11.51 -1.63
N ALA A 60 0.24 -11.00 -1.21
CA ALA A 60 0.00 -9.56 -1.23
C ALA A 60 1.28 -8.83 -0.84
N LYS A 61 1.95 -9.37 0.17
CA LYS A 61 3.17 -8.78 0.66
C LYS A 61 4.29 -8.99 -0.37
N GLN A 62 4.43 -10.24 -0.78
CA GLN A 62 5.45 -10.59 -1.76
C GLN A 62 5.39 -9.63 -2.95
N LEU A 63 4.17 -9.26 -3.32
CA LEU A 63 3.97 -8.36 -4.43
C LEU A 63 4.57 -7.00 -4.09
N LEU A 64 4.01 -6.38 -3.06
CA LEU A 64 4.47 -5.08 -2.61
C LEU A 64 6.01 -5.03 -2.69
N VAL A 65 6.63 -6.11 -2.22
CA VAL A 65 8.07 -6.20 -2.23
C VAL A 65 8.58 -6.07 -3.67
N ALA A 66 8.13 -6.99 -4.51
CA ALA A 66 8.52 -6.99 -5.91
C ALA A 66 8.17 -5.64 -6.53
N TRP A 67 6.99 -5.15 -6.19
CA TRP A 67 6.51 -3.88 -6.70
C TRP A 67 7.41 -2.78 -6.14
N GLN A 68 8.06 -3.10 -5.03
CA GLN A 68 8.96 -2.16 -4.38
C GLN A 68 10.39 -2.36 -4.87
N ASP A 69 10.62 -3.51 -5.48
CA ASP A 69 11.94 -3.84 -6.00
C ASP A 69 12.04 -3.34 -7.44
N GLN A 70 10.96 -3.50 -8.17
CA GLN A 70 10.92 -3.07 -9.55
C GLN A 70 10.86 -1.54 -9.64
N GLU A 71 9.97 -0.96 -8.84
CA GLU A 71 9.82 0.48 -8.81
C GLU A 71 10.99 1.13 -8.07
N GLY A 72 11.53 0.39 -7.12
CA GLY A 72 12.65 0.88 -6.33
C GLY A 72 12.18 1.92 -5.30
N VAL A 73 12.18 3.17 -5.74
CA VAL A 73 11.76 4.26 -4.87
C VAL A 73 10.42 4.82 -5.35
N HIS A 74 10.13 4.53 -6.61
CA HIS A 74 8.89 4.98 -7.21
C HIS A 74 7.70 4.30 -6.54
N ALA A 75 8.02 3.26 -5.76
CA ALA A 75 6.99 2.52 -5.06
C ALA A 75 6.57 3.30 -3.81
N THR A 76 5.61 4.20 -4.01
CA THR A 76 5.12 5.03 -2.92
C THR A 76 3.69 4.61 -2.56
N PRO A 77 3.26 5.02 -1.34
CA PRO A 77 1.93 4.70 -0.86
C PRO A 77 0.88 5.57 -1.56
N GLU A 78 1.33 6.71 -2.06
CA GLU A 78 0.44 7.62 -2.75
C GLU A 78 0.12 7.10 -4.15
N ASN A 79 1.13 6.55 -4.81
CA ASN A 79 0.96 6.01 -6.14
C ASN A 79 0.08 4.77 -6.08
N LEU A 80 0.44 3.86 -5.16
CA LEU A 80 -0.32 2.63 -4.99
C LEU A 80 -1.78 2.96 -4.78
N ILE A 81 -2.02 3.99 -3.97
CA ILE A 81 -3.38 4.42 -3.67
C ILE A 81 -4.08 4.80 -4.97
N ASN A 82 -3.35 5.50 -5.83
CA ASN A 82 -3.88 5.92 -7.11
C ASN A 82 -4.36 4.70 -7.90
N ALA A 83 -3.44 3.74 -8.04
CA ALA A 83 -3.74 2.51 -8.76
C ALA A 83 -4.96 1.84 -8.11
N LEU A 84 -4.88 1.68 -6.80
CA LEU A 84 -5.95 1.04 -6.06
C LEU A 84 -7.29 1.62 -6.52
N ASN A 85 -7.33 2.94 -6.63
CA ASN A 85 -8.54 3.62 -7.05
C ASN A 85 -9.03 3.01 -8.37
N LYS A 86 -8.26 3.25 -9.41
CA LYS A 86 -8.60 2.73 -10.73
C LYS A 86 -8.81 1.22 -10.63
N SER A 87 -8.04 0.60 -9.75
CA SER A 87 -8.12 -0.83 -9.56
C SER A 87 -9.46 -1.19 -8.90
N GLY A 88 -10.18 -0.16 -8.49
CA GLY A 88 -11.46 -0.34 -7.84
C GLY A 88 -11.29 -0.80 -6.39
N LEU A 89 -10.14 -0.45 -5.84
CA LEU A 89 -9.83 -0.83 -4.46
C LEU A 89 -9.97 0.40 -3.56
N SER A 90 -11.00 1.18 -3.84
CA SER A 90 -11.25 2.39 -3.08
C SER A 90 -11.02 2.12 -1.59
N ASP A 91 -11.41 0.93 -1.17
CA ASP A 91 -11.24 0.53 0.22
C ASP A 91 -9.80 0.77 0.65
N LEU A 92 -8.89 0.08 -0.04
CA LEU A 92 -7.48 0.21 0.26
C LEU A 92 -7.08 1.69 0.22
N ALA A 93 -7.20 2.27 -0.96
CA ALA A 93 -6.86 3.68 -1.14
C ALA A 93 -7.32 4.46 0.09
N GLU A 94 -8.60 4.34 0.39
CA GLU A 94 -9.17 5.03 1.53
C GLU A 94 -8.48 4.58 2.83
N SER A 95 -8.32 3.27 2.94
CA SER A 95 -7.68 2.70 4.12
C SER A 95 -6.33 3.37 4.36
N LEU A 96 -5.47 3.30 3.35
CA LEU A 96 -4.15 3.89 3.44
C LEU A 96 -4.29 5.35 3.85
N THR A 97 -4.71 6.17 2.90
CA THR A 97 -4.89 7.59 3.14
C THR A 97 -5.56 7.82 4.50
N ASN A 98 -6.63 7.06 4.73
CA ASN A 98 -7.36 7.17 5.98
C ASN A 98 -7.45 8.65 6.37
N ASP A 99 -8.41 9.34 5.77
CA ASP A 99 -8.61 10.74 6.05
C ASP A 99 -9.21 10.90 7.46
N ASN A 100 -10.41 10.35 7.62
CA ASN A 100 -11.09 10.41 8.90
C ASN A 100 -11.33 9.00 9.43
N GLU A 101 -10.58 8.67 10.46
CA GLU A 101 -10.69 7.34 11.06
C GLU A 101 -11.09 7.47 12.54
N THR A 102 -12.39 7.62 12.76
CA THR A 102 -12.91 7.75 14.10
C THR A 102 -13.73 6.52 14.48
N ASN A 103 -14.80 6.30 13.72
CA ASN A 103 -15.67 5.16 13.95
C ASN A 103 -16.67 5.04 12.81
N SER A 104 -16.90 3.79 12.39
CA SER A 104 -17.82 3.53 11.31
C SER A 104 -19.05 2.77 11.84
N SER A 105 -20.21 3.31 11.55
CA SER A 105 -21.46 2.70 11.99
C SER A 105 -21.56 2.76 13.51
N GLY A 106 -22.77 2.48 14.00
CA GLY A 106 -23.01 2.50 15.43
C GLY A 106 -23.59 1.16 15.91
N PRO A 107 -24.68 1.26 16.70
CA PRO A 107 -25.34 0.08 17.23
C PRO A 107 -26.15 -0.62 16.13
N SER A 108 -26.76 -1.74 16.52
CA SER A 108 -27.56 -2.51 15.60
C SER A 108 -28.60 -3.34 16.36
N SER A 109 -29.86 -2.97 16.19
CA SER A 109 -30.94 -3.67 16.87
C SER A 109 -32.29 -3.09 16.43
N GLY A 110 -33.31 -3.92 16.49
CA GLY A 110 -34.65 -3.51 16.10
C GLY A 110 -35.49 -4.71 15.68
N GLY A 1 -5.63 34.46 16.17
CA GLY A 1 -4.87 35.00 15.06
C GLY A 1 -4.35 33.87 14.16
N SER A 2 -3.30 34.19 13.41
CA SER A 2 -2.70 33.23 12.51
C SER A 2 -2.05 32.10 13.30
N SER A 3 -2.76 30.99 13.38
CA SER A 3 -2.26 29.82 14.10
C SER A 3 -2.83 28.54 13.49
N GLY A 4 -2.22 28.13 12.39
CA GLY A 4 -2.65 26.92 11.71
C GLY A 4 -4.13 27.02 11.32
N SER A 5 -4.69 25.87 10.96
CA SER A 5 -6.08 25.80 10.56
C SER A 5 -6.48 24.36 10.27
N SER A 6 -7.60 23.95 10.87
CA SER A 6 -8.09 22.60 10.69
C SER A 6 -7.17 21.60 11.38
N GLY A 7 -5.99 21.43 10.79
CA GLY A 7 -5.00 20.51 11.34
C GLY A 7 -4.08 19.97 10.24
N PRO A 8 -2.87 19.52 10.67
CA PRO A 8 -1.90 18.99 9.74
C PRO A 8 -2.30 17.59 9.27
N ASP A 9 -1.92 17.27 8.04
CA ASP A 9 -2.23 15.97 7.47
C ASP A 9 -1.06 15.52 6.58
N VAL A 10 -0.78 14.23 6.66
CA VAL A 10 0.31 13.67 5.86
C VAL A 10 -0.01 12.20 5.54
N ARG A 11 0.22 11.85 4.29
CA ARG A 11 -0.04 10.49 3.85
C ARG A 11 1.08 10.01 2.92
N ARG A 12 1.33 10.80 1.90
CA ARG A 12 2.37 10.47 0.93
C ARG A 12 3.56 11.42 1.08
N ASP A 13 4.74 10.89 0.81
CA ASP A 13 5.96 11.67 0.92
C ASP A 13 7.16 10.78 0.63
N LYS A 14 7.19 9.64 1.30
CA LYS A 14 8.27 8.69 1.12
C LYS A 14 7.72 7.38 0.57
N PRO A 15 8.63 6.58 -0.05
CA PRO A 15 8.24 5.30 -0.62
C PRO A 15 8.01 4.26 0.47
N VAL A 16 6.93 3.51 0.30
CA VAL A 16 6.58 2.48 1.26
C VAL A 16 7.84 1.67 1.60
N THR A 17 7.83 1.12 2.81
CA THR A 17 8.96 0.33 3.28
C THR A 17 8.47 -0.98 3.92
N GLY A 18 9.42 -1.88 4.17
CA GLY A 18 9.09 -3.15 4.77
C GLY A 18 8.09 -2.98 5.91
N GLU A 19 8.11 -1.80 6.51
CA GLU A 19 7.20 -1.50 7.60
C GLU A 19 5.78 -1.28 7.08
N GLN A 20 5.70 -0.52 6.00
CA GLN A 20 4.41 -0.23 5.39
C GLN A 20 3.91 -1.43 4.58
N ILE A 21 4.84 -2.02 3.83
CA ILE A 21 4.51 -3.18 3.02
C ILE A 21 3.69 -4.16 3.84
N GLU A 22 4.36 -4.78 4.80
CA GLU A 22 3.71 -5.75 5.67
C GLU A 22 2.28 -5.29 6.01
N VAL A 23 2.18 -4.02 6.37
CA VAL A 23 0.89 -3.45 6.71
C VAL A 23 -0.05 -3.54 5.50
N PHE A 24 0.40 -2.96 4.40
CA PHE A 24 -0.38 -2.97 3.18
C PHE A 24 -0.92 -4.37 2.88
N ALA A 25 -0.01 -5.34 2.89
CA ALA A 25 -0.38 -6.72 2.62
C ALA A 25 -1.70 -7.03 3.32
N ASN A 26 -1.67 -6.97 4.64
CA ASN A 26 -2.86 -7.24 5.44
C ASN A 26 -4.07 -6.61 4.76
N LYS A 27 -3.87 -5.39 4.28
CA LYS A 27 -4.93 -4.67 3.61
C LYS A 27 -5.23 -5.32 2.26
N LEU A 28 -4.25 -5.26 1.37
CA LEU A 28 -4.39 -5.84 0.05
C LEU A 28 -5.10 -7.19 0.17
N GLY A 29 -4.47 -8.08 0.92
CA GLY A 29 -5.03 -9.42 1.12
C GLY A 29 -4.97 -10.23 -0.18
N GLU A 30 -6.14 -10.36 -0.79
CA GLU A 30 -6.24 -11.12 -2.03
C GLU A 30 -6.44 -10.17 -3.21
N GLN A 31 -6.49 -8.88 -2.89
CA GLN A 31 -6.68 -7.86 -3.91
C GLN A 31 -5.36 -7.60 -4.64
N TRP A 32 -4.31 -8.26 -4.17
CA TRP A 32 -2.99 -8.11 -4.77
C TRP A 32 -3.09 -8.50 -6.24
N LYS A 33 -3.95 -9.48 -6.51
CA LYS A 33 -4.15 -9.95 -7.86
C LYS A 33 -4.92 -8.90 -8.66
N ILE A 34 -5.46 -7.94 -7.94
CA ILE A 34 -6.22 -6.86 -8.56
C ILE A 34 -5.29 -5.67 -8.82
N LEU A 35 -4.22 -5.61 -8.03
CA LEU A 35 -3.26 -4.53 -8.16
C LEU A 35 -2.10 -5.00 -9.04
N ALA A 36 -2.03 -6.30 -9.23
CA ALA A 36 -0.98 -6.89 -10.04
C ALA A 36 -1.08 -6.34 -11.47
N PRO A 37 -2.32 -6.40 -12.02
CA PRO A 37 -2.57 -5.92 -13.36
C PRO A 37 -2.59 -4.40 -13.41
N TYR A 38 -2.38 -3.80 -12.24
CA TYR A 38 -2.37 -2.36 -12.13
C TYR A 38 -1.03 -1.85 -11.60
N LEU A 39 -0.17 -2.80 -11.25
CA LEU A 39 1.14 -2.46 -10.74
C LEU A 39 2.20 -2.71 -11.81
N GLU A 40 1.72 -3.17 -12.97
CA GLU A 40 2.60 -3.44 -14.09
C GLU A 40 3.49 -4.65 -13.78
N MET A 41 2.86 -5.68 -13.22
CA MET A 41 3.57 -6.89 -12.87
C MET A 41 3.75 -7.80 -14.09
N LYS A 42 4.33 -8.96 -13.86
CA LYS A 42 4.56 -9.92 -14.92
C LYS A 42 3.73 -11.18 -14.66
N ASP A 43 3.03 -11.60 -15.70
CA ASP A 43 2.19 -12.79 -15.60
C ASP A 43 2.92 -13.85 -14.76
N SER A 44 4.12 -14.18 -15.20
CA SER A 44 4.92 -15.17 -14.51
C SER A 44 5.02 -14.82 -13.02
N GLU A 45 5.42 -13.58 -12.77
CA GLU A 45 5.55 -13.12 -11.40
C GLU A 45 4.28 -13.40 -10.60
N ILE A 46 3.17 -12.91 -11.13
CA ILE A 46 1.89 -13.10 -10.48
C ILE A 46 1.77 -14.55 -10.00
N ARG A 47 2.06 -15.48 -10.91
CA ARG A 47 2.00 -16.89 -10.59
C ARG A 47 3.04 -17.24 -9.52
N GLN A 48 4.27 -16.82 -9.78
CA GLN A 48 5.36 -17.08 -8.85
C GLN A 48 4.89 -16.84 -7.42
N ILE A 49 4.52 -15.60 -7.14
CA ILE A 49 4.07 -15.23 -5.82
C ILE A 49 3.17 -16.35 -5.27
N GLU A 50 1.96 -16.41 -5.81
CA GLU A 50 0.99 -17.41 -5.39
C GLU A 50 1.70 -18.74 -5.10
N CYS A 51 2.42 -19.22 -6.11
CA CYS A 51 3.15 -20.46 -5.98
C CYS A 51 4.01 -20.39 -4.72
N ASP A 52 4.81 -19.34 -4.66
CA ASP A 52 5.70 -19.14 -3.52
C ASP A 52 4.92 -19.41 -2.22
N SER A 53 3.90 -18.60 -2.00
CA SER A 53 3.08 -18.74 -0.81
C SER A 53 1.60 -18.71 -1.20
N GLU A 54 0.84 -19.58 -0.55
CA GLU A 54 -0.59 -19.67 -0.80
C GLU A 54 -1.37 -18.82 0.20
N ASP A 55 -0.62 -18.07 1.00
CA ASP A 55 -1.23 -17.21 2.00
C ASP A 55 -1.33 -15.79 1.45
N MET A 56 -2.56 -15.31 1.40
CA MET A 56 -2.83 -13.97 0.89
C MET A 56 -1.78 -12.98 1.41
N LYS A 57 -1.64 -12.95 2.73
CA LYS A 57 -0.69 -12.06 3.36
C LYS A 57 0.65 -12.14 2.62
N MET A 58 1.22 -13.33 2.61
CA MET A 58 2.49 -13.55 1.95
C MET A 58 2.46 -13.02 0.51
N ARG A 59 1.51 -13.53 -0.25
CA ARG A 59 1.36 -13.11 -1.64
C ARG A 59 1.28 -11.58 -1.73
N ALA A 60 0.18 -11.05 -1.21
CA ALA A 60 -0.02 -9.61 -1.22
C ALA A 60 1.29 -8.91 -0.85
N LYS A 61 1.87 -9.35 0.25
CA LYS A 61 3.12 -8.78 0.72
C LYS A 61 4.18 -8.91 -0.38
N GLN A 62 4.38 -10.15 -0.82
CA GLN A 62 5.36 -10.43 -1.86
C GLN A 62 5.26 -9.39 -2.97
N LEU A 63 4.01 -9.15 -3.40
CA LEU A 63 3.77 -8.19 -4.46
C LEU A 63 4.35 -6.83 -4.06
N LEU A 64 3.78 -6.26 -3.02
CA LEU A 64 4.22 -4.97 -2.53
C LEU A 64 5.76 -4.93 -2.54
N VAL A 65 6.35 -6.05 -2.15
CA VAL A 65 7.80 -6.16 -2.11
C VAL A 65 8.35 -6.00 -3.53
N ALA A 66 7.94 -6.90 -4.40
CA ALA A 66 8.38 -6.87 -5.78
C ALA A 66 8.06 -5.51 -6.39
N TRP A 67 6.84 -5.07 -6.15
CA TRP A 67 6.38 -3.78 -6.67
C TRP A 67 7.29 -2.70 -6.08
N GLN A 68 7.81 -2.98 -4.89
CA GLN A 68 8.68 -2.03 -4.22
C GLN A 68 10.11 -2.16 -4.76
N ASP A 69 10.48 -3.40 -5.08
CA ASP A 69 11.81 -3.67 -5.59
C ASP A 69 11.91 -3.15 -7.03
N GLN A 70 10.78 -3.23 -7.74
CA GLN A 70 10.73 -2.76 -9.11
C GLN A 70 10.83 -1.24 -9.17
N GLU A 71 9.83 -0.60 -8.57
CA GLU A 71 9.80 0.86 -8.55
C GLU A 71 11.06 1.41 -7.89
N GLY A 72 11.52 0.69 -6.87
CA GLY A 72 12.71 1.10 -6.15
C GLY A 72 12.36 2.12 -5.06
N VAL A 73 12.98 3.29 -5.19
CA VAL A 73 12.75 4.35 -4.23
C VAL A 73 11.60 5.23 -4.71
N HIS A 74 10.80 4.67 -5.62
CA HIS A 74 9.66 5.38 -6.17
C HIS A 74 8.37 4.81 -5.58
N ALA A 75 8.43 3.53 -5.24
CA ALA A 75 7.27 2.85 -4.67
C ALA A 75 6.69 3.71 -3.55
N THR A 76 5.69 4.50 -3.91
CA THR A 76 5.04 5.38 -2.94
C THR A 76 3.59 4.94 -2.71
N PRO A 77 3.02 5.42 -1.58
CA PRO A 77 1.66 5.08 -1.22
C PRO A 77 0.66 5.85 -2.10
N GLU A 78 1.11 7.00 -2.59
CA GLU A 78 0.27 7.83 -3.43
C GLU A 78 0.13 7.21 -4.82
N ASN A 79 1.24 6.67 -5.31
CA ASN A 79 1.25 6.04 -6.62
C ASN A 79 0.48 4.72 -6.56
N LEU A 80 0.56 4.08 -5.39
CA LEU A 80 -0.13 2.82 -5.19
C LEU A 80 -1.62 3.08 -4.99
N ILE A 81 -1.91 4.09 -4.18
CA ILE A 81 -3.29 4.45 -3.89
C ILE A 81 -4.01 4.78 -5.20
N ASN A 82 -3.34 5.58 -6.02
CA ASN A 82 -3.90 5.98 -7.30
C ASN A 82 -4.38 4.74 -8.05
N ALA A 83 -3.51 3.74 -8.09
CA ALA A 83 -3.85 2.50 -8.77
C ALA A 83 -5.07 1.86 -8.10
N LEU A 84 -4.98 1.73 -6.78
CA LEU A 84 -6.06 1.15 -6.02
C LEU A 84 -7.39 1.72 -6.49
N ASN A 85 -7.38 3.03 -6.71
CA ASN A 85 -8.58 3.72 -7.17
C ASN A 85 -9.08 3.07 -8.46
N LYS A 86 -8.32 3.28 -9.52
CA LYS A 86 -8.67 2.73 -10.82
C LYS A 86 -8.90 1.22 -10.67
N SER A 87 -8.10 0.62 -9.81
CA SER A 87 -8.19 -0.81 -9.56
C SER A 87 -9.53 -1.14 -8.89
N GLY A 88 -10.23 -0.09 -8.49
CA GLY A 88 -11.52 -0.25 -7.84
C GLY A 88 -11.35 -0.78 -6.42
N LEU A 89 -10.23 -0.43 -5.81
CA LEU A 89 -9.94 -0.87 -4.46
C LEU A 89 -10.04 0.33 -3.51
N SER A 90 -11.03 1.17 -3.79
CA SER A 90 -11.24 2.35 -2.97
C SER A 90 -10.99 2.03 -1.49
N ASP A 91 -11.30 0.78 -1.14
CA ASP A 91 -11.11 0.33 0.23
C ASP A 91 -9.68 0.65 0.68
N LEU A 92 -8.73 0.05 -0.04
CA LEU A 92 -7.32 0.26 0.27
C LEU A 92 -7.01 1.75 0.22
N ALA A 93 -7.21 2.34 -0.96
CA ALA A 93 -6.96 3.75 -1.14
C ALA A 93 -7.40 4.52 0.10
N GLU A 94 -8.50 4.07 0.68
CA GLU A 94 -9.03 4.71 1.87
C GLU A 94 -8.26 4.23 3.11
N SER A 95 -8.12 2.93 3.22
CA SER A 95 -7.40 2.34 4.33
C SER A 95 -6.03 2.99 4.48
N LEU A 96 -5.35 3.13 3.36
CA LEU A 96 -4.03 3.72 3.34
C LEU A 96 -4.12 5.17 3.84
N THR A 97 -5.01 5.93 3.21
CA THR A 97 -5.22 7.32 3.57
C THR A 97 -6.23 7.43 4.71
N ASN A 98 -6.36 6.33 5.45
CA ASN A 98 -7.29 6.29 6.57
C ASN A 98 -7.30 7.65 7.27
N ASP A 99 -8.44 7.98 7.85
CA ASP A 99 -8.59 9.24 8.55
C ASP A 99 -8.74 8.97 10.05
N ASN A 100 -7.61 8.94 10.73
CA ASN A 100 -7.60 8.69 12.16
C ASN A 100 -6.17 8.39 12.62
N GLU A 101 -5.98 8.43 13.93
CA GLU A 101 -4.67 8.16 14.50
C GLU A 101 -4.02 6.98 13.79
N THR A 102 -4.82 5.96 13.53
CA THR A 102 -4.34 4.77 12.87
C THR A 102 -3.25 4.09 13.71
N ASN A 103 -2.04 4.59 13.58
CA ASN A 103 -0.92 4.05 14.32
C ASN A 103 -0.03 5.19 14.81
N SER A 104 0.60 4.96 15.96
CA SER A 104 1.48 5.96 16.55
C SER A 104 2.94 5.54 16.38
N SER A 105 3.53 5.98 15.28
CA SER A 105 4.92 5.65 15.00
C SER A 105 5.63 6.88 14.40
N GLY A 106 6.95 6.76 14.30
CA GLY A 106 7.75 7.84 13.75
C GLY A 106 8.98 7.29 13.03
N PRO A 107 10.12 8.01 13.21
CA PRO A 107 11.36 7.60 12.58
C PRO A 107 11.97 6.39 13.30
N SER A 108 12.20 5.34 12.52
CA SER A 108 12.76 4.12 13.06
C SER A 108 13.26 3.23 11.92
N SER A 109 14.39 2.58 12.16
CA SER A 109 14.98 1.70 11.16
C SER A 109 15.33 2.49 9.90
N GLY A 110 16.28 1.95 9.16
CA GLY A 110 16.72 2.59 7.92
C GLY A 110 18.24 2.67 7.85
N GLY A 1 -24.82 8.25 15.43
CA GLY A 1 -25.12 8.43 14.02
C GLY A 1 -24.42 9.67 13.47
N SER A 2 -25.20 10.51 12.81
CA SER A 2 -24.66 11.73 12.24
C SER A 2 -23.50 11.41 11.30
N SER A 3 -23.11 12.41 10.51
CA SER A 3 -22.02 12.23 9.56
C SER A 3 -20.69 12.39 10.28
N GLY A 4 -19.87 11.35 10.19
CA GLY A 4 -18.55 11.37 10.82
C GLY A 4 -17.58 12.23 10.03
N SER A 5 -16.39 11.66 9.81
CA SER A 5 -15.36 12.37 9.07
C SER A 5 -14.87 13.58 9.87
N SER A 6 -13.55 13.74 9.90
CA SER A 6 -12.95 14.84 10.62
C SER A 6 -11.51 15.06 10.13
N GLY A 7 -11.27 16.26 9.62
CA GLY A 7 -9.94 16.61 9.13
C GLY A 7 -9.59 15.77 7.89
N PRO A 8 -8.67 16.34 7.07
CA PRO A 8 -8.23 15.66 5.86
C PRO A 8 -7.29 14.50 6.18
N ASP A 9 -7.02 13.70 5.16
CA ASP A 9 -6.14 12.56 5.33
C ASP A 9 -6.03 11.81 4.00
N VAL A 10 -5.16 12.32 3.14
CA VAL A 10 -4.95 11.71 1.84
C VAL A 10 -3.76 12.38 1.15
N ARG A 11 -2.61 12.28 1.81
CA ARG A 11 -1.39 12.86 1.28
C ARG A 11 -0.21 11.91 1.50
N ARG A 12 0.61 11.80 0.47
CA ARG A 12 1.78 10.94 0.53
C ARG A 12 2.84 11.54 1.46
N ASP A 13 4.05 11.02 1.33
CA ASP A 13 5.16 11.50 2.14
C ASP A 13 6.46 10.89 1.63
N LYS A 14 6.46 9.57 1.51
CA LYS A 14 7.64 8.86 1.04
C LYS A 14 7.21 7.49 0.51
N PRO A 15 8.21 6.75 -0.06
CA PRO A 15 7.95 5.43 -0.61
C PRO A 15 7.76 4.40 0.50
N VAL A 16 6.65 3.68 0.43
CA VAL A 16 6.35 2.66 1.41
C VAL A 16 7.63 1.91 1.78
N THR A 17 7.57 1.25 2.92
CA THR A 17 8.72 0.49 3.40
C THR A 17 8.26 -0.81 4.08
N GLY A 18 9.22 -1.67 4.36
CA GLY A 18 8.93 -2.93 5.00
C GLY A 18 7.90 -2.75 6.12
N GLU A 19 7.96 -1.59 6.76
CA GLU A 19 7.03 -1.29 7.83
C GLU A 19 5.60 -1.20 7.30
N GLN A 20 5.45 -0.44 6.23
CA GLN A 20 4.15 -0.27 5.62
C GLN A 20 3.79 -1.49 4.77
N ILE A 21 4.75 -1.93 3.99
CA ILE A 21 4.56 -3.10 3.13
C ILE A 21 3.79 -4.16 3.90
N GLU A 22 4.46 -4.76 4.86
CA GLU A 22 3.85 -5.80 5.67
C GLU A 22 2.42 -5.42 6.04
N VAL A 23 2.25 -4.16 6.44
CA VAL A 23 0.95 -3.66 6.81
C VAL A 23 0.01 -3.73 5.60
N PHE A 24 0.46 -3.09 4.53
CA PHE A 24 -0.33 -3.07 3.30
C PHE A 24 -0.88 -4.46 2.97
N ALA A 25 0.04 -5.42 2.92
CA ALA A 25 -0.34 -6.79 2.62
C ALA A 25 -1.66 -7.11 3.32
N ASN A 26 -1.62 -7.10 4.65
CA ASN A 26 -2.81 -7.39 5.43
C ASN A 26 -4.01 -6.68 4.81
N LYS A 27 -3.80 -5.42 4.48
CA LYS A 27 -4.86 -4.61 3.89
C LYS A 27 -5.20 -5.16 2.51
N LEU A 28 -4.20 -5.14 1.62
CA LEU A 28 -4.38 -5.64 0.28
C LEU A 28 -5.23 -6.91 0.31
N GLY A 29 -4.63 -7.96 0.86
CA GLY A 29 -5.32 -9.23 0.96
C GLY A 29 -5.29 -9.98 -0.37
N GLU A 30 -6.47 -10.43 -0.80
CA GLU A 30 -6.59 -11.15 -2.04
C GLU A 30 -6.69 -10.17 -3.21
N GLN A 31 -6.56 -8.90 -2.89
CA GLN A 31 -6.63 -7.86 -3.91
C GLN A 31 -5.28 -7.70 -4.60
N TRP A 32 -4.32 -8.49 -4.14
CA TRP A 32 -2.99 -8.45 -4.71
C TRP A 32 -3.07 -8.84 -6.19
N LYS A 33 -4.10 -9.62 -6.49
CA LYS A 33 -4.31 -10.07 -7.86
C LYS A 33 -5.07 -8.99 -8.63
N ILE A 34 -5.57 -8.02 -7.89
CA ILE A 34 -6.32 -6.93 -8.49
C ILE A 34 -5.37 -5.74 -8.73
N LEU A 35 -4.30 -5.71 -7.95
CA LEU A 35 -3.32 -4.65 -8.07
C LEU A 35 -2.17 -5.12 -8.97
N ALA A 36 -2.15 -6.43 -9.20
CA ALA A 36 -1.10 -7.01 -10.03
C ALA A 36 -1.26 -6.51 -11.47
N PRO A 37 -2.51 -6.63 -11.99
CA PRO A 37 -2.80 -6.20 -13.34
C PRO A 37 -2.87 -4.67 -13.42
N TYR A 38 -2.67 -4.04 -12.28
CA TYR A 38 -2.71 -2.59 -12.21
C TYR A 38 -1.35 -2.02 -11.80
N LEU A 39 -0.43 -2.93 -11.50
CA LEU A 39 0.91 -2.54 -11.09
C LEU A 39 1.86 -2.69 -12.28
N GLU A 40 1.33 -3.25 -13.35
CA GLU A 40 2.13 -3.46 -14.56
C GLU A 40 3.14 -4.57 -14.32
N MET A 41 2.67 -5.66 -13.71
CA MET A 41 3.53 -6.80 -13.44
C MET A 41 3.51 -7.79 -14.60
N LYS A 42 4.17 -8.91 -14.38
CA LYS A 42 4.23 -9.96 -15.39
C LYS A 42 3.47 -11.20 -14.90
N ASP A 43 2.67 -11.74 -15.80
CA ASP A 43 1.88 -12.92 -15.48
C ASP A 43 2.74 -13.90 -14.67
N SER A 44 3.89 -14.22 -15.24
CA SER A 44 4.80 -15.14 -14.57
C SER A 44 4.96 -14.77 -13.11
N GLU A 45 5.14 -13.48 -12.86
CA GLU A 45 5.31 -12.97 -11.52
C GLU A 45 4.09 -13.34 -10.66
N ILE A 46 2.92 -12.98 -11.18
CA ILE A 46 1.67 -13.26 -10.48
C ILE A 46 1.63 -14.74 -10.11
N ARG A 47 2.12 -15.56 -11.02
CA ARG A 47 2.14 -17.00 -10.80
C ARG A 47 3.18 -17.36 -9.74
N GLN A 48 4.40 -16.87 -9.95
CA GLN A 48 5.49 -17.13 -9.03
C GLN A 48 5.02 -16.92 -7.59
N ILE A 49 4.66 -15.68 -7.30
CA ILE A 49 4.19 -15.32 -5.96
C ILE A 49 3.23 -16.40 -5.47
N GLU A 50 2.11 -16.50 -6.17
CA GLU A 50 1.10 -17.48 -5.81
C GLU A 50 1.75 -18.79 -5.34
N CYS A 51 2.80 -19.17 -6.04
CA CYS A 51 3.53 -20.39 -5.72
C CYS A 51 4.41 -20.09 -4.50
N ASP A 52 5.22 -19.05 -4.63
CA ASP A 52 6.12 -18.67 -3.56
C ASP A 52 5.38 -18.77 -2.22
N SER A 53 4.35 -17.97 -2.08
CA SER A 53 3.55 -17.96 -0.86
C SER A 53 2.26 -18.75 -1.08
N GLU A 54 1.30 -18.50 -0.20
CA GLU A 54 0.01 -19.17 -0.28
C GLU A 54 -1.10 -18.22 0.16
N ASP A 55 -0.99 -17.76 1.41
CA ASP A 55 -1.99 -16.86 1.96
C ASP A 55 -1.95 -15.54 1.19
N MET A 56 -3.13 -14.93 1.07
CA MET A 56 -3.25 -13.67 0.35
C MET A 56 -2.43 -12.57 1.05
N LYS A 57 -2.26 -12.75 2.36
CA LYS A 57 -1.52 -11.78 3.14
C LYS A 57 -0.07 -11.74 2.65
N MET A 58 0.47 -12.92 2.38
CA MET A 58 1.84 -13.03 1.90
C MET A 58 1.94 -12.62 0.43
N ARG A 59 1.12 -13.27 -0.39
CA ARG A 59 1.10 -12.98 -1.81
C ARG A 59 1.13 -11.47 -2.06
N ALA A 60 0.30 -10.77 -1.29
CA ALA A 60 0.23 -9.32 -1.41
C ALA A 60 1.59 -8.71 -1.06
N LYS A 61 2.11 -9.14 0.09
CA LYS A 61 3.39 -8.64 0.55
C LYS A 61 4.44 -8.87 -0.54
N GLN A 62 4.56 -10.11 -0.96
CA GLN A 62 5.52 -10.47 -1.99
C GLN A 62 5.35 -9.55 -3.20
N LEU A 63 4.10 -9.23 -3.51
CA LEU A 63 3.81 -8.36 -4.64
C LEU A 63 4.28 -6.94 -4.32
N LEU A 64 4.03 -6.53 -3.09
CA LEU A 64 4.44 -5.20 -2.65
C LEU A 64 5.97 -5.10 -2.64
N VAL A 65 6.58 -6.16 -2.15
CA VAL A 65 8.03 -6.22 -2.08
C VAL A 65 8.61 -5.98 -3.47
N ALA A 66 8.22 -6.85 -4.40
CA ALA A 66 8.68 -6.75 -5.77
C ALA A 66 8.34 -5.36 -6.33
N TRP A 67 7.09 -4.97 -6.13
CA TRP A 67 6.63 -3.68 -6.60
C TRP A 67 7.42 -2.59 -5.86
N GLN A 68 8.01 -3.00 -4.75
CA GLN A 68 8.80 -2.07 -3.95
C GLN A 68 10.27 -2.13 -4.37
N ASP A 69 10.65 -3.29 -4.90
CA ASP A 69 12.03 -3.49 -5.33
C ASP A 69 12.17 -3.01 -6.78
N GLN A 70 11.11 -3.22 -7.54
CA GLN A 70 11.11 -2.82 -8.94
C GLN A 70 11.03 -1.29 -9.06
N GLU A 71 10.11 -0.73 -8.30
CA GLU A 71 9.93 0.72 -8.30
C GLU A 71 11.01 1.40 -7.46
N GLY A 72 11.91 0.58 -6.93
CA GLY A 72 12.99 1.09 -6.11
C GLY A 72 12.46 2.00 -5.01
N VAL A 73 12.99 3.22 -4.98
CA VAL A 73 12.59 4.19 -3.98
C VAL A 73 11.52 5.10 -4.58
N HIS A 74 10.70 4.52 -5.45
CA HIS A 74 9.65 5.27 -6.10
C HIS A 74 8.28 4.70 -5.67
N ALA A 75 8.33 3.52 -5.10
CA ALA A 75 7.12 2.87 -4.63
C ALA A 75 6.48 3.70 -3.52
N THR A 76 5.52 4.52 -3.93
CA THR A 76 4.82 5.37 -2.97
C THR A 76 3.37 4.92 -2.81
N PRO A 77 2.73 5.43 -1.73
CA PRO A 77 1.34 5.09 -1.46
C PRO A 77 0.38 5.81 -2.42
N GLU A 78 0.87 6.94 -2.93
CA GLU A 78 0.08 7.73 -3.85
C GLU A 78 0.02 7.05 -5.22
N ASN A 79 1.17 6.58 -5.66
CA ASN A 79 1.26 5.91 -6.96
C ASN A 79 0.55 4.56 -6.86
N LEU A 80 0.46 4.05 -5.65
CA LEU A 80 -0.18 2.77 -5.41
C LEU A 80 -1.68 2.99 -5.18
N ILE A 81 -1.97 3.96 -4.33
CA ILE A 81 -3.35 4.28 -4.00
C ILE A 81 -4.11 4.62 -5.29
N ASN A 82 -3.45 5.41 -6.14
CA ASN A 82 -4.05 5.81 -7.39
C ASN A 82 -4.56 4.57 -8.13
N ALA A 83 -3.70 3.56 -8.18
CA ALA A 83 -4.05 2.31 -8.85
C ALA A 83 -5.27 1.69 -8.15
N LEU A 84 -5.14 1.56 -6.84
CA LEU A 84 -6.21 0.98 -6.05
C LEU A 84 -7.55 1.60 -6.47
N ASN A 85 -7.54 2.90 -6.64
CA ASN A 85 -8.74 3.62 -7.05
C ASN A 85 -9.31 2.95 -8.31
N LYS A 86 -8.58 3.10 -9.40
CA LYS A 86 -9.01 2.52 -10.67
C LYS A 86 -9.23 1.02 -10.49
N SER A 87 -8.40 0.42 -9.64
CA SER A 87 -8.50 -1.00 -9.38
C SER A 87 -9.81 -1.30 -8.64
N GLY A 88 -10.48 -0.23 -8.23
CA GLY A 88 -11.74 -0.37 -7.51
C GLY A 88 -11.50 -0.84 -6.08
N LEU A 89 -10.34 -0.48 -5.56
CA LEU A 89 -9.98 -0.86 -4.19
C LEU A 89 -10.05 0.38 -3.30
N SER A 90 -11.05 1.22 -3.57
CA SER A 90 -11.23 2.44 -2.79
C SER A 90 -10.93 2.17 -1.32
N ASP A 91 -11.31 0.98 -0.87
CA ASP A 91 -11.08 0.59 0.50
C ASP A 91 -9.61 0.80 0.85
N LEU A 92 -8.76 0.01 0.21
CA LEU A 92 -7.33 0.09 0.44
C LEU A 92 -6.90 1.56 0.35
N ALA A 93 -7.13 2.14 -0.81
CA ALA A 93 -6.76 3.52 -1.05
C ALA A 93 -7.05 4.34 0.21
N GLU A 94 -8.30 4.27 0.65
CA GLU A 94 -8.74 5.00 1.83
C GLU A 94 -7.99 4.47 3.07
N SER A 95 -7.83 3.15 3.10
CA SER A 95 -7.14 2.52 4.22
C SER A 95 -5.76 3.16 4.42
N LEU A 96 -4.99 3.19 3.34
CA LEU A 96 -3.67 3.78 3.39
C LEU A 96 -3.76 5.25 3.81
N THR A 97 -4.82 5.89 3.33
CA THR A 97 -5.05 7.29 3.65
C THR A 97 -5.98 7.42 4.85
N ASN A 98 -5.54 6.84 5.96
CA ASN A 98 -6.32 6.89 7.18
C ASN A 98 -5.38 6.80 8.39
N ASP A 99 -5.62 7.69 9.34
CA ASP A 99 -4.81 7.74 10.55
C ASP A 99 -3.45 8.38 10.22
N ASN A 100 -2.82 8.89 11.27
CA ASN A 100 -1.52 9.53 11.10
C ASN A 100 -1.65 10.71 10.13
N GLU A 101 -1.69 11.90 10.71
CA GLU A 101 -1.82 13.11 9.91
C GLU A 101 -0.50 13.89 9.90
N THR A 102 -0.17 14.43 8.74
CA THR A 102 1.05 15.19 8.58
C THR A 102 1.24 16.14 9.77
N ASN A 103 2.37 15.99 10.44
CA ASN A 103 2.68 16.84 11.58
C ASN A 103 4.18 17.12 11.61
N SER A 104 4.52 18.36 11.28
CA SER A 104 5.90 18.79 11.25
C SER A 104 6.09 20.02 12.14
N SER A 105 6.88 19.84 13.18
CA SER A 105 7.15 20.93 14.11
C SER A 105 8.35 20.58 14.99
N GLY A 106 9.40 21.38 14.83
CA GLY A 106 10.62 21.17 15.60
C GLY A 106 11.72 22.14 15.16
N PRO A 107 12.76 22.26 16.04
CA PRO A 107 13.87 23.16 15.74
C PRO A 107 14.80 22.55 14.68
N SER A 108 15.79 23.33 14.30
CA SER A 108 16.75 22.88 13.30
C SER A 108 18.01 22.36 13.97
N SER A 109 18.63 23.24 14.75
CA SER A 109 19.85 22.89 15.45
C SER A 109 19.53 22.58 16.93
N GLY A 110 19.88 21.36 17.33
CA GLY A 110 19.65 20.94 18.69
C GLY A 110 20.37 19.62 18.99
N GLY A 1 -12.09 20.69 5.86
CA GLY A 1 -11.11 21.67 5.44
C GLY A 1 -11.73 22.68 4.46
N SER A 2 -11.38 22.50 3.19
CA SER A 2 -11.89 23.37 2.15
C SER A 2 -11.42 24.81 2.39
N SER A 3 -10.57 25.28 1.49
CA SER A 3 -10.05 26.62 1.59
C SER A 3 -9.32 26.81 2.93
N GLY A 4 -8.56 27.88 3.02
CA GLY A 4 -7.81 28.18 4.23
C GLY A 4 -6.50 27.38 4.28
N SER A 5 -6.04 27.13 5.50
CA SER A 5 -4.82 26.39 5.70
C SER A 5 -5.10 25.14 6.54
N SER A 6 -5.10 24.00 5.84
CA SER A 6 -5.34 22.73 6.51
C SER A 6 -5.22 21.59 5.50
N GLY A 7 -4.42 20.60 5.86
CA GLY A 7 -4.20 19.45 5.01
C GLY A 7 -3.61 18.28 5.80
N PRO A 8 -3.43 17.14 5.08
CA PRO A 8 -2.87 15.95 5.70
C PRO A 8 -1.37 16.09 5.93
N ASP A 9 -0.91 15.57 7.06
CA ASP A 9 0.50 15.64 7.39
C ASP A 9 1.31 14.91 6.32
N VAL A 10 2.63 14.95 6.50
CA VAL A 10 3.52 14.30 5.55
C VAL A 10 3.48 12.79 5.78
N ARG A 11 2.78 12.11 4.88
CA ARG A 11 2.65 10.67 4.96
C ARG A 11 3.03 10.03 3.63
N ARG A 12 2.26 10.37 2.60
CA ARG A 12 2.51 9.83 1.27
C ARG A 12 3.42 10.77 0.48
N ASP A 13 4.71 10.65 0.75
CA ASP A 13 5.69 11.48 0.07
C ASP A 13 6.86 10.60 -0.40
N LYS A 14 7.30 9.73 0.49
CA LYS A 14 8.40 8.83 0.18
C LYS A 14 7.84 7.45 -0.15
N PRO A 15 8.77 6.56 -0.60
CA PRO A 15 8.38 5.20 -0.95
C PRO A 15 8.11 4.36 0.30
N VAL A 16 7.10 3.51 0.20
CA VAL A 16 6.73 2.64 1.31
C VAL A 16 7.96 1.87 1.78
N THR A 17 7.89 1.42 3.02
CA THR A 17 8.99 0.66 3.60
C THR A 17 8.48 -0.66 4.17
N GLY A 18 9.42 -1.57 4.42
CA GLY A 18 9.08 -2.87 4.96
C GLY A 18 8.03 -2.75 6.07
N GLU A 19 8.07 -1.61 6.75
CA GLU A 19 7.13 -1.35 7.82
C GLU A 19 5.72 -1.14 7.27
N GLN A 20 5.65 -0.32 6.22
CA GLN A 20 4.38 -0.04 5.59
C GLN A 20 3.91 -1.24 4.76
N ILE A 21 4.84 -1.82 4.04
CA ILE A 21 4.54 -2.97 3.21
C ILE A 21 3.71 -3.97 4.01
N GLU A 22 4.36 -4.59 4.98
CA GLU A 22 3.70 -5.57 5.83
C GLU A 22 2.26 -5.12 6.13
N VAL A 23 2.13 -3.86 6.48
CA VAL A 23 0.82 -3.30 6.80
C VAL A 23 -0.07 -3.37 5.54
N PHE A 24 0.45 -2.80 4.46
CA PHE A 24 -0.28 -2.79 3.21
C PHE A 24 -0.81 -4.18 2.87
N ALA A 25 0.09 -5.15 2.91
CA ALA A 25 -0.26 -6.53 2.61
C ALA A 25 -1.60 -6.85 3.26
N ASN A 26 -1.59 -6.85 4.58
CA ASN A 26 -2.79 -7.15 5.35
C ASN A 26 -4.00 -6.46 4.69
N LYS A 27 -3.82 -5.18 4.40
CA LYS A 27 -4.87 -4.41 3.78
C LYS A 27 -5.22 -5.03 2.42
N LEU A 28 -4.21 -5.15 1.58
CA LEU A 28 -4.40 -5.74 0.26
C LEU A 28 -5.20 -7.03 0.39
N GLY A 29 -4.59 -8.01 1.05
CA GLY A 29 -5.24 -9.29 1.25
C GLY A 29 -5.20 -10.13 -0.03
N GLU A 30 -6.35 -10.24 -0.67
CA GLU A 30 -6.45 -11.01 -1.90
C GLU A 30 -6.53 -10.07 -3.10
N GLN A 31 -6.53 -8.78 -2.81
CA GLN A 31 -6.60 -7.77 -3.86
C GLN A 31 -5.23 -7.59 -4.51
N TRP A 32 -4.28 -8.38 -4.04
CA TRP A 32 -2.92 -8.31 -4.56
C TRP A 32 -2.96 -8.73 -6.04
N LYS A 33 -3.94 -9.57 -6.35
CA LYS A 33 -4.10 -10.04 -7.71
C LYS A 33 -4.90 -9.01 -8.52
N ILE A 34 -5.45 -8.05 -7.81
CA ILE A 34 -6.22 -7.00 -8.44
C ILE A 34 -5.31 -5.81 -8.76
N LEU A 35 -4.22 -5.72 -8.00
CA LEU A 35 -3.26 -4.65 -8.20
C LEU A 35 -2.12 -5.15 -9.08
N ALA A 36 -2.05 -6.46 -9.23
CA ALA A 36 -1.02 -7.07 -10.04
C ALA A 36 -1.14 -6.57 -11.48
N PRO A 37 -2.39 -6.62 -12.01
CA PRO A 37 -2.65 -6.17 -13.37
C PRO A 37 -2.64 -4.64 -13.45
N TYR A 38 -2.49 -4.02 -12.29
CA TYR A 38 -2.47 -2.57 -12.22
C TYR A 38 -1.09 -2.07 -11.75
N LEU A 39 -0.24 -3.03 -11.39
CA LEU A 39 1.10 -2.69 -10.93
C LEU A 39 2.10 -3.02 -12.03
N GLU A 40 1.59 -3.17 -13.23
CA GLU A 40 2.42 -3.48 -14.38
C GLU A 40 3.42 -4.59 -14.03
N MET A 41 2.88 -5.69 -13.52
CA MET A 41 3.70 -6.82 -13.14
C MET A 41 3.87 -7.80 -14.30
N LYS A 42 4.52 -8.91 -14.01
CA LYS A 42 4.75 -9.93 -15.02
C LYS A 42 3.74 -11.07 -14.84
N ASP A 43 3.16 -11.48 -15.96
CA ASP A 43 2.18 -12.56 -15.93
C ASP A 43 2.79 -13.79 -15.27
N SER A 44 4.11 -13.80 -15.22
CA SER A 44 4.83 -14.91 -14.61
C SER A 44 5.06 -14.64 -13.12
N GLU A 45 5.29 -13.36 -12.82
CA GLU A 45 5.52 -12.96 -11.44
C GLU A 45 4.25 -13.12 -10.61
N ILE A 46 3.13 -12.81 -11.24
CA ILE A 46 1.84 -12.91 -10.59
C ILE A 46 1.62 -14.37 -10.14
N ARG A 47 1.84 -15.27 -11.07
CA ARG A 47 1.67 -16.69 -10.79
C ARG A 47 2.75 -17.18 -9.82
N GLN A 48 3.93 -16.60 -9.97
CA GLN A 48 5.05 -16.95 -9.12
C GLN A 48 4.67 -16.80 -7.64
N ILE A 49 4.45 -15.55 -7.26
CA ILE A 49 4.08 -15.25 -5.88
C ILE A 49 3.09 -16.31 -5.39
N GLU A 50 2.03 -16.50 -6.16
CA GLU A 50 1.01 -17.46 -5.82
C GLU A 50 1.65 -18.80 -5.42
N CYS A 51 2.66 -19.19 -6.19
CA CYS A 51 3.36 -20.44 -5.92
C CYS A 51 4.29 -20.21 -4.73
N ASP A 52 5.05 -19.13 -4.80
CA ASP A 52 5.98 -18.80 -3.74
C ASP A 52 5.32 -19.08 -2.38
N SER A 53 4.20 -18.41 -2.17
CA SER A 53 3.46 -18.57 -0.92
C SER A 53 2.00 -18.90 -1.22
N GLU A 54 1.40 -19.64 -0.31
CA GLU A 54 0.00 -20.02 -0.45
C GLU A 54 -0.91 -19.00 0.21
N ASP A 55 -0.50 -18.55 1.39
CA ASP A 55 -1.26 -17.56 2.14
C ASP A 55 -1.44 -16.31 1.28
N MET A 56 -2.54 -15.60 1.54
CA MET A 56 -2.83 -14.39 0.80
C MET A 56 -1.95 -13.23 1.27
N LYS A 57 -1.97 -13.02 2.58
CA LYS A 57 -1.18 -11.95 3.18
C LYS A 57 0.23 -11.98 2.59
N MET A 58 0.77 -13.18 2.49
CA MET A 58 2.11 -13.35 1.96
C MET A 58 2.18 -12.90 0.50
N ARG A 59 1.27 -13.44 -0.30
CA ARG A 59 1.22 -13.09 -1.72
C ARG A 59 1.14 -11.58 -1.88
N ALA A 60 0.29 -10.97 -1.08
CA ALA A 60 0.10 -9.53 -1.13
C ALA A 60 1.42 -8.83 -0.76
N LYS A 61 2.07 -9.38 0.26
CA LYS A 61 3.33 -8.83 0.72
C LYS A 61 4.38 -8.95 -0.38
N GLN A 62 4.63 -10.20 -0.77
CA GLN A 62 5.60 -10.46 -1.82
C GLN A 62 5.43 -9.48 -2.97
N LEU A 63 4.18 -9.20 -3.29
CA LEU A 63 3.86 -8.28 -4.37
C LEU A 63 4.36 -6.87 -4.00
N LEU A 64 4.05 -6.48 -2.77
CA LEU A 64 4.47 -5.18 -2.29
C LEU A 64 6.00 -5.06 -2.40
N VAL A 65 6.67 -6.10 -1.93
CA VAL A 65 8.13 -6.12 -1.97
C VAL A 65 8.60 -5.92 -3.42
N ALA A 66 8.17 -6.85 -4.27
CA ALA A 66 8.55 -6.79 -5.68
C ALA A 66 8.14 -5.43 -6.25
N TRP A 67 6.91 -5.04 -5.95
CA TRP A 67 6.39 -3.78 -6.43
C TRP A 67 7.28 -2.66 -5.88
N GLN A 68 7.97 -2.99 -4.80
CA GLN A 68 8.85 -2.02 -4.16
C GLN A 68 10.28 -2.17 -4.70
N ASP A 69 10.58 -3.38 -5.14
CA ASP A 69 11.91 -3.68 -5.69
C ASP A 69 11.97 -3.20 -7.14
N GLN A 70 10.87 -3.42 -7.85
CA GLN A 70 10.79 -3.03 -9.25
C GLN A 70 10.79 -1.50 -9.37
N GLU A 71 9.97 -0.87 -8.54
CA GLU A 71 9.87 0.58 -8.53
C GLU A 71 11.07 1.20 -7.82
N GLY A 72 11.87 0.32 -7.23
CA GLY A 72 13.06 0.77 -6.51
C GLY A 72 12.68 1.67 -5.33
N VAL A 73 13.02 2.95 -5.47
CA VAL A 73 12.73 3.92 -4.44
C VAL A 73 11.64 4.88 -4.94
N HIS A 74 10.65 4.31 -5.61
CA HIS A 74 9.56 5.09 -6.15
C HIS A 74 8.23 4.44 -5.78
N ALA A 75 8.31 3.41 -4.96
CA ALA A 75 7.13 2.68 -4.53
C ALA A 75 6.47 3.44 -3.37
N THR A 76 5.75 4.49 -3.73
CA THR A 76 5.07 5.31 -2.75
C THR A 76 3.62 4.84 -2.59
N PRO A 77 3.00 5.27 -1.45
CA PRO A 77 1.62 4.90 -1.17
C PRO A 77 0.65 5.70 -2.03
N GLU A 78 1.02 6.95 -2.28
CA GLU A 78 0.18 7.83 -3.09
C GLU A 78 0.07 7.27 -4.52
N ASN A 79 1.17 6.70 -4.99
CA ASN A 79 1.20 6.13 -6.33
C ASN A 79 0.35 4.85 -6.35
N LEU A 80 0.51 4.06 -5.30
CA LEU A 80 -0.24 2.81 -5.19
C LEU A 80 -1.73 3.13 -5.05
N ILE A 81 -2.04 3.93 -4.06
CA ILE A 81 -3.42 4.32 -3.80
C ILE A 81 -4.09 4.71 -5.13
N ASN A 82 -3.31 5.34 -5.98
CA ASN A 82 -3.81 5.77 -7.27
C ASN A 82 -4.33 4.56 -8.04
N ALA A 83 -3.50 3.52 -8.08
CA ALA A 83 -3.87 2.30 -8.77
C ALA A 83 -5.09 1.67 -8.09
N LEU A 84 -5.01 1.57 -6.78
CA LEU A 84 -6.09 0.99 -6.00
C LEU A 84 -7.42 1.62 -6.45
N ASN A 85 -7.36 2.92 -6.71
CA ASN A 85 -8.55 3.64 -7.15
C ASN A 85 -9.08 3.02 -8.44
N LYS A 86 -8.31 3.19 -9.51
CA LYS A 86 -8.68 2.66 -10.80
C LYS A 86 -8.96 1.16 -10.66
N SER A 87 -8.17 0.52 -9.81
CA SER A 87 -8.32 -0.90 -9.58
C SER A 87 -9.68 -1.20 -8.93
N GLY A 88 -10.33 -0.12 -8.50
CA GLY A 88 -11.62 -0.24 -7.86
C GLY A 88 -11.49 -0.79 -6.43
N LEU A 89 -10.35 -0.48 -5.82
CA LEU A 89 -10.08 -0.92 -4.47
C LEU A 89 -10.17 0.27 -3.52
N SER A 90 -11.11 1.15 -3.81
CA SER A 90 -11.31 2.33 -2.99
C SER A 90 -11.12 2.00 -1.52
N ASP A 91 -11.44 0.75 -1.18
CA ASP A 91 -11.30 0.29 0.19
C ASP A 91 -9.85 0.52 0.65
N LEU A 92 -8.92 -0.11 -0.06
CA LEU A 92 -7.52 0.03 0.27
C LEU A 92 -7.13 1.51 0.26
N ALA A 93 -7.31 2.12 -0.90
CA ALA A 93 -6.98 3.53 -1.06
C ALA A 93 -7.42 4.29 0.20
N GLU A 94 -8.70 4.13 0.54
CA GLU A 94 -9.25 4.79 1.70
C GLU A 94 -8.53 4.34 2.97
N SER A 95 -8.26 3.04 3.03
CA SER A 95 -7.57 2.48 4.17
C SER A 95 -6.23 3.18 4.38
N LEU A 96 -5.38 3.11 3.37
CA LEU A 96 -4.08 3.73 3.42
C LEU A 96 -4.24 5.22 3.73
N THR A 97 -4.78 5.94 2.76
CA THR A 97 -5.00 7.37 2.92
C THR A 97 -5.58 7.67 4.29
N ASN A 98 -6.61 6.92 4.64
CA ASN A 98 -7.28 7.09 5.92
C ASN A 98 -7.48 8.58 6.19
N ASP A 99 -8.64 9.08 5.76
CA ASP A 99 -8.96 10.49 5.94
C ASP A 99 -8.77 10.86 7.41
N ASN A 100 -8.33 12.10 7.62
CA ASN A 100 -8.09 12.59 8.96
C ASN A 100 -9.34 12.34 9.81
N GLU A 101 -9.20 11.37 10.72
CA GLU A 101 -10.31 11.02 11.60
C GLU A 101 -9.78 10.45 12.91
N THR A 102 -9.11 11.31 13.67
CA THR A 102 -8.54 10.91 14.95
C THR A 102 -8.92 11.93 16.04
N ASN A 103 -9.07 11.42 17.25
CA ASN A 103 -9.43 12.26 18.38
C ASN A 103 -8.60 11.85 19.60
N SER A 104 -7.48 12.55 19.77
CA SER A 104 -6.60 12.27 20.89
C SER A 104 -5.39 13.21 20.86
N SER A 105 -5.59 14.39 21.43
CA SER A 105 -4.53 15.38 21.48
C SER A 105 -4.16 15.82 20.05
N GLY A 106 -4.00 17.12 19.89
CA GLY A 106 -3.65 17.67 18.59
C GLY A 106 -2.77 18.93 18.75
N PRO A 107 -1.47 18.69 19.04
CA PRO A 107 -0.53 19.78 19.21
C PRO A 107 -0.15 20.40 17.86
N SER A 108 0.47 21.56 17.93
CA SER A 108 0.89 22.27 16.73
C SER A 108 2.32 22.77 16.89
N SER A 109 2.52 23.59 17.93
CA SER A 109 3.83 24.14 18.20
C SER A 109 4.79 23.04 18.65
N GLY A 110 6.08 23.31 18.50
CA GLY A 110 7.09 22.34 18.89
C GLY A 110 7.91 22.87 20.08
#